data_2GAQ
#
_entry.id   2GAQ
#
_entity_poly.entity_id   1
_entity_poly.type   'polypeptide(L)'
_entity_poly.pdbx_seq_one_letter_code
;ELIRVAILWHEMWHEGLEEASRLYFGERNVKGMFEVLEPLHAMMERGPQTLKETSFNQAYGRDLMEAQEWCRKYMKSGNV
KDLTQAWDLYYHVFRRISKQ
;
_entity_poly.pdbx_strand_id   A
#
# COMPACT_ATOMS: atom_id res chain seq x y z
N GLU A 1 8.00 -10.33 -18.83
CA GLU A 1 6.70 -10.25 -18.13
C GLU A 1 6.07 -11.65 -17.94
N LEU A 2 5.23 -11.81 -16.91
CA LEU A 2 4.58 -13.10 -16.58
C LEU A 2 5.55 -14.29 -16.66
N ILE A 3 6.49 -14.27 -15.73
CA ILE A 3 7.54 -15.32 -15.72
C ILE A 3 6.97 -16.72 -15.43
N ARG A 4 5.91 -16.72 -14.61
CA ARG A 4 5.18 -17.91 -14.15
C ARG A 4 3.65 -17.66 -14.20
N VAL A 5 3.19 -16.81 -13.28
CA VAL A 5 1.77 -16.42 -13.11
C VAL A 5 1.55 -14.90 -13.24
N ALA A 6 2.64 -14.14 -13.43
CA ALA A 6 2.65 -12.66 -13.47
C ALA A 6 2.14 -12.07 -12.14
N ILE A 7 2.41 -12.82 -11.06
CA ILE A 7 2.00 -12.44 -9.70
C ILE A 7 2.61 -11.09 -9.32
N LEU A 8 3.80 -11.10 -8.73
CA LEU A 8 4.49 -9.89 -8.26
C LEU A 8 3.66 -9.08 -7.25
N TRP A 9 4.36 -8.44 -6.33
CA TRP A 9 3.70 -7.56 -5.35
C TRP A 9 3.26 -6.21 -5.94
N HIS A 10 4.16 -5.55 -6.66
CA HIS A 10 3.87 -4.34 -7.46
C HIS A 10 2.52 -4.43 -8.20
N GLU A 11 2.25 -5.61 -8.75
CA GLU A 11 1.03 -5.91 -9.50
C GLU A 11 -0.24 -5.79 -8.63
N MET A 12 -0.21 -6.49 -7.51
CA MET A 12 -1.29 -6.40 -6.51
C MET A 12 -1.29 -5.01 -5.82
N TRP A 13 -0.14 -4.34 -5.81
CA TRP A 13 0.03 -2.99 -5.21
C TRP A 13 -0.61 -1.90 -6.06
N HIS A 14 -0.48 -2.01 -7.38
CA HIS A 14 -1.13 -1.09 -8.34
C HIS A 14 -2.62 -0.92 -8.07
N GLU A 15 -3.29 -2.07 -7.97
CA GLU A 15 -4.72 -2.13 -7.64
C GLU A 15 -5.02 -2.19 -6.15
N GLY A 16 -4.20 -2.90 -5.38
CA GLY A 16 -4.37 -2.97 -3.90
C GLY A 16 -4.28 -1.59 -3.25
N LEU A 17 -3.49 -0.72 -3.89
CA LEU A 17 -3.45 0.71 -3.59
C LEU A 17 -4.57 1.50 -4.25
N GLU A 18 -4.97 1.16 -5.47
CA GLU A 18 -6.10 1.83 -6.13
C GLU A 18 -7.45 1.53 -5.48
N GLU A 19 -7.76 0.26 -5.26
CA GLU A 19 -8.99 -0.20 -4.58
C GLU A 19 -9.05 0.28 -3.12
N ALA A 20 -7.90 0.66 -2.57
CA ALA A 20 -7.80 1.22 -1.21
C ALA A 20 -7.83 2.75 -1.21
N SER A 21 -6.85 3.34 -1.88
CA SER A 21 -6.74 4.80 -2.07
C SER A 21 -8.01 5.37 -2.67
N ARG A 22 -8.75 4.62 -3.49
CA ARG A 22 -10.09 5.00 -4.01
C ARG A 22 -11.22 4.93 -2.96
N LEU A 23 -11.26 3.86 -2.17
CA LEU A 23 -12.21 3.71 -1.05
C LEU A 23 -12.14 4.88 -0.04
N TYR A 24 -11.00 5.57 -0.08
CA TYR A 24 -10.78 6.82 0.64
C TYR A 24 -10.82 8.09 -0.24
N PHE A 25 -10.36 7.99 -1.48
CA PHE A 25 -10.27 9.05 -2.49
C PHE A 25 -11.58 9.87 -2.61
N GLY A 26 -12.66 9.12 -2.78
CA GLY A 26 -14.02 9.71 -2.86
C GLY A 26 -15.11 8.69 -2.51
N GLU A 27 -14.81 7.82 -1.56
CA GLU A 27 -15.83 6.86 -1.06
C GLU A 27 -16.24 7.10 0.40
N ARG A 28 -15.50 7.97 1.10
CA ARG A 28 -15.70 8.27 2.53
C ARG A 28 -15.81 7.01 3.41
N ASN A 29 -15.12 5.98 2.93
CA ASN A 29 -15.15 4.64 3.52
C ASN A 29 -13.70 4.13 3.58
N VAL A 30 -12.91 4.92 4.30
CA VAL A 30 -11.51 4.57 4.63
C VAL A 30 -11.43 3.18 5.31
N LYS A 31 -12.51 2.82 6.00
CA LYS A 31 -12.68 1.49 6.61
C LYS A 31 -12.61 0.36 5.55
N GLY A 32 -13.11 0.64 4.34
CA GLY A 32 -13.06 -0.31 3.21
C GLY A 32 -11.63 -0.50 2.67
N MET A 33 -10.93 0.62 2.47
CA MET A 33 -9.52 0.63 2.01
C MET A 33 -8.58 -0.14 2.95
N PHE A 34 -8.97 -0.11 4.22
CA PHE A 34 -8.36 -0.88 5.31
C PHE A 34 -8.51 -2.39 5.21
N GLU A 35 -9.45 -2.84 4.39
CA GLU A 35 -9.74 -4.27 4.18
C GLU A 35 -8.95 -4.84 2.98
N VAL A 36 -8.81 -4.04 1.94
CA VAL A 36 -8.01 -4.39 0.74
C VAL A 36 -6.50 -4.21 0.98
N LEU A 37 -6.17 -3.22 1.81
CA LEU A 37 -4.79 -2.98 2.29
C LEU A 37 -4.41 -3.85 3.50
N GLU A 38 -5.40 -4.34 4.25
CA GLU A 38 -5.20 -5.32 5.34
C GLU A 38 -4.28 -6.50 4.92
N PRO A 39 -4.55 -7.20 3.81
CA PRO A 39 -3.62 -8.24 3.31
C PRO A 39 -2.34 -7.65 2.71
N LEU A 40 -2.40 -6.40 2.22
CA LEU A 40 -1.20 -5.72 1.69
C LEU A 40 -0.16 -5.35 2.75
N HIS A 41 -0.60 -5.32 4.00
CA HIS A 41 0.27 -5.19 5.19
C HIS A 41 1.01 -6.51 5.50
N ALA A 42 0.26 -7.61 5.43
CA ALA A 42 0.76 -8.95 5.78
C ALA A 42 1.61 -9.56 4.66
N MET A 43 1.13 -9.33 3.44
CA MET A 43 1.82 -9.68 2.18
C MET A 43 2.99 -8.74 1.88
N MET A 44 3.23 -7.76 2.76
CA MET A 44 4.38 -6.86 2.70
C MET A 44 5.35 -7.05 3.89
N GLU A 45 4.83 -7.64 4.96
CA GLU A 45 5.59 -7.88 6.19
C GLU A 45 6.22 -9.28 6.23
N ARG A 46 5.53 -10.27 5.63
CA ARG A 46 6.02 -11.67 5.56
C ARG A 46 7.46 -11.78 5.03
N GLY A 47 7.79 -10.81 4.16
CA GLY A 47 9.16 -10.67 3.63
C GLY A 47 9.22 -11.00 2.12
N PRO A 48 10.24 -10.50 1.43
CA PRO A 48 10.42 -10.80 0.00
C PRO A 48 10.74 -12.28 -0.21
N GLN A 49 10.25 -12.80 -1.34
CA GLN A 49 10.43 -14.22 -1.72
C GLN A 49 11.62 -14.34 -2.68
N THR A 50 11.31 -14.18 -3.97
CA THR A 50 12.28 -14.25 -5.10
C THR A 50 13.31 -13.10 -4.97
N LEU A 51 13.09 -12.05 -5.76
CA LEU A 51 13.88 -10.82 -5.78
C LEU A 51 13.30 -9.80 -6.78
N LYS A 52 11.97 -9.80 -6.83
CA LYS A 52 11.22 -8.92 -7.75
C LYS A 52 10.29 -7.96 -6.98
N GLU A 53 9.66 -8.50 -5.94
CA GLU A 53 8.77 -7.74 -5.05
C GLU A 53 9.52 -7.00 -3.92
N THR A 54 10.49 -6.19 -4.34
CA THR A 54 11.39 -5.42 -3.45
C THR A 54 11.83 -4.10 -4.13
N SER A 55 10.85 -3.41 -4.68
CA SER A 55 11.10 -2.07 -5.30
C SER A 55 10.32 -0.95 -4.60
N PHE A 56 9.96 -1.22 -3.36
CA PHE A 56 9.06 -0.36 -2.56
C PHE A 56 9.62 -0.16 -1.15
N ASN A 57 10.07 -1.24 -0.53
CA ASN A 57 10.70 -1.20 0.80
C ASN A 57 12.14 -0.66 0.74
N GLN A 58 12.76 -0.88 -0.43
CA GLN A 58 14.11 -0.40 -0.74
C GLN A 58 14.14 0.87 -1.62
N ALA A 59 12.96 1.27 -2.09
CA ALA A 59 12.83 2.50 -2.90
C ALA A 59 12.04 3.61 -2.18
N TYR A 60 10.98 3.22 -1.49
CA TYR A 60 10.07 4.13 -0.77
C TYR A 60 9.62 3.46 0.55
N GLY A 61 10.56 3.25 1.49
CA GLY A 61 10.25 2.69 2.83
C GLY A 61 9.16 3.48 3.58
N ARG A 62 9.03 4.75 3.19
CA ARG A 62 8.05 5.72 3.70
C ARG A 62 6.68 5.72 3.00
N ASP A 63 6.60 5.09 1.82
CA ASP A 63 5.36 4.96 1.02
C ASP A 63 4.24 4.23 1.78
N LEU A 64 3.42 3.44 1.06
CA LEU A 64 2.47 2.47 1.65
C LEU A 64 3.03 1.79 2.92
N MET A 65 4.28 1.34 2.84
CA MET A 65 4.97 0.60 3.91
C MET A 65 4.82 1.33 5.27
N GLU A 66 5.09 2.63 5.26
CA GLU A 66 4.90 3.51 6.43
C GLU A 66 3.49 4.06 6.58
N ALA A 67 2.85 4.33 5.44
CA ALA A 67 1.43 4.75 5.36
C ALA A 67 0.45 3.77 6.04
N GLN A 68 0.88 2.51 6.12
CA GLN A 68 0.20 1.42 6.85
C GLN A 68 0.86 1.12 8.21
N GLU A 69 2.20 1.09 8.24
CA GLU A 69 2.97 0.76 9.47
C GLU A 69 2.49 1.56 10.69
N TRP A 70 1.95 2.75 10.41
CA TRP A 70 1.23 3.61 11.35
C TRP A 70 -0.17 3.04 11.69
N CYS A 71 -0.17 1.76 12.01
CA CYS A 71 -1.37 0.98 12.40
C CYS A 71 -1.69 1.18 13.89
N ARG A 72 -0.66 1.08 14.73
CA ARG A 72 -0.74 1.40 16.17
C ARG A 72 -1.14 2.87 16.43
N LYS A 73 -0.83 3.73 15.46
CA LYS A 73 -1.24 5.15 15.46
C LYS A 73 -2.67 5.30 14.89
N TYR A 74 -2.93 4.78 13.71
CA TYR A 74 -4.29 4.74 13.12
C TYR A 74 -5.36 4.05 14.01
N MET A 75 -4.92 3.15 14.88
CA MET A 75 -5.76 2.41 15.83
C MET A 75 -6.14 3.25 17.06
N LYS A 76 -5.13 3.70 17.80
CA LYS A 76 -5.33 4.54 19.00
C LYS A 76 -5.63 6.01 18.70
N SER A 77 -4.83 6.58 17.82
CA SER A 77 -5.04 7.95 17.33
C SER A 77 -6.31 8.00 16.46
N GLY A 78 -6.51 7.01 15.57
CA GLY A 78 -7.73 6.93 14.73
C GLY A 78 -8.11 8.25 14.07
N ASN A 79 -7.07 9.03 13.80
CA ASN A 79 -7.20 10.40 13.30
C ASN A 79 -6.86 10.36 11.83
N VAL A 80 -7.83 10.86 11.06
CA VAL A 80 -7.69 11.07 9.60
C VAL A 80 -6.44 11.91 9.28
N LYS A 81 -5.93 12.63 10.28
CA LYS A 81 -4.62 13.29 10.21
C LYS A 81 -3.45 12.37 9.81
N ASP A 82 -3.58 11.07 10.07
CA ASP A 82 -2.63 10.05 9.56
C ASP A 82 -3.03 9.52 8.17
N LEU A 83 -4.33 9.39 7.94
CA LEU A 83 -4.93 8.92 6.67
C LEU A 83 -4.76 9.89 5.50
N THR A 84 -4.92 11.18 5.78
CA THR A 84 -4.63 12.29 4.84
C THR A 84 -3.17 12.25 4.34
N GLN A 85 -2.27 11.83 5.22
CA GLN A 85 -0.85 11.59 4.86
C GLN A 85 -0.63 10.25 4.15
N ALA A 86 -1.30 9.20 4.62
CA ALA A 86 -1.30 7.87 4.00
C ALA A 86 -1.79 7.91 2.55
N TRP A 87 -2.81 8.75 2.29
CA TRP A 87 -3.32 9.04 0.93
C TRP A 87 -2.25 9.68 0.06
N ASP A 88 -1.45 10.57 0.67
CA ASP A 88 -0.32 11.21 -0.01
C ASP A 88 0.74 10.15 -0.33
N LEU A 89 1.09 9.28 0.61
CA LEU A 89 2.09 8.22 0.38
C LEU A 89 1.60 7.18 -0.64
N TYR A 90 0.32 6.85 -0.56
CA TYR A 90 -0.40 5.97 -1.49
C TYR A 90 -0.50 6.55 -2.91
N TYR A 91 -0.83 7.82 -3.01
CA TYR A 91 -0.99 8.56 -4.29
C TYR A 91 0.37 8.96 -4.91
N HIS A 92 1.28 9.38 -4.04
CA HIS A 92 2.68 9.75 -4.39
C HIS A 92 3.41 8.50 -4.88
N VAL A 93 3.18 7.39 -4.21
CA VAL A 93 3.73 6.09 -4.63
C VAL A 93 2.96 5.47 -5.80
N PHE A 94 1.67 5.74 -5.89
CA PHE A 94 0.78 5.25 -6.97
C PHE A 94 1.36 5.48 -8.38
N ARG A 95 2.20 6.50 -8.49
CA ARG A 95 2.98 6.81 -9.70
C ARG A 95 4.41 6.23 -9.68
N ARG A 96 5.03 6.27 -8.50
CA ARG A 96 6.40 5.77 -8.21
C ARG A 96 6.51 4.25 -8.43
N ILE A 97 5.80 3.51 -7.59
CA ILE A 97 5.67 2.03 -7.70
C ILE A 97 4.99 1.59 -8.99
N SER A 98 4.26 2.52 -9.61
CA SER A 98 3.64 2.34 -10.94
C SER A 98 4.70 2.00 -12.01
N LYS A 99 5.79 2.78 -11.97
CA LYS A 99 6.84 2.74 -13.01
C LYS A 99 6.28 3.03 -14.41
N GLN A 100 5.42 4.04 -14.48
CA GLN A 100 4.85 4.55 -15.76
C GLN A 100 5.93 4.70 -16.87
N GLU A 1 0.79 -18.74 -4.52
CA GLU A 1 0.48 -18.09 -5.81
C GLU A 1 1.62 -18.12 -6.84
N LEU A 2 2.82 -17.77 -6.40
CA LEU A 2 4.07 -17.80 -7.20
C LEU A 2 4.24 -19.12 -7.99
N ILE A 3 3.75 -19.03 -9.21
CA ILE A 3 3.69 -20.18 -10.15
C ILE A 3 4.88 -20.20 -11.11
N ARG A 4 5.23 -18.99 -11.55
CA ARG A 4 6.30 -18.72 -12.53
C ARG A 4 6.77 -17.26 -12.52
N VAL A 5 5.78 -16.35 -12.49
CA VAL A 5 5.98 -14.89 -12.42
C VAL A 5 6.30 -14.44 -10.98
N ALA A 6 5.94 -15.30 -10.03
CA ALA A 6 6.00 -15.07 -8.57
C ALA A 6 5.00 -14.00 -8.11
N ILE A 7 3.86 -13.95 -8.79
CA ILE A 7 2.77 -12.95 -8.61
C ILE A 7 3.33 -11.63 -8.07
N LEU A 8 4.00 -10.91 -8.98
CA LEU A 8 4.60 -9.62 -8.64
C LEU A 8 3.66 -8.72 -7.84
N TRP A 9 4.27 -7.93 -6.96
CA TRP A 9 3.49 -7.03 -6.10
C TRP A 9 3.10 -5.74 -6.80
N HIS A 10 4.00 -5.17 -7.61
CA HIS A 10 3.73 -3.99 -8.45
C HIS A 10 2.42 -4.14 -9.28
N GLU A 11 2.18 -5.38 -9.70
CA GLU A 11 1.01 -5.79 -10.51
C GLU A 11 -0.29 -5.60 -9.70
N MET A 12 -0.29 -6.21 -8.51
CA MET A 12 -1.42 -6.08 -7.56
C MET A 12 -1.42 -4.70 -6.86
N TRP A 13 -0.28 -4.03 -6.82
CA TRP A 13 -0.08 -2.71 -6.19
C TRP A 13 -0.67 -1.59 -7.05
N HIS A 14 -0.55 -1.72 -8.37
CA HIS A 14 -1.18 -0.78 -9.33
C HIS A 14 -2.67 -0.57 -9.07
N GLU A 15 -3.36 -1.70 -9.00
CA GLU A 15 -4.80 -1.75 -8.72
C GLU A 15 -5.13 -1.82 -7.22
N GLY A 16 -4.35 -2.57 -6.45
CA GLY A 16 -4.50 -2.65 -4.98
C GLY A 16 -4.35 -1.28 -4.31
N LEU A 17 -3.57 -0.40 -4.91
CA LEU A 17 -3.47 1.02 -4.52
C LEU A 17 -4.57 1.87 -5.13
N GLU A 18 -5.08 1.51 -6.31
CA GLU A 18 -6.22 2.20 -6.96
C GLU A 18 -7.56 1.87 -6.29
N GLU A 19 -7.90 0.58 -6.23
CA GLU A 19 -9.11 0.05 -5.57
C GLU A 19 -9.14 0.43 -4.07
N ALA A 20 -7.97 0.71 -3.50
CA ALA A 20 -7.86 1.24 -2.13
C ALA A 20 -7.94 2.76 -2.08
N SER A 21 -7.00 3.43 -2.74
CA SER A 21 -6.94 4.91 -2.83
C SER A 21 -8.27 5.49 -3.29
N ARG A 22 -9.07 4.73 -4.05
CA ARG A 22 -10.42 5.11 -4.50
C ARG A 22 -11.45 5.09 -3.36
N LEU A 23 -11.37 4.07 -2.51
CA LEU A 23 -12.21 3.93 -1.30
C LEU A 23 -12.01 5.10 -0.30
N TYR A 24 -10.90 5.80 -0.49
CA TYR A 24 -10.57 7.05 0.22
C TYR A 24 -10.80 8.30 -0.65
N PHE A 25 -10.34 8.25 -1.90
CA PHE A 25 -10.27 9.35 -2.88
C PHE A 25 -11.58 10.15 -2.92
N GLY A 26 -12.66 9.37 -2.96
CA GLY A 26 -14.02 9.90 -2.98
C GLY A 26 -15.07 8.83 -2.66
N GLU A 27 -14.71 7.93 -1.75
CA GLU A 27 -15.65 6.89 -1.28
C GLU A 27 -15.93 6.97 0.23
N ARG A 28 -15.16 7.81 0.93
CA ARG A 28 -15.27 8.06 2.39
C ARG A 28 -15.32 6.74 3.19
N ASN A 29 -14.58 5.77 2.67
CA ASN A 29 -14.57 4.40 3.16
C ASN A 29 -13.10 3.97 3.33
N VAL A 30 -12.53 4.60 4.34
CA VAL A 30 -11.14 4.37 4.76
C VAL A 30 -10.97 2.91 5.24
N LYS A 31 -11.94 2.45 6.03
CA LYS A 31 -12.04 1.05 6.46
C LYS A 31 -12.06 0.07 5.26
N GLY A 32 -12.63 0.54 4.14
CA GLY A 32 -12.73 -0.22 2.88
C GLY A 32 -11.37 -0.38 2.20
N MET A 33 -10.70 0.73 1.92
CA MET A 33 -9.35 0.71 1.32
C MET A 33 -8.32 -0.06 2.16
N PHE A 34 -8.59 -0.04 3.46
CA PHE A 34 -7.80 -0.73 4.48
C PHE A 34 -7.91 -2.25 4.35
N GLU A 35 -8.95 -2.74 3.67
CA GLU A 35 -9.19 -4.17 3.41
C GLU A 35 -8.42 -4.68 2.17
N VAL A 36 -8.43 -3.90 1.10
CA VAL A 36 -7.69 -4.25 -0.14
C VAL A 36 -6.18 -3.98 -0.01
N LEU A 37 -5.86 -3.00 0.83
CA LEU A 37 -4.48 -2.67 1.20
C LEU A 37 -3.99 -3.47 2.42
N GLU A 38 -4.92 -4.09 3.15
CA GLU A 38 -4.61 -4.99 4.28
C GLU A 38 -3.60 -6.09 3.87
N PRO A 39 -3.83 -6.83 2.77
CA PRO A 39 -2.84 -7.78 2.25
C PRO A 39 -1.64 -7.10 1.58
N LEU A 40 -1.79 -5.86 1.12
CA LEU A 40 -0.69 -5.08 0.53
C LEU A 40 0.39 -4.63 1.53
N HIS A 41 0.00 -4.58 2.81
CA HIS A 41 0.92 -4.39 3.95
C HIS A 41 1.62 -5.71 4.32
N ALA A 42 0.84 -6.78 4.42
CA ALA A 42 1.35 -8.11 4.81
C ALA A 42 2.29 -8.69 3.73
N MET A 43 1.87 -8.49 2.48
CA MET A 43 2.67 -8.78 1.27
C MET A 43 3.93 -7.90 1.14
N MET A 44 4.04 -6.88 1.97
CA MET A 44 5.23 -6.02 2.03
C MET A 44 6.11 -6.36 3.26
N GLU A 45 5.48 -6.86 4.32
CA GLU A 45 6.18 -7.15 5.57
C GLU A 45 6.81 -8.54 5.56
N ARG A 46 6.13 -9.50 4.91
CA ARG A 46 6.59 -10.89 4.74
C ARG A 46 8.08 -10.96 4.35
N GLY A 47 8.48 -10.01 3.48
CA GLY A 47 9.89 -9.85 3.10
C GLY A 47 10.10 -10.09 1.60
N PRO A 48 11.22 -9.62 1.05
CA PRO A 48 11.54 -9.83 -0.37
C PRO A 48 11.80 -11.32 -0.65
N GLN A 49 11.28 -11.76 -1.79
CA GLN A 49 11.45 -13.15 -2.25
C GLN A 49 12.61 -13.23 -3.28
N THR A 50 12.25 -13.46 -4.54
CA THR A 50 13.15 -13.56 -5.71
C THR A 50 14.11 -12.36 -5.77
N LEU A 51 13.57 -11.24 -6.25
CA LEU A 51 14.19 -9.91 -6.48
C LEU A 51 13.44 -9.09 -7.54
N LYS A 52 12.11 -9.19 -7.51
CA LYS A 52 11.26 -8.46 -8.47
C LYS A 52 10.30 -7.51 -7.76
N GLU A 53 9.59 -8.04 -6.76
CA GLU A 53 8.65 -7.26 -5.95
C GLU A 53 9.32 -6.60 -4.73
N THR A 54 10.35 -5.80 -4.99
CA THR A 54 11.16 -5.12 -3.94
C THR A 54 11.95 -3.95 -4.57
N SER A 55 11.19 -3.00 -5.09
CA SER A 55 11.78 -1.76 -5.66
C SER A 55 11.46 -0.54 -4.78
N PHE A 56 10.24 -0.54 -4.27
CA PHE A 56 9.70 0.56 -3.44
C PHE A 56 10.20 0.42 -2.01
N ASN A 57 10.06 -0.76 -1.40
CA ASN A 57 10.59 -1.01 -0.05
C ASN A 57 12.07 -0.63 0.08
N GLN A 58 12.80 -0.78 -1.03
CA GLN A 58 14.22 -0.40 -1.12
C GLN A 58 14.48 1.11 -0.98
N ALA A 59 13.64 1.92 -1.64
CA ALA A 59 13.72 3.40 -1.62
C ALA A 59 12.52 4.02 -0.87
N TYR A 60 11.33 3.87 -1.44
CA TYR A 60 10.01 4.17 -0.85
C TYR A 60 9.56 3.20 0.26
N GLY A 61 10.52 2.81 1.12
CA GLY A 61 10.28 2.00 2.32
C GLY A 61 9.40 2.71 3.37
N ARG A 62 9.26 4.01 3.20
CA ARG A 62 8.40 4.85 4.08
C ARG A 62 7.04 5.16 3.47
N ASP A 63 6.79 4.63 2.27
CA ASP A 63 5.54 4.85 1.54
C ASP A 63 4.43 3.95 2.15
N LEU A 64 3.63 3.26 1.32
CA LEU A 64 2.57 2.34 1.75
C LEU A 64 2.99 1.39 2.89
N MET A 65 4.26 0.99 2.85
CA MET A 65 4.93 0.21 3.91
C MET A 65 4.67 0.80 5.31
N GLU A 66 5.02 2.07 5.50
CA GLU A 66 4.72 2.79 6.76
C GLU A 66 3.33 3.43 6.80
N ALA A 67 2.78 3.74 5.63
CA ALA A 67 1.41 4.28 5.48
C ALA A 67 0.34 3.34 6.06
N GLN A 68 0.70 2.05 6.08
CA GLN A 68 -0.13 1.02 6.69
C GLN A 68 0.46 0.42 7.98
N GLU A 69 1.78 0.19 8.02
CA GLU A 69 2.46 -0.30 9.24
C GLU A 69 2.06 0.46 10.52
N TRP A 70 1.70 1.73 10.32
CA TRP A 70 1.10 2.56 11.36
C TRP A 70 -0.40 2.25 11.53
N CYS A 71 -0.73 0.96 11.61
CA CYS A 71 -2.13 0.48 11.72
C CYS A 71 -2.60 0.55 13.18
N ARG A 72 -1.92 -0.19 14.07
CA ARG A 72 -2.14 -0.10 15.53
C ARG A 72 -2.13 1.36 16.05
N LYS A 73 -1.33 2.20 15.38
CA LYS A 73 -1.34 3.65 15.57
C LYS A 73 -2.58 4.32 14.97
N TYR A 74 -2.81 4.17 13.67
CA TYR A 74 -4.00 4.71 12.95
C TYR A 74 -5.34 4.29 13.60
N MET A 75 -5.31 3.18 14.33
CA MET A 75 -6.43 2.63 15.10
C MET A 75 -7.08 3.61 16.08
N LYS A 76 -6.28 4.58 16.58
CA LYS A 76 -6.64 5.69 17.49
C LYS A 76 -5.45 6.54 17.98
N SER A 77 -4.29 5.91 18.09
CA SER A 77 -3.01 6.53 18.47
C SER A 77 -2.52 7.62 17.50
N GLY A 78 -2.69 7.35 16.19
CA GLY A 78 -2.42 8.32 15.10
C GLY A 78 -3.69 9.01 14.59
N ASN A 79 -4.84 8.36 14.78
CA ASN A 79 -6.16 8.80 14.26
C ASN A 79 -6.17 9.01 12.74
N VAL A 80 -7.27 9.57 12.23
CA VAL A 80 -7.34 10.08 10.84
C VAL A 80 -6.16 11.03 10.51
N LYS A 81 -5.59 11.67 11.53
CA LYS A 81 -4.38 12.50 11.40
C LYS A 81 -3.16 11.75 10.83
N ASP A 82 -3.16 10.42 10.98
CA ASP A 82 -2.21 9.51 10.32
C ASP A 82 -2.71 9.02 8.96
N LEU A 83 -3.99 8.69 8.90
CA LEU A 83 -4.62 8.23 7.65
C LEU A 83 -4.54 9.27 6.51
N THR A 84 -4.75 10.53 6.84
CA THR A 84 -4.59 11.66 5.91
C THR A 84 -3.20 11.68 5.24
N GLN A 85 -2.22 11.22 5.99
CA GLN A 85 -0.83 11.04 5.52
C GLN A 85 -0.60 9.73 4.76
N ALA A 86 -1.31 8.67 5.17
CA ALA A 86 -1.29 7.37 4.48
C ALA A 86 -1.79 7.50 3.04
N TRP A 87 -2.85 8.29 2.86
CA TRP A 87 -3.36 8.70 1.54
C TRP A 87 -2.27 9.44 0.74
N ASP A 88 -1.52 10.29 1.43
CA ASP A 88 -0.44 11.07 0.82
C ASP A 88 0.66 10.10 0.32
N LEU A 89 0.99 9.07 1.10
CA LEU A 89 1.98 8.05 0.68
C LEU A 89 1.47 7.18 -0.48
N TYR A 90 0.22 6.74 -0.36
CA TYR A 90 -0.50 5.99 -1.41
C TYR A 90 -0.62 6.77 -2.73
N TYR A 91 -1.03 8.04 -2.63
CA TYR A 91 -1.16 8.97 -3.75
C TYR A 91 0.19 9.47 -4.32
N HIS A 92 1.13 9.75 -3.43
CA HIS A 92 2.50 10.18 -3.77
C HIS A 92 3.22 9.08 -4.57
N VAL A 93 3.00 7.85 -4.12
CA VAL A 93 3.52 6.67 -4.80
C VAL A 93 2.68 6.33 -6.03
N PHE A 94 1.38 6.56 -5.95
CA PHE A 94 0.42 6.34 -7.06
C PHE A 94 0.93 6.86 -8.40
N ARG A 95 1.76 7.91 -8.37
CA ARG A 95 2.52 8.43 -9.54
C ARG A 95 3.87 7.75 -9.81
N ARG A 96 4.61 7.45 -8.75
CA ARG A 96 5.91 6.74 -8.80
C ARG A 96 5.77 5.29 -9.28
N ILE A 97 5.06 4.50 -8.48
CA ILE A 97 4.68 3.12 -8.82
C ILE A 97 3.74 3.05 -10.03
N SER A 98 3.14 4.18 -10.42
CA SER A 98 2.26 4.31 -11.61
C SER A 98 2.99 3.82 -12.86
N LYS A 99 4.12 4.45 -13.18
CA LYS A 99 4.95 4.12 -14.35
C LYS A 99 6.32 4.81 -14.32
N GLN A 100 7.01 4.69 -13.19
CA GLN A 100 8.37 5.23 -13.01
C GLN A 100 9.30 4.90 -14.20
N GLU A 1 2.55 -18.03 -7.49
CA GLU A 1 3.90 -17.73 -6.93
C GLU A 1 4.95 -17.40 -7.99
N LEU A 2 4.63 -16.37 -8.80
CA LEU A 2 5.48 -15.87 -9.91
C LEU A 2 6.16 -17.03 -10.69
N ILE A 3 5.31 -17.78 -11.37
CA ILE A 3 5.73 -19.00 -12.09
C ILE A 3 6.59 -18.69 -13.34
N ARG A 4 6.22 -17.57 -13.97
CA ARG A 4 6.87 -16.99 -15.17
C ARG A 4 6.39 -15.54 -15.44
N VAL A 5 5.06 -15.33 -15.31
CA VAL A 5 4.40 -14.02 -15.50
C VAL A 5 4.98 -12.95 -14.57
N ALA A 6 5.39 -13.43 -13.39
CA ALA A 6 5.96 -12.67 -12.28
C ALA A 6 4.83 -11.82 -11.66
N ILE A 7 3.94 -12.56 -10.98
CA ILE A 7 2.76 -12.01 -10.28
C ILE A 7 3.13 -10.71 -9.54
N LEU A 8 4.28 -10.76 -8.85
CA LEU A 8 4.85 -9.62 -8.11
C LEU A 8 3.85 -9.06 -7.09
N TRP A 9 4.36 -8.20 -6.22
CA TRP A 9 3.47 -7.51 -5.25
C TRP A 9 3.13 -6.08 -5.67
N HIS A 10 4.07 -5.47 -6.40
CA HIS A 10 3.88 -4.18 -7.10
C HIS A 10 2.67 -4.22 -8.07
N GLU A 11 2.47 -5.37 -8.71
CA GLU A 11 1.42 -5.55 -9.74
C GLU A 11 0.02 -5.43 -9.12
N MET A 12 -0.17 -6.17 -8.03
CA MET A 12 -1.39 -6.11 -7.22
C MET A 12 -1.53 -4.71 -6.57
N TRP A 13 -0.43 -4.00 -6.39
CA TRP A 13 -0.40 -2.62 -5.87
C TRP A 13 -1.03 -1.58 -6.80
N HIS A 14 -0.87 -1.77 -8.12
CA HIS A 14 -1.49 -0.90 -9.13
C HIS A 14 -2.99 -0.69 -8.91
N GLU A 15 -3.67 -1.83 -8.82
CA GLU A 15 -5.12 -1.91 -8.54
C GLU A 15 -5.46 -1.99 -7.05
N GLY A 16 -4.63 -2.68 -6.26
CA GLY A 16 -4.77 -2.77 -4.79
C GLY A 16 -4.75 -1.41 -4.10
N LEU A 17 -4.05 -0.46 -4.72
CA LEU A 17 -4.09 0.95 -4.34
C LEU A 17 -5.32 1.65 -4.90
N GLU A 18 -5.76 1.28 -6.10
CA GLU A 18 -6.97 1.87 -6.69
C GLU A 18 -8.25 1.38 -5.97
N GLU A 19 -8.25 0.15 -5.45
CA GLU A 19 -9.37 -0.42 -4.67
C GLU A 19 -9.43 0.12 -3.21
N ALA A 20 -8.40 0.87 -2.83
CA ALA A 20 -8.28 1.50 -1.51
C ALA A 20 -8.33 3.04 -1.59
N SER A 21 -7.48 3.55 -2.47
CA SER A 21 -7.36 4.97 -2.82
C SER A 21 -8.68 5.52 -3.35
N ARG A 22 -9.46 4.68 -4.04
CA ARG A 22 -10.82 5.05 -4.45
C ARG A 22 -11.86 5.03 -3.31
N LEU A 23 -11.66 4.14 -2.35
CA LEU A 23 -12.52 4.05 -1.15
C LEU A 23 -12.46 5.31 -0.27
N TYR A 24 -11.40 6.09 -0.45
CA TYR A 24 -11.29 7.43 0.15
C TYR A 24 -11.52 8.55 -0.87
N PHE A 25 -11.03 8.35 -2.10
CA PHE A 25 -10.97 9.34 -3.20
C PHE A 25 -12.29 10.12 -3.35
N GLY A 26 -13.37 9.34 -3.32
CA GLY A 26 -14.75 9.87 -3.33
C GLY A 26 -15.76 8.85 -2.79
N GLU A 27 -15.31 8.01 -1.87
CA GLU A 27 -16.20 7.02 -1.22
C GLU A 27 -16.40 7.31 0.27
N ARG A 28 -15.56 8.17 0.84
CA ARG A 28 -15.55 8.51 2.28
C ARG A 28 -15.71 7.29 3.21
N ASN A 29 -15.18 6.18 2.70
CA ASN A 29 -15.27 4.87 3.35
C ASN A 29 -13.85 4.32 3.47
N VAL A 30 -13.12 5.03 4.32
CA VAL A 30 -11.76 4.66 4.75
C VAL A 30 -11.75 3.24 5.38
N LYS A 31 -12.92 2.81 5.85
CA LYS A 31 -13.15 1.44 6.35
C LYS A 31 -13.01 0.38 5.23
N GLY A 32 -13.46 0.74 4.02
CA GLY A 32 -13.38 -0.11 2.82
C GLY A 32 -11.95 -0.29 2.31
N MET A 33 -11.26 0.84 2.10
CA MET A 33 -9.82 0.84 1.72
C MET A 33 -8.95 0.04 2.71
N PHE A 34 -9.39 0.06 3.96
CA PHE A 34 -8.75 -0.64 5.07
C PHE A 34 -8.86 -2.17 4.98
N GLU A 35 -9.84 -2.63 4.20
CA GLU A 35 -10.07 -4.06 3.91
C GLU A 35 -9.16 -4.57 2.77
N VAL A 36 -8.88 -3.74 1.79
CA VAL A 36 -7.97 -4.12 0.67
C VAL A 36 -6.50 -3.80 1.03
N LEU A 37 -6.31 -2.81 1.88
CA LEU A 37 -5.01 -2.46 2.46
C LEU A 37 -4.56 -3.36 3.60
N GLU A 38 -5.51 -3.97 4.33
CA GLU A 38 -5.21 -5.00 5.33
C GLU A 38 -4.35 -6.15 4.76
N PRO A 39 -4.74 -6.82 3.65
CA PRO A 39 -3.91 -7.86 3.03
C PRO A 39 -2.71 -7.25 2.31
N LEU A 40 -2.84 -6.07 1.72
CA LEU A 40 -1.70 -5.35 1.11
C LEU A 40 -0.60 -4.93 2.09
N HIS A 41 -0.93 -4.89 3.38
CA HIS A 41 0.00 -4.66 4.51
C HIS A 41 0.66 -5.97 5.00
N ALA A 42 -0.06 -7.08 4.91
CA ALA A 42 0.45 -8.40 5.33
C ALA A 42 1.23 -9.11 4.20
N MET A 43 0.68 -9.01 3.00
CA MET A 43 1.27 -9.45 1.72
C MET A 43 2.45 -8.57 1.29
N MET A 44 2.79 -7.57 2.08
CA MET A 44 4.03 -6.80 1.86
C MET A 44 5.04 -6.91 3.00
N GLU A 45 4.56 -7.35 4.15
CA GLU A 45 5.36 -7.52 5.37
C GLU A 45 6.02 -8.91 5.43
N ARG A 46 5.30 -9.93 4.94
CA ARG A 46 5.81 -11.31 4.91
C ARG A 46 7.21 -11.43 4.27
N GLY A 47 7.43 -10.53 3.30
CA GLY A 47 8.74 -10.39 2.66
C GLY A 47 8.69 -10.92 1.21
N PRO A 48 9.54 -10.39 0.33
CA PRO A 48 9.63 -10.89 -1.05
C PRO A 48 10.23 -12.31 -1.07
N GLN A 49 10.54 -12.77 -2.27
CA GLN A 49 11.15 -14.08 -2.50
C GLN A 49 12.44 -13.94 -3.34
N THR A 50 12.24 -13.88 -4.65
CA THR A 50 13.29 -13.77 -5.69
C THR A 50 14.14 -12.51 -5.45
N LEU A 51 13.75 -11.43 -6.13
CA LEU A 51 14.39 -10.10 -6.07
C LEU A 51 13.69 -9.12 -7.04
N LYS A 52 12.38 -9.29 -7.13
CA LYS A 52 11.54 -8.44 -7.98
C LYS A 52 10.58 -7.62 -7.12
N GLU A 53 10.03 -8.25 -6.08
CA GLU A 53 9.20 -7.56 -5.09
C GLU A 53 10.03 -6.77 -4.05
N THR A 54 10.56 -5.68 -4.55
CA THR A 54 11.44 -4.79 -3.73
C THR A 54 11.54 -3.40 -4.38
N SER A 55 10.38 -2.86 -4.77
CA SER A 55 10.26 -1.50 -5.35
C SER A 55 9.56 -0.50 -4.39
N PHE A 56 9.72 -0.77 -3.10
CA PHE A 56 9.07 -0.02 -2.02
C PHE A 56 10.03 0.21 -0.85
N ASN A 57 10.62 -0.88 -0.35
CA ASN A 57 11.66 -0.81 0.72
C ASN A 57 13.03 -0.34 0.23
N GLN A 58 13.25 -0.48 -1.07
CA GLN A 58 14.49 -0.07 -1.76
C GLN A 58 14.34 1.11 -2.73
N ALA A 59 13.11 1.59 -2.81
CA ALA A 59 12.76 2.75 -3.64
C ALA A 59 12.25 3.89 -2.76
N TYR A 60 11.45 3.55 -1.74
CA TYR A 60 10.84 4.53 -0.82
C TYR A 60 10.55 3.88 0.56
N GLY A 61 11.61 3.83 1.38
CA GLY A 61 11.53 3.29 2.77
C GLY A 61 10.64 4.15 3.71
N ARG A 62 10.22 5.28 3.19
CA ARG A 62 9.35 6.28 3.85
C ARG A 62 7.91 6.22 3.36
N ASP A 63 7.71 5.66 2.16
CA ASP A 63 6.38 5.50 1.54
C ASP A 63 5.56 4.44 2.30
N LEU A 64 4.86 3.54 1.59
CA LEU A 64 4.16 2.37 2.13
C LEU A 64 4.70 1.82 3.46
N MET A 65 6.01 1.67 3.54
CA MET A 65 6.72 1.27 4.77
C MET A 65 6.25 2.05 6.02
N GLU A 66 6.25 3.37 5.93
CA GLU A 66 5.70 4.25 6.98
C GLU A 66 4.19 4.50 6.86
N ALA A 67 3.68 4.54 5.63
CA ALA A 67 2.23 4.62 5.31
C ALA A 67 1.39 3.50 5.95
N GLN A 68 2.07 2.41 6.31
CA GLN A 68 1.50 1.26 7.02
C GLN A 68 2.09 1.09 8.44
N GLU A 69 3.33 1.51 8.68
CA GLU A 69 4.00 1.39 10.00
C GLU A 69 3.16 1.99 11.12
N TRP A 70 2.33 2.94 10.72
CA TRP A 70 1.31 3.57 11.57
C TRP A 70 0.04 2.71 11.60
N CYS A 71 0.16 1.38 11.53
CA CYS A 71 -0.98 0.43 11.54
C CYS A 71 -1.53 0.26 12.97
N ARG A 72 -0.64 0.02 13.92
CA ARG A 72 -0.97 -0.03 15.37
C ARG A 72 -1.62 1.27 15.88
N LYS A 73 -1.33 2.34 15.15
CA LYS A 73 -1.89 3.68 15.37
C LYS A 73 -3.18 3.90 14.57
N TYR A 74 -3.17 3.62 13.28
CA TYR A 74 -4.37 3.65 12.42
C TYR A 74 -5.48 2.63 12.80
N MET A 75 -5.11 1.63 13.60
CA MET A 75 -6.02 0.61 14.13
C MET A 75 -6.72 1.06 15.42
N LYS A 76 -5.93 1.29 16.47
CA LYS A 76 -6.46 1.69 17.77
C LYS A 76 -6.74 3.20 17.89
N SER A 77 -5.77 3.98 17.43
CA SER A 77 -5.90 5.45 17.38
C SER A 77 -6.84 5.85 16.24
N GLY A 78 -6.78 5.11 15.11
CA GLY A 78 -7.64 5.32 13.92
C GLY A 78 -7.68 6.80 13.47
N ASN A 79 -6.58 7.48 13.79
CA ASN A 79 -6.50 8.93 13.65
C ASN A 79 -6.13 9.21 12.20
N VAL A 80 -7.05 9.90 11.55
CA VAL A 80 -6.85 10.40 10.17
C VAL A 80 -5.52 11.16 10.05
N LYS A 81 -4.94 11.60 11.17
CA LYS A 81 -3.54 12.08 11.23
C LYS A 81 -2.47 11.14 10.63
N ASP A 82 -2.78 9.85 10.60
CA ASP A 82 -1.96 8.82 9.92
C ASP A 82 -2.36 8.65 8.44
N LEU A 83 -3.65 8.86 8.16
CA LEU A 83 -4.23 8.72 6.81
C LEU A 83 -4.02 9.96 5.93
N THR A 84 -4.13 11.15 6.49
CA THR A 84 -3.77 12.45 5.87
C THR A 84 -2.33 12.47 5.29
N GLN A 85 -1.50 11.59 5.84
CA GLN A 85 -0.11 11.39 5.40
C GLN A 85 0.06 10.12 4.57
N ALA A 86 -0.65 9.06 4.96
CA ALA A 86 -0.70 7.79 4.20
C ALA A 86 -1.30 8.02 2.81
N TRP A 87 -2.23 8.96 2.69
CA TRP A 87 -2.82 9.41 1.41
C TRP A 87 -1.72 10.03 0.52
N ASP A 88 -0.86 10.82 1.15
CA ASP A 88 0.25 11.49 0.45
C ASP A 88 1.26 10.43 -0.02
N LEU A 89 1.59 9.46 0.84
CA LEU A 89 2.51 8.37 0.48
C LEU A 89 1.91 7.38 -0.54
N TYR A 90 0.65 7.04 -0.34
CA TYR A 90 -0.15 6.19 -1.24
C TYR A 90 -0.29 6.80 -2.63
N TYR A 91 -0.59 8.09 -2.67
CA TYR A 91 -0.72 8.87 -3.91
C TYR A 91 0.62 9.24 -4.56
N HIS A 92 1.57 9.68 -3.73
CA HIS A 92 2.96 9.98 -4.13
C HIS A 92 3.59 8.76 -4.79
N VAL A 93 3.24 7.58 -4.27
CA VAL A 93 3.70 6.29 -4.80
C VAL A 93 2.80 5.74 -5.91
N PHE A 94 1.53 6.14 -5.87
CA PHE A 94 0.50 5.76 -6.86
C PHE A 94 0.96 6.02 -8.30
N ARG A 95 1.85 7.00 -8.45
CA ARG A 95 2.58 7.29 -9.69
C ARG A 95 4.01 6.71 -9.80
N ARG A 96 4.65 6.54 -8.64
CA ARG A 96 6.02 6.00 -8.50
C ARG A 96 6.06 4.50 -8.83
N ILE A 97 5.40 3.72 -7.97
CA ILE A 97 5.24 2.26 -8.14
C ILE A 97 4.30 1.92 -9.30
N SER A 98 3.58 2.93 -9.79
CA SER A 98 2.80 2.79 -11.02
C SER A 98 3.69 2.45 -12.22
N LYS A 99 4.83 3.13 -12.36
CA LYS A 99 5.72 2.92 -13.52
C LYS A 99 5.00 3.18 -14.86
N GLN A 100 4.18 4.23 -14.87
CA GLN A 100 3.46 4.70 -16.07
C GLN A 100 4.29 4.59 -17.36
N GLU A 1 0.10 -18.93 -15.84
CA GLU A 1 1.27 -18.12 -15.40
C GLU A 1 2.00 -18.86 -14.24
N LEU A 2 2.54 -18.14 -13.25
CA LEU A 2 3.33 -18.70 -12.12
C LEU A 2 4.60 -19.40 -12.62
N ILE A 3 5.59 -19.51 -11.74
CA ILE A 3 6.94 -20.03 -12.10
C ILE A 3 7.66 -19.24 -13.23
N ARG A 4 7.27 -17.98 -13.34
CA ARG A 4 7.75 -17.04 -14.38
C ARG A 4 7.66 -15.56 -13.95
N VAL A 5 6.47 -15.22 -13.44
CA VAL A 5 6.15 -13.88 -12.90
C VAL A 5 6.17 -13.91 -11.37
N ALA A 6 5.59 -14.96 -10.78
CA ALA A 6 5.44 -15.17 -9.32
C ALA A 6 4.56 -14.06 -8.70
N ILE A 7 3.45 -13.78 -9.40
CA ILE A 7 2.48 -12.71 -9.09
C ILE A 7 3.16 -11.50 -8.41
N LEU A 8 3.80 -10.68 -9.25
CA LEU A 8 4.55 -9.51 -8.77
C LEU A 8 3.72 -8.66 -7.80
N TRP A 9 4.43 -7.96 -6.91
CA TRP A 9 3.76 -7.15 -5.87
C TRP A 9 3.49 -5.71 -6.31
N HIS A 10 4.45 -5.12 -7.02
CA HIS A 10 4.28 -3.81 -7.69
C HIS A 10 2.97 -3.73 -8.51
N GLU A 11 2.62 -4.88 -9.10
CA GLU A 11 1.40 -5.07 -9.90
C GLU A 11 0.12 -4.92 -9.07
N MET A 12 0.08 -5.66 -7.97
CA MET A 12 -1.01 -5.59 -6.99
C MET A 12 -1.05 -4.19 -6.33
N TRP A 13 0.05 -3.44 -6.38
CA TRP A 13 0.15 -2.08 -5.84
C TRP A 13 -0.64 -1.05 -6.66
N HIS A 14 -0.65 -1.24 -7.97
CA HIS A 14 -1.45 -0.42 -8.89
C HIS A 14 -2.94 -0.38 -8.48
N GLU A 15 -3.56 -1.55 -8.53
CA GLU A 15 -4.95 -1.74 -8.10
C GLU A 15 -5.13 -1.73 -6.58
N GLY A 16 -4.21 -2.35 -5.83
CA GLY A 16 -4.28 -2.38 -4.37
C GLY A 16 -4.29 -0.98 -3.75
N LEU A 17 -3.61 -0.05 -4.43
CA LEU A 17 -3.72 1.38 -4.14
C LEU A 17 -4.91 2.03 -4.83
N GLU A 18 -5.36 1.53 -5.97
CA GLU A 18 -6.51 2.12 -6.67
C GLU A 18 -7.86 1.74 -6.02
N GLU A 19 -8.07 0.46 -5.80
CA GLU A 19 -9.24 -0.11 -5.09
C GLU A 19 -9.25 0.30 -3.59
N ALA A 20 -8.16 0.91 -3.13
CA ALA A 20 -8.03 1.44 -1.76
C ALA A 20 -8.18 2.96 -1.72
N SER A 21 -7.32 3.63 -2.47
CA SER A 21 -7.34 5.10 -2.64
C SER A 21 -8.68 5.56 -3.20
N ARG A 22 -9.41 4.70 -3.90
CA ARG A 22 -10.79 4.98 -4.34
C ARG A 22 -11.84 4.95 -3.22
N LEU A 23 -11.71 3.99 -2.30
CA LEU A 23 -12.58 3.90 -1.11
C LEU A 23 -12.53 5.16 -0.23
N TYR A 24 -11.44 5.90 -0.39
CA TYR A 24 -11.26 7.20 0.25
C TYR A 24 -11.44 8.39 -0.71
N PHE A 25 -11.14 8.17 -1.98
CA PHE A 25 -11.20 9.16 -3.09
C PHE A 25 -12.55 9.87 -3.13
N GLY A 26 -13.60 9.03 -3.15
CA GLY A 26 -15.00 9.51 -3.14
C GLY A 26 -15.98 8.45 -2.64
N GLU A 27 -15.53 7.61 -1.72
CA GLU A 27 -16.42 6.63 -1.07
C GLU A 27 -16.66 6.91 0.42
N ARG A 28 -15.90 7.86 0.98
CA ARG A 28 -15.88 8.21 2.42
C ARG A 28 -15.88 6.98 3.34
N ASN A 29 -15.24 5.93 2.84
CA ASN A 29 -15.18 4.64 3.51
C ASN A 29 -13.70 4.22 3.57
N VAL A 30 -12.98 4.96 4.40
CA VAL A 30 -11.59 4.65 4.79
C VAL A 30 -11.47 3.17 5.25
N LYS A 31 -12.52 2.72 5.93
CA LYS A 31 -12.62 1.32 6.42
C LYS A 31 -12.61 0.32 5.25
N GLY A 32 -13.09 0.76 4.09
CA GLY A 32 -13.15 -0.05 2.86
C GLY A 32 -11.76 -0.27 2.24
N MET A 33 -11.01 0.82 2.07
CA MET A 33 -9.63 0.75 1.54
C MET A 33 -8.71 -0.13 2.41
N PHE A 34 -9.04 -0.13 3.70
CA PHE A 34 -8.38 -0.95 4.71
C PHE A 34 -8.55 -2.45 4.48
N GLU A 35 -9.58 -2.83 3.73
CA GLU A 35 -9.86 -4.23 3.37
C GLU A 35 -9.04 -4.70 2.16
N VAL A 36 -8.91 -3.84 1.15
CA VAL A 36 -8.10 -4.16 -0.05
C VAL A 36 -6.60 -3.90 0.18
N LEU A 37 -6.30 -2.99 1.10
CA LEU A 37 -4.94 -2.68 1.58
C LEU A 37 -4.51 -3.57 2.76
N GLU A 38 -5.46 -4.27 3.37
CA GLU A 38 -5.21 -5.29 4.41
C GLU A 38 -4.25 -6.39 3.91
N PRO A 39 -4.47 -7.00 2.74
CA PRO A 39 -3.50 -7.96 2.16
C PRO A 39 -2.21 -7.27 1.69
N LEU A 40 -2.30 -6.00 1.33
CA LEU A 40 -1.14 -5.22 0.87
C LEU A 40 -0.22 -4.81 2.04
N HIS A 41 -0.71 -4.98 3.26
CA HIS A 41 0.05 -4.86 4.51
C HIS A 41 0.82 -6.15 4.84
N ALA A 42 0.20 -7.28 4.57
CA ALA A 42 0.77 -8.61 4.87
C ALA A 42 1.69 -9.11 3.75
N MET A 43 1.23 -8.91 2.51
CA MET A 43 2.01 -9.16 1.28
C MET A 43 3.21 -8.22 1.09
N MET A 44 3.28 -7.17 1.92
CA MET A 44 4.45 -6.27 1.95
C MET A 44 5.36 -6.51 3.17
N GLU A 45 4.78 -7.05 4.24
CA GLU A 45 5.47 -7.29 5.50
C GLU A 45 6.16 -8.65 5.55
N ARG A 46 5.61 -9.65 4.86
CA ARG A 46 6.18 -11.02 4.77
C ARG A 46 7.69 -11.00 4.49
N GLY A 47 8.08 -10.01 3.68
CA GLY A 47 9.49 -9.66 3.43
C GLY A 47 9.71 -9.42 1.93
N PRO A 48 10.96 -9.44 1.47
CA PRO A 48 11.25 -9.31 0.02
C PRO A 48 10.93 -10.64 -0.69
N GLN A 49 11.40 -10.76 -1.93
CA GLN A 49 11.23 -12.01 -2.70
C GLN A 49 12.46 -12.23 -3.59
N THR A 50 12.25 -12.92 -4.72
CA THR A 50 13.23 -13.18 -5.79
C THR A 50 14.21 -12.00 -5.99
N LEU A 51 13.76 -11.04 -6.79
CA LEU A 51 14.45 -9.76 -7.08
C LEU A 51 13.63 -8.87 -8.04
N LYS A 52 12.32 -8.97 -7.90
CA LYS A 52 11.37 -8.19 -8.73
C LYS A 52 10.46 -7.29 -7.88
N GLU A 53 9.80 -7.90 -6.89
CA GLU A 53 8.95 -7.18 -5.92
C GLU A 53 9.74 -6.59 -4.74
N THR A 54 10.64 -5.68 -5.10
CA THR A 54 11.56 -4.99 -4.18
C THR A 54 12.00 -3.62 -4.77
N SER A 55 11.02 -2.87 -5.26
CA SER A 55 11.25 -1.49 -5.74
C SER A 55 10.92 -0.44 -4.66
N PHE A 56 9.85 -0.74 -3.92
CA PHE A 56 9.38 0.06 -2.78
C PHE A 56 10.29 -0.10 -1.56
N ASN A 57 10.54 -1.35 -1.14
CA ASN A 57 11.42 -1.63 0.01
C ASN A 57 12.87 -1.15 -0.21
N GLN A 58 13.20 -0.89 -1.48
CA GLN A 58 14.52 -0.37 -1.87
C GLN A 58 14.64 1.13 -1.52
N ALA A 59 13.71 1.95 -2.01
CA ALA A 59 13.74 3.41 -1.80
C ALA A 59 12.51 3.93 -1.03
N TYR A 60 11.35 3.50 -1.49
CA TYR A 60 10.02 3.74 -0.89
C TYR A 60 9.81 2.86 0.36
N GLY A 61 10.85 2.73 1.21
CA GLY A 61 10.80 2.02 2.50
C GLY A 61 9.82 2.66 3.51
N ARG A 62 9.43 3.89 3.21
CA ARG A 62 8.48 4.69 4.00
C ARG A 62 7.08 4.81 3.37
N ASP A 63 6.93 4.22 2.18
CA ASP A 63 5.65 4.16 1.43
C ASP A 63 4.63 3.28 2.19
N LEU A 64 3.78 2.51 1.47
CA LEU A 64 2.92 1.44 2.02
C LEU A 64 3.35 0.80 3.34
N MET A 65 4.63 0.39 3.41
CA MET A 65 5.31 -0.08 4.63
C MET A 65 4.92 0.75 5.88
N GLU A 66 5.23 2.04 5.85
CA GLU A 66 4.81 3.00 6.90
C GLU A 66 3.39 3.56 6.72
N ALA A 67 2.93 3.62 5.48
CA ALA A 67 1.58 4.10 5.14
C ALA A 67 0.45 3.26 5.77
N GLN A 68 0.82 2.02 6.14
CA GLN A 68 -0.01 1.10 6.93
C GLN A 68 0.54 0.84 8.34
N GLU A 69 1.87 0.76 8.50
CA GLU A 69 2.54 0.56 9.81
C GLU A 69 1.93 1.41 10.95
N TRP A 70 1.38 2.56 10.58
CA TRP A 70 0.52 3.41 11.44
C TRP A 70 -0.80 2.71 11.84
N CYS A 71 -0.71 1.44 12.23
CA CYS A 71 -1.86 0.61 12.63
C CYS A 71 -2.29 0.94 14.07
N ARG A 72 -1.33 0.98 14.99
CA ARG A 72 -1.54 1.50 16.37
C ARG A 72 -2.07 2.95 16.41
N LYS A 73 -1.81 3.67 15.32
CA LYS A 73 -2.35 5.02 15.12
C LYS A 73 -3.73 4.99 14.44
N TYR A 74 -3.89 4.27 13.34
CA TYR A 74 -5.21 4.08 12.71
C TYR A 74 -6.28 3.38 13.58
N MET A 75 -5.81 2.64 14.58
CA MET A 75 -6.63 1.92 15.56
C MET A 75 -6.89 2.73 16.85
N LYS A 76 -5.83 3.17 17.51
CA LYS A 76 -5.96 3.92 18.77
C LYS A 76 -6.24 5.41 18.53
N SER A 77 -5.47 6.01 17.62
CA SER A 77 -5.66 7.41 17.22
C SER A 77 -6.90 7.53 16.31
N GLY A 78 -7.12 6.53 15.44
CA GLY A 78 -8.29 6.42 14.54
C GLY A 78 -8.63 7.73 13.83
N ASN A 79 -7.56 8.46 13.52
CA ASN A 79 -7.68 9.84 13.04
C ASN A 79 -7.02 9.93 11.67
N VAL A 80 -7.73 10.64 10.81
CA VAL A 80 -7.24 11.01 9.46
C VAL A 80 -5.90 11.77 9.57
N LYS A 81 -5.51 12.23 10.75
CA LYS A 81 -4.18 12.81 11.02
C LYS A 81 -3.00 11.91 10.61
N ASP A 82 -3.26 10.60 10.53
CA ASP A 82 -2.30 9.62 9.98
C ASP A 82 -2.54 9.37 8.48
N LEU A 83 -3.81 9.42 8.08
CA LEU A 83 -4.26 9.19 6.69
C LEU A 83 -3.91 10.38 5.77
N THR A 84 -4.10 11.61 6.23
CA THR A 84 -3.67 12.86 5.54
C THR A 84 -2.21 12.79 5.05
N GLN A 85 -1.38 12.13 5.86
CA GLN A 85 0.03 11.88 5.53
C GLN A 85 0.24 10.65 4.67
N ALA A 86 -0.45 9.56 5.03
CA ALA A 86 -0.44 8.33 4.21
C ALA A 86 -1.00 8.59 2.81
N TRP A 87 -1.83 9.62 2.65
CA TRP A 87 -2.37 10.07 1.35
C TRP A 87 -1.24 10.63 0.48
N ASP A 88 -0.34 11.38 1.09
CA ASP A 88 0.88 11.86 0.42
C ASP A 88 1.80 10.67 0.11
N LEU A 89 1.99 9.75 1.05
CA LEU A 89 2.86 8.55 0.84
C LEU A 89 2.30 7.58 -0.21
N TYR A 90 0.99 7.36 -0.16
CA TYR A 90 0.20 6.54 -1.08
C TYR A 90 0.18 7.13 -2.49
N TYR A 91 -0.07 8.44 -2.57
CA TYR A 91 -0.08 9.22 -3.82
C TYR A 91 1.32 9.42 -4.43
N HIS A 92 2.28 9.75 -3.56
CA HIS A 92 3.70 9.92 -3.93
C HIS A 92 4.24 8.60 -4.52
N VAL A 93 3.86 7.49 -3.88
CA VAL A 93 4.26 6.15 -4.34
C VAL A 93 3.41 5.67 -5.53
N PHE A 94 2.15 6.08 -5.57
CA PHE A 94 1.20 5.79 -6.66
C PHE A 94 1.77 6.15 -8.05
N ARG A 95 2.65 7.16 -8.06
CA ARG A 95 3.43 7.55 -9.26
C ARG A 95 4.82 6.90 -9.35
N ARG A 96 5.41 6.58 -8.21
CA ARG A 96 6.74 5.92 -8.12
C ARG A 96 6.67 4.44 -8.50
N ILE A 97 5.91 3.68 -7.71
CA ILE A 97 5.61 2.26 -7.96
C ILE A 97 4.81 2.06 -9.25
N SER A 98 4.22 3.15 -9.78
CA SER A 98 3.38 3.08 -11.00
C SER A 98 4.14 2.39 -12.13
N LYS A 99 5.32 2.95 -12.41
CA LYS A 99 6.20 2.55 -13.52
C LYS A 99 7.43 3.48 -13.66
N GLN A 100 8.11 3.73 -12.54
CA GLN A 100 9.37 4.51 -12.57
C GLN A 100 10.39 3.92 -13.58
N GLU A 1 0.56 -14.10 -16.75
CA GLU A 1 0.91 -15.32 -15.99
C GLU A 1 2.29 -15.21 -15.31
N LEU A 2 2.44 -15.78 -14.12
CA LEU A 2 3.76 -15.83 -13.41
C LEU A 2 4.88 -16.21 -14.39
N ILE A 3 6.04 -15.55 -14.22
CA ILE A 3 7.20 -15.60 -15.14
C ILE A 3 7.11 -14.54 -16.27
N ARG A 4 5.95 -13.89 -16.34
CA ARG A 4 5.65 -12.88 -17.38
C ARG A 4 5.01 -11.61 -16.78
N VAL A 5 3.96 -11.82 -15.98
CA VAL A 5 3.27 -10.74 -15.25
C VAL A 5 4.09 -10.24 -14.05
N ALA A 6 4.57 -11.22 -13.28
CA ALA A 6 5.31 -11.07 -12.01
C ALA A 6 4.37 -10.48 -10.94
N ILE A 7 3.40 -11.31 -10.53
CA ILE A 7 2.38 -10.95 -9.51
C ILE A 7 3.00 -10.15 -8.35
N LEU A 8 4.11 -10.69 -7.86
CA LEU A 8 4.91 -10.17 -6.74
C LEU A 8 4.00 -9.45 -5.71
N TRP A 9 4.48 -8.33 -5.19
CA TRP A 9 3.68 -7.43 -4.34
C TRP A 9 3.56 -6.01 -4.90
N HIS A 10 4.24 -5.78 -6.02
CA HIS A 10 4.19 -4.52 -6.79
C HIS A 10 2.94 -4.48 -7.68
N GLU A 11 2.67 -5.59 -8.37
CA GLU A 11 1.53 -5.67 -9.33
C GLU A 11 0.20 -5.61 -8.59
N MET A 12 0.17 -6.32 -7.46
CA MET A 12 -0.98 -6.29 -6.55
C MET A 12 -1.13 -4.90 -5.92
N TRP A 13 -0.02 -4.17 -5.77
CA TRP A 13 -0.01 -2.81 -5.22
C TRP A 13 -0.62 -1.76 -6.16
N HIS A 14 -0.45 -1.97 -7.47
CA HIS A 14 -1.03 -1.11 -8.51
C HIS A 14 -2.54 -0.87 -8.29
N GLU A 15 -3.24 -1.99 -8.13
CA GLU A 15 -4.69 -1.98 -7.81
C GLU A 15 -4.96 -2.02 -6.30
N GLY A 16 -4.12 -2.70 -5.52
CA GLY A 16 -4.27 -2.86 -4.06
C GLY A 16 -4.24 -1.52 -3.34
N LEU A 17 -3.51 -0.60 -3.96
CA LEU A 17 -3.53 0.81 -3.59
C LEU A 17 -4.76 1.54 -4.07
N GLU A 18 -5.25 1.19 -5.24
CA GLU A 18 -6.47 1.81 -5.79
C GLU A 18 -7.74 1.34 -5.05
N GLU A 19 -7.85 0.04 -4.77
CA GLU A 19 -8.96 -0.53 -3.98
C GLU A 19 -8.95 -0.08 -2.50
N ALA A 20 -7.93 0.69 -2.12
CA ALA A 20 -7.74 1.28 -0.79
C ALA A 20 -7.83 2.81 -0.81
N SER A 21 -6.91 3.39 -1.58
CA SER A 21 -6.78 4.83 -1.80
C SER A 21 -8.08 5.37 -2.38
N ARG A 22 -8.82 4.60 -3.17
CA ARG A 22 -10.16 4.98 -3.66
C ARG A 22 -11.24 4.94 -2.57
N LEU A 23 -11.17 3.94 -1.68
CA LEU A 23 -12.07 3.86 -0.51
C LEU A 23 -11.94 5.06 0.44
N TYR A 24 -10.85 5.80 0.27
CA TYR A 24 -10.57 7.06 0.95
C TYR A 24 -10.69 8.30 0.03
N PHE A 25 -10.23 8.16 -1.21
CA PHE A 25 -10.11 9.20 -2.25
C PHE A 25 -11.40 10.02 -2.39
N GLY A 26 -12.47 9.25 -2.59
CA GLY A 26 -13.83 9.81 -2.68
C GLY A 26 -14.89 8.78 -2.27
N GLU A 27 -14.53 7.92 -1.31
CA GLU A 27 -15.49 6.94 -0.78
C GLU A 27 -15.82 7.16 0.69
N ARG A 28 -14.99 7.97 1.38
CA ARG A 28 -15.07 8.27 2.82
C ARG A 28 -15.32 7.00 3.68
N ASN A 29 -14.77 5.91 3.17
CA ASN A 29 -14.92 4.58 3.75
C ASN A 29 -13.52 4.00 3.96
N VAL A 30 -12.84 4.62 4.92
CA VAL A 30 -11.53 4.15 5.45
C VAL A 30 -11.65 2.69 5.97
N LYS A 31 -12.84 2.32 6.41
CA LYS A 31 -13.16 0.92 6.78
C LYS A 31 -12.95 -0.06 5.59
N GLY A 32 -13.40 0.33 4.40
CA GLY A 32 -13.29 -0.48 3.17
C GLY A 32 -11.83 -0.71 2.76
N MET A 33 -11.10 0.41 2.62
CA MET A 33 -9.64 0.39 2.34
C MET A 33 -8.86 -0.46 3.34
N PHE A 34 -9.35 -0.46 4.58
CA PHE A 34 -8.81 -1.24 5.69
C PHE A 34 -8.88 -2.75 5.44
N GLU A 35 -9.81 -3.19 4.60
CA GLU A 35 -9.98 -4.60 4.21
C GLU A 35 -9.01 -5.01 3.07
N VAL A 36 -8.67 -4.07 2.20
CA VAL A 36 -7.74 -4.36 1.09
C VAL A 36 -6.29 -4.10 1.53
N LEU A 37 -6.11 -3.11 2.40
CA LEU A 37 -4.83 -2.80 3.05
C LEU A 37 -4.48 -3.78 4.19
N GLU A 38 -5.47 -4.40 4.81
CA GLU A 38 -5.25 -5.49 5.79
C GLU A 38 -4.30 -6.59 5.25
N PRO A 39 -4.54 -7.20 4.08
CA PRO A 39 -3.61 -8.16 3.49
C PRO A 39 -2.37 -7.46 2.91
N LEU A 40 -2.51 -6.29 2.31
CA LEU A 40 -1.37 -5.51 1.81
C LEU A 40 -0.37 -5.02 2.88
N HIS A 41 -0.83 -4.99 4.14
CA HIS A 41 -0.05 -4.73 5.36
C HIS A 41 0.73 -5.96 5.84
N ALA A 42 0.13 -7.13 5.70
CA ALA A 42 0.74 -8.41 6.10
C ALA A 42 1.62 -9.01 4.99
N MET A 43 1.11 -8.89 3.76
CA MET A 43 1.80 -9.22 2.51
C MET A 43 2.97 -8.27 2.21
N MET A 44 3.09 -7.18 2.96
CA MET A 44 4.28 -6.31 2.84
C MET A 44 5.30 -6.50 3.98
N GLU A 45 4.81 -7.10 5.07
CA GLU A 45 5.60 -7.31 6.30
C GLU A 45 6.19 -8.72 6.39
N ARG A 46 5.48 -9.70 5.83
CA ARG A 46 5.93 -11.11 5.79
C ARG A 46 7.36 -11.26 5.24
N GLY A 47 7.70 -10.33 4.33
CA GLY A 47 9.05 -10.25 3.78
C GLY A 47 9.09 -10.77 2.34
N PRO A 48 10.02 -10.26 1.52
CA PRO A 48 10.18 -10.74 0.15
C PRO A 48 10.68 -12.19 0.11
N GLN A 49 10.20 -12.90 -0.90
CA GLN A 49 10.62 -14.29 -1.18
C GLN A 49 11.93 -14.31 -2.00
N THR A 50 11.76 -14.21 -3.32
CA THR A 50 12.83 -14.24 -4.33
C THR A 50 13.80 -13.06 -4.12
N LEU A 51 13.56 -11.99 -4.88
CA LEU A 51 14.33 -10.73 -4.86
C LEU A 51 13.79 -9.76 -5.93
N LYS A 52 12.47 -9.77 -6.06
CA LYS A 52 11.76 -8.94 -7.06
C LYS A 52 10.72 -8.02 -6.40
N GLU A 53 9.95 -8.58 -5.47
CA GLU A 53 9.04 -7.83 -4.59
C GLU A 53 9.78 -7.06 -3.47
N THR A 54 10.69 -6.19 -3.88
CA THR A 54 11.57 -5.37 -2.98
C THR A 54 12.12 -4.13 -3.72
N SER A 55 11.27 -3.57 -4.57
CA SER A 55 11.57 -2.32 -5.31
C SER A 55 10.58 -1.19 -4.98
N PHE A 56 9.87 -1.38 -3.88
CA PHE A 56 8.81 -0.47 -3.42
C PHE A 56 8.99 -0.09 -1.94
N ASN A 57 9.18 -1.13 -1.14
CA ASN A 57 9.49 -1.04 0.30
C ASN A 57 10.95 -0.63 0.58
N GLN A 58 11.81 -0.93 -0.37
CA GLN A 58 13.26 -0.65 -0.29
C GLN A 58 13.65 0.61 -1.09
N ALA A 59 12.85 0.92 -2.11
CA ALA A 59 13.03 2.14 -2.92
C ALA A 59 12.38 3.35 -2.23
N TYR A 60 11.24 3.09 -1.59
CA TYR A 60 10.48 4.14 -0.91
C TYR A 60 9.97 3.64 0.46
N GLY A 61 10.95 3.52 1.39
CA GLY A 61 10.70 3.10 2.78
C GLY A 61 9.82 4.11 3.55
N ARG A 62 10.00 5.37 3.18
CA ARG A 62 9.21 6.49 3.72
C ARG A 62 7.82 6.63 3.09
N ASP A 63 7.59 5.93 1.97
CA ASP A 63 6.32 5.96 1.25
C ASP A 63 5.32 5.02 1.95
N LEU A 64 4.45 4.34 1.19
CA LEU A 64 3.52 3.30 1.66
C LEU A 64 4.04 2.48 2.86
N MET A 65 5.31 2.08 2.79
CA MET A 65 6.00 1.37 3.86
C MET A 65 5.80 2.00 5.26
N GLU A 66 5.97 3.30 5.31
CA GLU A 66 5.72 4.12 6.52
C GLU A 66 4.28 4.66 6.60
N ALA A 67 3.68 4.95 5.43
CA ALA A 67 2.25 5.31 5.30
C ALA A 67 1.27 4.26 5.86
N GLN A 68 1.77 3.03 5.93
CA GLN A 68 1.06 1.86 6.47
C GLN A 68 1.62 1.42 7.82
N GLU A 69 2.94 1.52 8.02
CA GLU A 69 3.61 1.11 9.28
C GLU A 69 2.93 1.70 10.52
N TRP A 70 2.29 2.85 10.32
CA TRP A 70 1.42 3.54 11.27
C TRP A 70 0.07 2.80 11.41
N CYS A 71 0.20 1.50 11.67
CA CYS A 71 -0.92 0.58 11.92
C CYS A 71 -1.50 0.79 13.33
N ARG A 72 -0.60 1.00 14.28
CA ARG A 72 -0.99 1.36 15.66
C ARG A 72 -1.57 2.79 15.79
N LYS A 73 -1.61 3.49 14.67
CA LYS A 73 -2.12 4.86 14.53
C LYS A 73 -3.38 4.90 13.66
N TYR A 74 -3.38 4.24 12.51
CA TYR A 74 -4.58 4.11 11.66
C TYR A 74 -5.62 3.06 12.16
N MET A 75 -5.18 2.18 13.06
CA MET A 75 -5.99 1.05 13.58
C MET A 75 -6.44 1.26 15.03
N LYS A 76 -5.69 2.07 15.78
CA LYS A 76 -6.03 2.40 17.17
C LYS A 76 -6.59 3.84 17.27
N SER A 77 -5.88 4.79 16.66
CA SER A 77 -6.36 6.19 16.62
C SER A 77 -7.34 6.38 15.46
N GLY A 78 -7.13 5.63 14.36
CA GLY A 78 -7.95 5.68 13.12
C GLY A 78 -8.14 7.12 12.62
N ASN A 79 -7.20 7.98 12.99
CA ASN A 79 -7.29 9.41 12.73
C ASN A 79 -6.93 9.63 11.27
N VAL A 80 -7.86 10.28 10.57
CA VAL A 80 -7.66 10.69 9.16
C VAL A 80 -6.36 11.51 9.03
N LYS A 81 -5.88 12.10 10.12
CA LYS A 81 -4.54 12.69 10.20
C LYS A 81 -3.37 11.79 9.75
N ASP A 82 -3.57 10.47 9.82
CA ASP A 82 -2.64 9.47 9.26
C ASP A 82 -3.01 9.11 7.81
N LEU A 83 -4.31 9.04 7.53
CA LEU A 83 -4.81 8.72 6.19
C LEU A 83 -4.58 9.84 5.16
N THR A 84 -4.72 11.09 5.58
CA THR A 84 -4.37 12.30 4.79
C THR A 84 -2.92 12.27 4.27
N GLN A 85 -2.05 11.64 5.06
CA GLN A 85 -0.64 11.40 4.68
C GLN A 85 -0.44 10.09 3.91
N ALA A 86 -1.14 9.04 4.34
CA ALA A 86 -1.14 7.73 3.67
C ALA A 86 -1.67 7.84 2.24
N TRP A 87 -2.61 8.75 2.01
CA TRP A 87 -3.17 9.10 0.69
C TRP A 87 -2.10 9.79 -0.17
N ASP A 88 -1.31 10.65 0.46
CA ASP A 88 -0.17 11.32 -0.22
C ASP A 88 0.80 10.22 -0.65
N LEU A 89 1.25 9.38 0.27
CA LEU A 89 2.22 8.33 -0.04
C LEU A 89 1.67 7.27 -1.02
N TYR A 90 0.39 6.97 -0.88
CA TYR A 90 -0.34 6.03 -1.75
C TYR A 90 -0.51 6.56 -3.17
N TYR A 91 -0.90 7.82 -3.28
CA TYR A 91 -1.05 8.55 -4.55
C TYR A 91 0.29 8.95 -5.19
N HIS A 92 1.22 9.42 -4.36
CA HIS A 92 2.60 9.77 -4.75
C HIS A 92 3.35 8.53 -5.26
N VAL A 93 3.09 7.39 -4.62
CA VAL A 93 3.67 6.09 -5.01
C VAL A 93 2.85 5.41 -6.11
N PHE A 94 1.59 5.78 -6.24
CA PHE A 94 0.65 5.26 -7.27
C PHE A 94 1.27 5.32 -8.67
N ARG A 95 2.12 6.32 -8.86
CA ARG A 95 2.94 6.51 -10.08
C ARG A 95 4.39 5.95 -9.98
N ARG A 96 4.94 5.92 -8.77
CA ARG A 96 6.30 5.44 -8.45
C ARG A 96 6.39 3.92 -8.61
N ILE A 97 5.63 3.22 -7.77
CA ILE A 97 5.47 1.75 -7.84
C ILE A 97 4.72 1.30 -9.09
N SER A 98 4.14 2.26 -9.80
CA SER A 98 3.47 2.02 -11.09
C SER A 98 4.49 1.57 -12.14
N LYS A 99 5.16 2.56 -12.73
CA LYS A 99 6.16 2.37 -13.80
C LYS A 99 6.97 3.66 -14.02
N GLN A 100 7.51 4.18 -12.91
CA GLN A 100 8.43 5.34 -12.98
C GLN A 100 9.67 5.10 -13.90
N GLU A 1 10.72 -20.47 -12.87
CA GLU A 1 10.05 -19.37 -13.59
C GLU A 1 8.59 -19.17 -13.15
N LEU A 2 8.18 -17.89 -13.11
CA LEU A 2 6.81 -17.48 -12.72
C LEU A 2 6.40 -18.24 -11.45
N ILE A 3 7.14 -17.96 -10.37
CA ILE A 3 6.95 -18.63 -9.06
C ILE A 3 5.48 -18.61 -8.60
N ARG A 4 4.77 -17.61 -9.09
CA ARG A 4 3.34 -17.37 -8.85
C ARG A 4 2.63 -16.89 -10.13
N VAL A 5 2.86 -17.51 -11.29
CA VAL A 5 2.28 -17.06 -12.59
C VAL A 5 2.57 -15.57 -12.93
N ALA A 6 3.72 -15.08 -12.44
CA ALA A 6 4.08 -13.64 -12.46
C ALA A 6 3.02 -12.73 -11.78
N ILE A 7 2.42 -13.24 -10.71
CA ILE A 7 1.44 -12.51 -9.88
C ILE A 7 2.19 -11.78 -8.74
N LEU A 8 3.08 -10.92 -9.18
CA LEU A 8 3.81 -10.04 -8.25
C LEU A 8 2.83 -9.15 -7.47
N TRP A 9 3.36 -8.49 -6.47
CA TRP A 9 2.54 -7.61 -5.63
C TRP A 9 2.38 -6.21 -6.26
N HIS A 10 3.43 -5.68 -6.89
CA HIS A 10 3.39 -4.39 -7.61
C HIS A 10 2.17 -4.27 -8.55
N GLU A 11 1.79 -5.43 -9.08
CA GLU A 11 0.65 -5.64 -10.00
C GLU A 11 -0.67 -5.36 -9.29
N MET A 12 -0.86 -6.04 -8.17
CA MET A 12 -2.03 -5.82 -7.30
C MET A 12 -1.94 -4.47 -6.56
N TRP A 13 -0.75 -3.87 -6.44
CA TRP A 13 -0.54 -2.57 -5.80
C TRP A 13 -1.11 -1.41 -6.62
N HIS A 14 -1.01 -1.54 -7.96
CA HIS A 14 -1.56 -0.56 -8.91
C HIS A 14 -3.04 -0.27 -8.64
N GLU A 15 -3.82 -1.34 -8.69
CA GLU A 15 -5.27 -1.30 -8.42
C GLU A 15 -5.58 -1.42 -6.93
N GLY A 16 -4.81 -2.20 -6.18
CA GLY A 16 -4.99 -2.33 -4.72
C GLY A 16 -4.88 -0.98 -3.99
N LEU A 17 -4.08 -0.08 -4.56
CA LEU A 17 -4.01 1.31 -4.10
C LEU A 17 -5.13 2.19 -4.65
N GLU A 18 -5.57 1.88 -5.88
CA GLU A 18 -6.68 2.56 -6.56
C GLU A 18 -8.04 2.17 -5.92
N GLU A 19 -8.33 0.88 -5.80
CA GLU A 19 -9.55 0.33 -5.18
C GLU A 19 -9.69 0.81 -3.72
N ALA A 20 -8.56 0.87 -3.02
CA ALA A 20 -8.50 1.44 -1.66
C ALA A 20 -8.69 2.96 -1.66
N SER A 21 -7.79 3.66 -2.34
CA SER A 21 -7.84 5.13 -2.46
C SER A 21 -9.19 5.63 -3.01
N ARG A 22 -9.83 4.83 -3.86
CA ARG A 22 -11.15 5.11 -4.44
C ARG A 22 -12.28 4.81 -3.44
N LEU A 23 -12.04 3.89 -2.51
CA LEU A 23 -12.95 3.66 -1.38
C LEU A 23 -13.05 4.89 -0.46
N TYR A 24 -12.00 5.71 -0.42
CA TYR A 24 -11.99 6.98 0.33
C TYR A 24 -12.19 8.22 -0.55
N PHE A 25 -11.44 8.33 -1.63
CA PHE A 25 -11.54 9.43 -2.61
C PHE A 25 -12.83 9.43 -3.45
N GLY A 26 -13.57 8.32 -3.33
CA GLY A 26 -14.86 8.12 -4.01
C GLY A 26 -16.01 7.88 -3.03
N GLU A 27 -15.76 7.06 -2.00
CA GLU A 27 -16.81 6.69 -1.04
C GLU A 27 -16.56 7.18 0.40
N ARG A 28 -15.45 7.90 0.59
CA ARG A 28 -14.95 8.37 1.91
C ARG A 28 -14.96 7.30 3.01
N ASN A 29 -14.75 6.08 2.55
CA ASN A 29 -14.86 4.89 3.38
C ASN A 29 -13.46 4.28 3.50
N VAL A 30 -12.69 4.95 4.34
CA VAL A 30 -11.34 4.47 4.75
C VAL A 30 -11.44 3.08 5.40
N LYS A 31 -12.61 2.74 5.92
CA LYS A 31 -12.91 1.40 6.44
C LYS A 31 -12.85 0.33 5.32
N GLY A 32 -13.45 0.67 4.17
CA GLY A 32 -13.46 -0.22 3.00
C GLY A 32 -12.06 -0.40 2.40
N MET A 33 -11.36 0.71 2.20
CA MET A 33 -9.98 0.72 1.67
C MET A 33 -9.01 -0.11 2.52
N PHE A 34 -9.31 -0.08 3.81
CA PHE A 34 -8.60 -0.84 4.84
C PHE A 34 -8.73 -2.35 4.65
N GLU A 35 -9.74 -2.81 3.90
CA GLU A 35 -9.94 -4.24 3.58
C GLU A 35 -9.08 -4.69 2.38
N VAL A 36 -8.93 -3.84 1.38
CA VAL A 36 -8.08 -4.13 0.19
C VAL A 36 -6.59 -3.79 0.44
N LEU A 37 -6.34 -2.83 1.34
CA LEU A 37 -4.99 -2.47 1.79
C LEU A 37 -4.51 -3.30 2.99
N GLU A 38 -5.44 -3.93 3.72
CA GLU A 38 -5.13 -4.92 4.78
C GLU A 38 -4.23 -6.05 4.26
N PRO A 39 -4.59 -6.76 3.17
CA PRO A 39 -3.70 -7.78 2.59
C PRO A 39 -2.48 -7.13 1.93
N LEU A 40 -2.59 -5.92 1.38
CA LEU A 40 -1.45 -5.20 0.78
C LEU A 40 -0.37 -4.78 1.78
N HIS A 41 -0.78 -4.68 3.05
CA HIS A 41 0.09 -4.46 4.21
C HIS A 41 0.86 -5.75 4.62
N ALA A 42 0.16 -6.88 4.59
CA ALA A 42 0.74 -8.18 4.98
C ALA A 42 1.50 -8.85 3.84
N MET A 43 0.92 -8.73 2.64
CA MET A 43 1.51 -9.10 1.35
C MET A 43 2.77 -8.27 1.04
N MET A 44 3.05 -7.22 1.78
CA MET A 44 4.30 -6.46 1.60
C MET A 44 5.40 -6.88 2.58
N GLU A 45 4.95 -7.44 3.71
CA GLU A 45 5.82 -7.79 4.84
C GLU A 45 6.26 -9.26 4.74
N ARG A 46 5.38 -10.13 4.25
CA ARG A 46 5.67 -11.58 4.04
C ARG A 46 7.06 -11.83 3.45
N GLY A 47 7.48 -10.93 2.55
CA GLY A 47 8.85 -10.86 2.05
C GLY A 47 8.87 -10.77 0.52
N PRO A 48 9.77 -9.96 -0.05
CA PRO A 48 9.91 -9.87 -1.51
C PRO A 48 10.38 -11.19 -2.16
N GLN A 49 11.05 -12.04 -1.35
CA GLN A 49 11.64 -13.32 -1.77
C GLN A 49 12.73 -13.12 -2.83
N THR A 50 12.29 -13.08 -4.09
CA THR A 50 13.11 -12.80 -5.30
C THR A 50 13.77 -11.41 -5.16
N LEU A 51 13.21 -10.43 -5.87
CA LEU A 51 13.63 -9.01 -5.91
C LEU A 51 12.80 -8.20 -6.93
N LYS A 52 11.52 -8.55 -6.99
CA LYS A 52 10.58 -7.96 -7.96
C LYS A 52 9.43 -7.22 -7.26
N GLU A 53 8.88 -7.87 -6.24
CA GLU A 53 7.78 -7.30 -5.41
C GLU A 53 8.36 -6.47 -4.24
N THR A 54 9.11 -5.42 -4.60
CA THR A 54 9.78 -4.44 -3.69
C THR A 54 10.34 -3.25 -4.49
N SER A 55 9.43 -2.51 -5.13
CA SER A 55 9.79 -1.28 -5.87
C SER A 55 9.78 -0.05 -4.96
N PHE A 56 8.69 0.11 -4.23
CA PHE A 56 8.55 1.17 -3.22
C PHE A 56 9.41 0.87 -1.99
N ASN A 57 9.38 -0.38 -1.51
CA ASN A 57 10.14 -0.77 -0.31
C ASN A 57 11.66 -0.59 -0.50
N GLN A 58 12.08 -0.56 -1.77
CA GLN A 58 13.47 -0.28 -2.15
C GLN A 58 13.88 1.16 -1.79
N ALA A 59 13.14 2.15 -2.29
CA ALA A 59 13.47 3.58 -2.11
C ALA A 59 12.37 4.38 -1.37
N TYR A 60 11.15 4.17 -1.83
CA TYR A 60 9.88 4.70 -1.26
C TYR A 60 9.44 3.90 0.00
N GLY A 61 10.44 3.53 0.81
CA GLY A 61 10.28 2.87 2.13
C GLY A 61 9.55 3.75 3.16
N ARG A 62 9.36 5.02 2.81
CA ARG A 62 8.65 6.01 3.64
C ARG A 62 7.24 6.31 3.13
N ASP A 63 6.88 5.67 2.02
CA ASP A 63 5.59 5.87 1.33
C ASP A 63 4.60 4.82 1.85
N LEU A 64 3.89 4.12 0.96
CA LEU A 64 2.99 2.99 1.28
C LEU A 64 3.52 2.06 2.39
N MET A 65 4.80 1.73 2.32
CA MET A 65 5.53 0.95 3.35
C MET A 65 5.18 1.40 4.78
N GLU A 66 5.39 2.68 5.05
CA GLU A 66 5.00 3.32 6.33
C GLU A 66 3.53 3.76 6.38
N ALA A 67 2.98 4.10 5.23
CA ALA A 67 1.57 4.50 5.05
C ALA A 67 0.58 3.42 5.54
N GLN A 68 1.06 2.16 5.53
CA GLN A 68 0.35 1.01 6.10
C GLN A 68 1.00 0.50 7.41
N GLU A 69 2.33 0.59 7.53
CA GLU A 69 3.08 0.16 8.73
C GLU A 69 2.54 0.84 10.00
N TRP A 70 1.89 1.99 9.81
CA TRP A 70 1.15 2.67 10.87
C TRP A 70 -0.21 1.98 11.13
N CYS A 71 -0.19 0.65 11.19
CA CYS A 71 -1.37 -0.18 11.46
C CYS A 71 -1.63 -0.22 12.96
N ARG A 72 -0.61 -0.61 13.73
CA ARG A 72 -0.68 -0.58 15.21
C ARG A 72 -0.98 0.81 15.80
N LYS A 73 -0.68 1.84 14.99
CA LYS A 73 -1.01 3.24 15.27
C LYS A 73 -2.43 3.61 14.78
N TYR A 74 -2.78 3.29 13.53
CA TYR A 74 -4.12 3.53 12.97
C TYR A 74 -5.23 2.66 13.58
N MET A 75 -4.83 1.59 14.27
CA MET A 75 -5.71 0.64 15.00
C MET A 75 -6.13 1.15 16.39
N LYS A 76 -5.16 1.63 17.16
CA LYS A 76 -5.41 2.14 18.52
C LYS A 76 -5.59 3.66 18.58
N SER A 77 -4.69 4.37 17.89
CA SER A 77 -4.80 5.83 17.72
C SER A 77 -5.96 6.17 16.78
N GLY A 78 -6.17 5.36 15.72
CA GLY A 78 -7.28 5.56 14.77
C GLY A 78 -7.39 7.00 14.26
N ASN A 79 -6.22 7.63 14.18
CA ASN A 79 -6.09 9.04 13.86
C ASN A 79 -5.75 9.14 12.38
N VAL A 80 -6.66 9.83 11.68
CA VAL A 80 -6.47 10.21 10.27
C VAL A 80 -5.14 10.97 10.09
N LYS A 81 -4.49 11.39 11.17
CA LYS A 81 -3.13 11.96 11.16
C LYS A 81 -2.07 11.05 10.51
N ASP A 82 -2.31 9.73 10.57
CA ASP A 82 -1.56 8.72 9.79
C ASP A 82 -2.05 8.57 8.34
N LEU A 83 -3.36 8.62 8.16
CA LEU A 83 -4.01 8.47 6.84
C LEU A 83 -3.83 9.70 5.93
N THR A 84 -3.98 10.91 6.47
CA THR A 84 -3.72 12.20 5.79
C THR A 84 -2.31 12.27 5.17
N GLN A 85 -1.38 11.61 5.87
CA GLN A 85 0.03 11.48 5.43
C GLN A 85 0.22 10.32 4.45
N ALA A 86 -0.40 9.19 4.80
CA ALA A 86 -0.54 8.01 3.92
C ALA A 86 -1.20 8.38 2.59
N TRP A 87 -2.03 9.41 2.57
CA TRP A 87 -2.73 9.91 1.37
C TRP A 87 -1.74 10.53 0.38
N ASP A 88 -0.90 11.41 0.92
CA ASP A 88 0.18 12.03 0.13
C ASP A 88 1.24 10.97 -0.24
N LEU A 89 1.48 10.00 0.62
CA LEU A 89 2.43 8.89 0.36
C LEU A 89 1.92 7.90 -0.71
N TYR A 90 0.69 7.45 -0.53
CA TYR A 90 -0.05 6.59 -1.47
C TYR A 90 -0.25 7.26 -2.82
N TYR A 91 -0.55 8.55 -2.83
CA TYR A 91 -0.70 9.37 -4.05
C TYR A 91 0.66 9.68 -4.72
N HIS A 92 1.64 10.08 -3.92
CA HIS A 92 3.01 10.41 -4.37
C HIS A 92 3.67 9.18 -5.00
N VAL A 93 3.38 8.03 -4.40
CA VAL A 93 3.84 6.73 -4.89
C VAL A 93 2.92 6.18 -5.99
N PHE A 94 1.62 6.44 -5.94
CA PHE A 94 0.61 6.05 -6.95
C PHE A 94 1.12 6.19 -8.39
N ARG A 95 1.92 7.24 -8.60
CA ARG A 95 2.58 7.55 -9.87
C ARG A 95 3.96 6.88 -10.06
N ARG A 96 4.70 6.79 -8.96
CA ARG A 96 6.01 6.14 -8.86
C ARG A 96 5.96 4.62 -9.05
N ILE A 97 5.30 3.94 -8.13
CA ILE A 97 5.03 2.48 -8.24
C ILE A 97 4.23 2.12 -9.50
N SER A 98 3.55 3.12 -10.06
CA SER A 98 2.80 3.01 -11.32
C SER A 98 3.73 2.59 -12.47
N LYS A 99 4.74 3.43 -12.74
CA LYS A 99 5.73 3.20 -13.81
C LYS A 99 6.89 4.22 -13.77
N GLN A 100 7.53 4.32 -12.61
CA GLN A 100 8.64 5.29 -12.43
C GLN A 100 9.75 5.19 -13.50
N GLU A 1 -1.58 -16.97 -13.11
CA GLU A 1 -0.59 -17.23 -14.18
C GLU A 1 0.76 -17.75 -13.64
N LEU A 2 1.46 -16.89 -12.87
CA LEU A 2 2.76 -17.17 -12.23
C LEU A 2 3.65 -18.14 -13.07
N ILE A 3 4.12 -17.61 -14.19
CA ILE A 3 4.91 -18.41 -15.14
C ILE A 3 6.41 -18.12 -14.97
N ARG A 4 6.74 -16.85 -15.08
CA ARG A 4 8.11 -16.32 -14.97
C ARG A 4 8.19 -15.11 -14.03
N VAL A 5 7.19 -14.24 -14.16
CA VAL A 5 7.04 -13.03 -13.33
C VAL A 5 6.78 -13.43 -11.86
N ALA A 6 6.08 -14.55 -11.71
CA ALA A 6 5.68 -15.14 -10.41
C ALA A 6 4.78 -14.17 -9.63
N ILE A 7 3.88 -13.51 -10.39
CA ILE A 7 2.94 -12.47 -9.94
C ILE A 7 3.54 -11.62 -8.80
N LEU A 8 4.37 -10.67 -9.19
CA LEU A 8 5.06 -9.84 -8.18
C LEU A 8 4.07 -9.02 -7.33
N TRP A 9 4.61 -8.30 -6.36
CA TRP A 9 3.80 -7.44 -5.48
C TRP A 9 3.57 -6.03 -6.03
N HIS A 10 4.62 -5.47 -6.63
CA HIS A 10 4.57 -4.21 -7.41
C HIS A 10 3.40 -4.18 -8.43
N GLU A 11 3.14 -5.35 -8.99
CA GLU A 11 2.09 -5.58 -10.00
C GLU A 11 0.69 -5.34 -9.40
N MET A 12 0.44 -6.02 -8.28
CA MET A 12 -0.82 -5.83 -7.56
C MET A 12 -0.88 -4.42 -6.97
N TRP A 13 0.23 -3.90 -6.42
CA TRP A 13 0.34 -2.56 -5.81
C TRP A 13 -0.46 -1.47 -6.53
N HIS A 14 -0.39 -1.53 -7.87
CA HIS A 14 -1.24 -0.72 -8.76
C HIS A 14 -2.73 -0.79 -8.39
N GLU A 15 -3.35 -1.94 -8.61
CA GLU A 15 -4.77 -2.20 -8.25
C GLU A 15 -4.99 -2.30 -6.74
N GLY A 16 -4.07 -2.92 -6.01
CA GLY A 16 -4.14 -3.10 -4.55
C GLY A 16 -4.29 -1.76 -3.85
N LEU A 17 -3.64 -0.75 -4.43
CA LEU A 17 -3.79 0.66 -4.05
C LEU A 17 -4.95 1.35 -4.76
N GLU A 18 -5.28 0.93 -5.98
CA GLU A 18 -6.40 1.50 -6.77
C GLU A 18 -7.76 1.12 -6.15
N GLU A 19 -7.96 -0.17 -5.92
CA GLU A 19 -9.17 -0.72 -5.26
C GLU A 19 -9.33 -0.19 -3.82
N ALA A 20 -8.26 0.36 -3.26
CA ALA A 20 -8.24 1.04 -1.96
C ALA A 20 -8.47 2.54 -2.06
N SER A 21 -7.51 3.23 -2.69
CA SER A 21 -7.53 4.67 -2.95
C SER A 21 -8.81 5.10 -3.70
N ARG A 22 -9.44 4.18 -4.43
CA ARG A 22 -10.74 4.38 -5.07
C ARG A 22 -11.90 4.33 -4.06
N LEU A 23 -11.74 3.59 -2.97
CA LEU A 23 -12.74 3.53 -1.90
C LEU A 23 -12.72 4.82 -1.07
N TYR A 24 -11.54 5.37 -0.83
CA TYR A 24 -11.40 6.69 -0.18
C TYR A 24 -11.71 7.87 -1.13
N PHE A 25 -10.96 7.95 -2.23
CA PHE A 25 -11.13 9.01 -3.24
C PHE A 25 -12.37 8.87 -4.13
N GLY A 26 -13.19 7.84 -3.84
CA GLY A 26 -14.43 7.54 -4.58
C GLY A 26 -15.66 7.48 -3.67
N GLU A 27 -15.48 6.98 -2.45
CA GLU A 27 -16.57 6.86 -1.46
C GLU A 27 -16.14 7.15 0.00
N ARG A 28 -15.03 7.88 0.15
CA ARG A 28 -14.37 8.19 1.43
C ARG A 28 -14.36 7.05 2.47
N ASN A 29 -14.28 5.85 1.91
CA ASN A 29 -14.37 4.61 2.69
C ASN A 29 -12.94 4.18 3.02
N VAL A 30 -12.37 4.98 3.90
CA VAL A 30 -11.00 4.77 4.42
C VAL A 30 -10.92 3.41 5.14
N LYS A 31 -11.97 3.12 5.91
CA LYS A 31 -12.18 1.79 6.53
C LYS A 31 -12.22 0.66 5.46
N GLY A 32 -12.82 0.98 4.31
CA GLY A 32 -12.95 0.05 3.17
C GLY A 32 -11.58 -0.23 2.52
N MET A 33 -10.90 0.84 2.13
CA MET A 33 -9.55 0.75 1.51
C MET A 33 -8.53 0.01 2.38
N PHE A 34 -8.73 0.17 3.68
CA PHE A 34 -7.97 -0.49 4.76
C PHE A 34 -8.09 -2.02 4.74
N GLU A 35 -9.15 -2.53 4.11
CA GLU A 35 -9.38 -3.98 3.94
C GLU A 35 -8.59 -4.57 2.76
N VAL A 36 -8.52 -3.83 1.65
CA VAL A 36 -7.73 -4.24 0.47
C VAL A 36 -6.23 -3.87 0.62
N LEU A 37 -5.96 -2.92 1.50
CA LEU A 37 -4.60 -2.50 1.90
C LEU A 37 -4.03 -3.28 3.08
N GLU A 38 -4.90 -3.92 3.85
CA GLU A 38 -4.52 -4.89 4.89
C GLU A 38 -3.56 -5.97 4.35
N PRO A 39 -3.88 -6.66 3.24
CA PRO A 39 -2.91 -7.59 2.62
C PRO A 39 -1.76 -6.85 1.94
N LEU A 40 -1.94 -5.58 1.58
CA LEU A 40 -0.88 -4.76 0.95
C LEU A 40 0.22 -4.30 1.93
N HIS A 41 -0.05 -4.51 3.22
CA HIS A 41 0.96 -4.34 4.28
C HIS A 41 1.62 -5.67 4.67
N ALA A 42 0.83 -6.75 4.62
CA ALA A 42 1.30 -8.11 4.97
C ALA A 42 2.07 -8.78 3.82
N MET A 43 1.60 -8.55 2.59
CA MET A 43 2.27 -8.91 1.33
C MET A 43 3.61 -8.18 1.15
N MET A 44 3.91 -7.20 1.99
CA MET A 44 5.22 -6.53 1.94
C MET A 44 6.02 -6.67 3.24
N GLU A 45 5.43 -7.41 4.19
CA GLU A 45 6.04 -7.67 5.51
C GLU A 45 6.36 -9.15 5.73
N ARG A 46 5.55 -10.05 5.17
CA ARG A 46 5.75 -11.51 5.21
C ARG A 46 7.19 -11.93 4.84
N GLY A 47 7.81 -11.12 3.97
CA GLY A 47 9.21 -11.31 3.56
C GLY A 47 9.33 -11.48 2.04
N PRO A 48 10.40 -10.92 1.44
CA PRO A 48 10.64 -11.09 -0.01
C PRO A 48 11.06 -12.53 -0.31
N GLN A 49 10.56 -13.02 -1.44
CA GLN A 49 10.90 -14.38 -1.91
C GLN A 49 12.19 -14.37 -2.75
N THR A 50 12.02 -14.21 -4.07
CA THR A 50 13.10 -14.21 -5.08
C THR A 50 14.07 -13.04 -4.81
N LEU A 51 13.79 -11.93 -5.50
CA LEU A 51 14.54 -10.66 -5.45
C LEU A 51 14.04 -9.70 -6.55
N LYS A 52 12.73 -9.73 -6.76
CA LYS A 52 12.08 -8.94 -7.83
C LYS A 52 11.00 -8.01 -7.26
N GLU A 53 10.14 -8.59 -6.43
CA GLU A 53 9.08 -7.86 -5.69
C GLU A 53 9.61 -7.20 -4.40
N THR A 54 10.57 -6.30 -4.58
CA THR A 54 11.28 -5.60 -3.48
C THR A 54 11.94 -4.29 -3.99
N SER A 55 11.23 -3.59 -4.86
CA SER A 55 11.67 -2.29 -5.40
C SER A 55 10.81 -1.12 -4.90
N PHE A 56 10.04 -1.44 -3.86
CA PHE A 56 9.04 -0.58 -3.22
C PHE A 56 9.22 -0.53 -1.70
N ASN A 57 9.46 -1.68 -1.06
CA ASN A 57 9.84 -1.65 0.37
C ASN A 57 11.26 -1.10 0.61
N GLN A 58 12.10 -1.24 -0.41
CA GLN A 58 13.50 -0.77 -0.41
C GLN A 58 13.71 0.74 -0.64
N ALA A 59 12.77 1.32 -1.39
CA ALA A 59 12.82 2.76 -1.75
C ALA A 59 11.62 3.51 -1.16
N TYR A 60 10.44 3.01 -1.52
CA TYR A 60 9.11 3.52 -1.07
C TYR A 60 8.73 2.86 0.29
N GLY A 61 9.73 2.77 1.16
CA GLY A 61 9.59 2.25 2.54
C GLY A 61 8.77 3.19 3.43
N ARG A 62 8.76 4.47 3.04
CA ARG A 62 8.02 5.56 3.69
C ARG A 62 6.50 5.49 3.55
N ASP A 63 6.03 4.84 2.47
CA ASP A 63 4.59 4.62 2.26
C ASP A 63 4.27 3.17 2.66
N LEU A 64 3.10 2.65 2.26
CA LEU A 64 2.64 1.25 2.45
C LEU A 64 3.07 0.59 3.77
N MET A 65 4.27 0.03 3.79
CA MET A 65 4.94 -0.48 5.01
C MET A 65 4.80 0.51 6.19
N GLU A 66 5.18 1.77 5.95
CA GLU A 66 5.01 2.88 6.90
C GLU A 66 3.64 3.56 6.84
N ALA A 67 3.00 3.57 5.68
CA ALA A 67 1.65 4.17 5.55
C ALA A 67 0.54 3.36 6.25
N GLN A 68 0.89 2.12 6.61
CA GLN A 68 0.06 1.21 7.42
C GLN A 68 0.66 0.92 8.81
N GLU A 69 1.99 0.88 8.94
CA GLU A 69 2.69 0.64 10.22
C GLU A 69 2.09 1.46 11.38
N TRP A 70 1.59 2.64 11.02
CA TRP A 70 0.78 3.51 11.90
C TRP A 70 -0.60 2.88 12.18
N CYS A 71 -0.58 1.61 12.58
CA CYS A 71 -1.77 0.81 12.95
C CYS A 71 -2.13 1.04 14.42
N ARG A 72 -1.12 0.96 15.28
CA ARG A 72 -1.23 1.33 16.71
C ARG A 72 -1.69 2.78 16.94
N LYS A 73 -1.47 3.60 15.92
CA LYS A 73 -1.93 5.00 15.90
C LYS A 73 -3.25 5.16 15.16
N TYR A 74 -3.43 4.54 14.01
CA TYR A 74 -4.73 4.56 13.29
C TYR A 74 -5.87 3.80 14.01
N MET A 75 -5.48 2.93 14.95
CA MET A 75 -6.41 2.13 15.77
C MET A 75 -6.76 2.82 17.10
N LYS A 76 -5.75 3.18 17.87
CA LYS A 76 -5.95 3.87 19.16
C LYS A 76 -6.20 5.38 19.03
N SER A 77 -5.36 6.02 18.22
CA SER A 77 -5.52 7.46 17.93
C SER A 77 -6.68 7.64 16.95
N GLY A 78 -6.81 6.73 15.95
CA GLY A 78 -7.90 6.72 14.96
C GLY A 78 -8.12 8.08 14.30
N ASN A 79 -7.04 8.85 14.27
CA ASN A 79 -7.09 10.25 13.87
C ASN A 79 -6.68 10.29 12.40
N VAL A 80 -7.61 10.84 11.61
CA VAL A 80 -7.39 11.11 10.18
C VAL A 80 -6.09 11.93 9.97
N LYS A 81 -5.60 12.59 11.01
CA LYS A 81 -4.28 13.23 11.00
C LYS A 81 -3.11 12.30 10.59
N ASP A 82 -3.26 11.00 10.84
CA ASP A 82 -2.36 9.96 10.30
C ASP A 82 -2.71 9.51 8.88
N LEU A 83 -4.01 9.41 8.62
CA LEU A 83 -4.53 8.96 7.33
C LEU A 83 -4.33 9.99 6.21
N THR A 84 -4.52 11.27 6.52
CA THR A 84 -4.25 12.41 5.61
C THR A 84 -2.82 12.37 5.06
N GLN A 85 -1.91 11.89 5.90
CA GLN A 85 -0.50 11.64 5.53
C GLN A 85 -0.28 10.31 4.80
N ALA A 86 -0.90 9.24 5.31
CA ALA A 86 -0.89 7.92 4.65
C ALA A 86 -1.44 7.99 3.21
N TRP A 87 -2.49 8.81 3.02
CA TRP A 87 -3.05 9.15 1.70
C TRP A 87 -2.00 9.82 0.81
N ASP A 88 -1.20 10.70 1.40
CA ASP A 88 -0.12 11.40 0.69
C ASP A 88 0.97 10.39 0.28
N LEU A 89 1.28 9.43 1.16
CA LEU A 89 2.25 8.36 0.89
C LEU A 89 1.74 7.36 -0.17
N TYR A 90 0.49 6.95 -0.03
CA TYR A 90 -0.25 6.10 -0.98
C TYR A 90 -0.40 6.74 -2.36
N TYR A 91 -0.78 8.01 -2.38
CA TYR A 91 -0.94 8.82 -3.61
C TYR A 91 0.39 9.22 -4.27
N HIS A 92 1.34 9.65 -3.45
CA HIS A 92 2.72 9.97 -3.90
C HIS A 92 3.41 8.72 -4.48
N VAL A 93 3.14 7.57 -3.86
CA VAL A 93 3.66 6.29 -4.35
C VAL A 93 2.85 5.76 -5.53
N PHE A 94 1.57 6.12 -5.57
CA PHE A 94 0.61 5.73 -6.61
C PHE A 94 1.14 6.03 -8.03
N ARG A 95 2.04 7.00 -8.11
CA ARG A 95 2.83 7.33 -9.32
C ARG A 95 4.21 6.65 -9.39
N ARG A 96 4.84 6.46 -8.24
CA ARG A 96 6.17 5.83 -8.05
C ARG A 96 6.12 4.33 -8.41
N ILE A 97 5.43 3.56 -7.57
CA ILE A 97 5.12 2.12 -7.77
C ILE A 97 4.31 1.85 -9.05
N SER A 98 3.67 2.90 -9.56
CA SER A 98 2.92 2.89 -10.82
C SER A 98 3.84 2.52 -11.99
N LYS A 99 4.73 3.45 -12.32
CA LYS A 99 5.63 3.40 -13.48
C LYS A 99 6.49 4.67 -13.54
N GLN A 100 7.18 4.97 -12.44
CA GLN A 100 8.12 6.11 -12.38
C GLN A 100 9.06 6.18 -13.61
N GLU A 1 -1.21 -15.61 -10.79
CA GLU A 1 -0.96 -16.15 -12.14
C GLU A 1 0.49 -16.55 -12.42
N LEU A 2 1.42 -15.70 -11.97
CA LEU A 2 2.89 -15.89 -12.08
C LEU A 2 3.32 -16.62 -13.37
N ILE A 3 3.26 -15.86 -14.46
CA ILE A 3 3.59 -16.40 -15.79
C ILE A 3 5.01 -16.00 -16.25
N ARG A 4 5.37 -14.76 -15.93
CA ARG A 4 6.66 -14.15 -16.32
C ARG A 4 7.23 -13.30 -15.17
N VAL A 5 6.50 -12.25 -14.84
CA VAL A 5 6.85 -11.35 -13.71
C VAL A 5 6.75 -12.05 -12.35
N ALA A 6 6.01 -13.16 -12.34
CA ALA A 6 5.67 -13.99 -11.17
C ALA A 6 4.72 -13.26 -10.22
N ILE A 7 3.87 -12.42 -10.80
CA ILE A 7 2.89 -11.54 -10.11
C ILE A 7 3.40 -11.16 -8.72
N LEU A 8 4.41 -10.30 -8.73
CA LEU A 8 5.07 -9.90 -7.46
C LEU A 8 4.07 -9.14 -6.56
N TRP A 9 4.60 -8.38 -5.61
CA TRP A 9 3.74 -7.52 -4.77
C TRP A 9 3.62 -6.08 -5.31
N HIS A 10 4.63 -5.68 -6.09
CA HIS A 10 4.62 -4.40 -6.85
C HIS A 10 3.45 -4.35 -7.86
N GLU A 11 3.15 -5.52 -8.44
CA GLU A 11 2.12 -5.67 -9.49
C GLU A 11 0.70 -5.55 -8.92
N MET A 12 0.53 -6.16 -7.75
CA MET A 12 -0.72 -6.10 -6.98
C MET A 12 -0.85 -4.77 -6.20
N TRP A 13 0.15 -3.90 -6.32
CA TRP A 13 0.17 -2.57 -5.69
C TRP A 13 -0.53 -1.49 -6.51
N HIS A 14 -0.44 -1.62 -7.84
CA HIS A 14 -1.10 -0.69 -8.78
C HIS A 14 -2.62 -0.62 -8.54
N GLU A 15 -3.21 -1.81 -8.43
CA GLU A 15 -4.64 -1.98 -8.14
C GLU A 15 -4.92 -2.15 -6.64
N GLY A 16 -4.01 -2.82 -5.92
CA GLY A 16 -4.15 -2.99 -4.46
C GLY A 16 -4.18 -1.67 -3.69
N LEU A 17 -3.51 -0.67 -4.27
CA LEU A 17 -3.63 0.71 -3.81
C LEU A 17 -4.80 1.46 -4.45
N GLU A 18 -5.17 1.10 -5.68
CA GLU A 18 -6.31 1.74 -6.37
C GLU A 18 -7.66 1.32 -5.77
N GLU A 19 -7.83 0.04 -5.46
CA GLU A 19 -9.03 -0.50 -4.80
C GLU A 19 -9.16 0.00 -3.35
N ALA A 20 -8.07 0.48 -2.77
CA ALA A 20 -8.04 1.11 -1.43
C ALA A 20 -8.21 2.63 -1.50
N SER A 21 -7.30 3.24 -2.25
CA SER A 21 -7.26 4.69 -2.52
C SER A 21 -8.59 5.18 -3.09
N ARG A 22 -9.25 4.32 -3.86
CA ARG A 22 -10.58 4.62 -4.42
C ARG A 22 -11.66 4.82 -3.34
N LEU A 23 -11.62 3.97 -2.31
CA LEU A 23 -12.55 4.09 -1.18
C LEU A 23 -12.54 5.48 -0.54
N TYR A 24 -11.35 6.06 -0.39
CA TYR A 24 -11.27 7.46 0.06
C TYR A 24 -11.47 8.45 -1.10
N PHE A 25 -10.89 8.11 -2.25
CA PHE A 25 -10.80 8.94 -3.48
C PHE A 25 -12.11 9.65 -3.80
N GLY A 26 -13.20 8.87 -3.62
CA GLY A 26 -14.57 9.37 -3.81
C GLY A 26 -15.59 8.33 -3.34
N GLU A 27 -15.65 8.17 -2.03
CA GLU A 27 -16.61 7.25 -1.37
C GLU A 27 -16.75 7.52 0.13
N ARG A 28 -15.63 7.87 0.77
CA ARG A 28 -15.55 8.22 2.21
C ARG A 28 -15.72 6.95 3.07
N ASN A 29 -15.10 5.87 2.59
CA ASN A 29 -15.14 4.58 3.28
C ASN A 29 -13.72 4.04 3.45
N VAL A 30 -12.97 4.77 4.28
CA VAL A 30 -11.58 4.42 4.65
C VAL A 30 -11.52 3.03 5.33
N LYS A 31 -12.64 2.64 5.94
CA LYS A 31 -12.82 1.29 6.50
C LYS A 31 -12.73 0.20 5.40
N GLY A 32 -13.22 0.52 4.19
CA GLY A 32 -13.21 -0.38 3.02
C GLY A 32 -11.79 -0.64 2.50
N MET A 33 -11.05 0.44 2.28
CA MET A 33 -9.64 0.38 1.85
C MET A 33 -8.77 -0.46 2.79
N PHE A 34 -9.16 -0.38 4.07
CA PHE A 34 -8.52 -1.07 5.19
C PHE A 34 -8.63 -2.59 5.07
N GLU A 35 -9.58 -3.07 4.27
CA GLU A 35 -9.76 -4.49 3.96
C GLU A 35 -8.88 -4.97 2.78
N VAL A 36 -8.55 -4.09 1.85
CA VAL A 36 -7.65 -4.44 0.72
C VAL A 36 -6.17 -4.09 1.03
N LEU A 37 -6.00 -3.13 1.93
CA LEU A 37 -4.69 -2.70 2.47
C LEU A 37 -4.29 -3.46 3.74
N GLU A 38 -5.25 -4.13 4.39
CA GLU A 38 -4.97 -5.10 5.48
C GLU A 38 -4.05 -6.22 4.98
N PRO A 39 -4.46 -7.05 4.00
CA PRO A 39 -3.61 -8.14 3.53
C PRO A 39 -2.41 -7.58 2.74
N LEU A 40 -2.53 -6.39 2.16
CA LEU A 40 -1.40 -5.74 1.48
C LEU A 40 -0.27 -5.25 2.40
N HIS A 41 -0.63 -4.99 3.65
CA HIS A 41 0.33 -4.71 4.74
C HIS A 41 1.04 -6.00 5.22
N ALA A 42 0.29 -7.09 5.32
CA ALA A 42 0.84 -8.39 5.77
C ALA A 42 1.60 -9.14 4.65
N MET A 43 1.00 -9.12 3.46
CA MET A 43 1.58 -9.62 2.20
C MET A 43 2.79 -8.80 1.75
N MET A 44 3.14 -7.72 2.44
CA MET A 44 4.37 -6.96 2.14
C MET A 44 5.46 -7.17 3.21
N GLU A 45 5.03 -7.67 4.38
CA GLU A 45 5.88 -7.92 5.53
C GLU A 45 6.34 -9.39 5.62
N ARG A 46 5.50 -10.33 5.18
CA ARG A 46 5.84 -11.77 5.08
C ARG A 46 7.25 -12.01 4.50
N GLY A 47 7.63 -11.14 3.55
CA GLY A 47 8.96 -11.17 2.94
C GLY A 47 8.92 -11.77 1.53
N PRO A 48 9.83 -11.33 0.65
CA PRO A 48 9.97 -11.92 -0.69
C PRO A 48 10.51 -13.35 -0.63
N GLN A 49 10.85 -13.84 -1.79
CA GLN A 49 11.40 -15.20 -1.99
C GLN A 49 12.61 -15.21 -2.93
N THR A 50 12.36 -14.75 -4.16
CA THR A 50 13.36 -14.62 -5.24
C THR A 50 14.32 -13.45 -4.95
N LEU A 51 14.08 -12.34 -5.65
CA LEU A 51 14.85 -11.08 -5.58
C LEU A 51 14.28 -10.05 -6.59
N LYS A 52 12.96 -10.09 -6.71
CA LYS A 52 12.23 -9.23 -7.68
C LYS A 52 11.17 -8.37 -6.97
N GLU A 53 10.51 -8.97 -5.98
CA GLU A 53 9.56 -8.26 -5.11
C GLU A 53 10.34 -7.54 -4.00
N THR A 54 11.16 -6.58 -4.40
CA THR A 54 12.00 -5.74 -3.49
C THR A 54 12.42 -4.44 -4.23
N SER A 55 11.47 -3.92 -5.00
CA SER A 55 11.64 -2.64 -5.72
C SER A 55 10.64 -1.56 -5.27
N PHE A 56 10.08 -1.79 -4.08
CA PHE A 56 9.03 -0.95 -3.49
C PHE A 56 9.34 -0.57 -2.02
N ASN A 57 9.62 -1.62 -1.25
CA ASN A 57 10.09 -1.55 0.15
C ASN A 57 11.54 -1.09 0.27
N GLN A 58 12.34 -1.40 -0.75
CA GLN A 58 13.75 -0.97 -0.84
C GLN A 58 13.96 0.39 -1.51
N ALA A 59 13.04 0.74 -2.41
CA ALA A 59 13.06 2.04 -3.09
C ALA A 59 12.39 3.12 -2.22
N TYR A 60 11.40 2.71 -1.43
CA TYR A 60 10.60 3.61 -0.59
C TYR A 60 10.12 2.84 0.66
N GLY A 61 11.03 2.67 1.62
CA GLY A 61 10.73 2.04 2.93
C GLY A 61 9.74 2.85 3.78
N ARG A 62 9.64 4.13 3.44
CA ARG A 62 8.76 5.10 4.11
C ARG A 62 7.39 5.29 3.41
N ASP A 63 7.24 4.71 2.22
CA ASP A 63 6.04 4.82 1.37
C ASP A 63 4.79 4.25 2.07
N LEU A 64 3.91 3.60 1.31
CA LEU A 64 2.83 2.74 1.83
C LEU A 64 3.23 1.91 3.07
N MET A 65 4.49 1.47 3.14
CA MET A 65 5.07 0.73 4.27
C MET A 65 4.81 1.43 5.61
N GLU A 66 5.17 2.72 5.67
CA GLU A 66 4.84 3.57 6.83
C GLU A 66 3.43 4.14 6.80
N ALA A 67 2.92 4.40 5.58
CA ALA A 67 1.54 4.87 5.36
C ALA A 67 0.47 3.94 5.94
N GLN A 68 0.83 2.66 6.08
CA GLN A 68 0.01 1.62 6.72
C GLN A 68 0.55 1.21 8.10
N GLU A 69 1.87 1.32 8.31
CA GLU A 69 2.56 0.96 9.58
C GLU A 69 1.97 1.72 10.77
N TRP A 70 1.31 2.83 10.46
CA TRP A 70 0.55 3.62 11.42
C TRP A 70 -0.81 2.94 11.70
N CYS A 71 -0.76 1.62 11.89
CA CYS A 71 -1.94 0.79 12.22
C CYS A 71 -2.29 0.92 13.70
N ARG A 72 -1.32 0.63 14.57
CA ARG A 72 -1.43 0.83 16.03
C ARG A 72 -1.85 2.27 16.41
N LYS A 73 -1.54 3.20 15.49
CA LYS A 73 -1.85 4.63 15.63
C LYS A 73 -3.24 4.93 15.06
N TYR A 74 -3.54 4.44 13.86
CA TYR A 74 -4.88 4.55 13.23
C TYR A 74 -5.96 3.78 14.03
N MET A 75 -5.54 2.79 14.80
CA MET A 75 -6.40 1.93 15.63
C MET A 75 -6.77 2.54 16.99
N LYS A 76 -5.81 3.24 17.58
CA LYS A 76 -6.01 3.86 18.91
C LYS A 76 -6.30 5.36 18.81
N SER A 77 -5.48 6.04 18.00
CA SER A 77 -5.68 7.47 17.66
C SER A 77 -6.87 7.61 16.69
N GLY A 78 -7.05 6.66 15.76
CA GLY A 78 -8.13 6.70 14.75
C GLY A 78 -8.29 8.06 14.04
N ASN A 79 -7.18 8.78 14.02
CA ASN A 79 -7.13 10.14 13.48
C ASN A 79 -6.71 10.07 12.02
N VAL A 80 -7.58 10.66 11.22
CA VAL A 80 -7.32 10.91 9.78
C VAL A 80 -6.02 11.70 9.60
N LYS A 81 -5.46 12.27 10.67
CA LYS A 81 -4.12 12.89 10.65
C LYS A 81 -2.99 11.96 10.18
N ASP A 82 -3.18 10.66 10.38
CA ASP A 82 -2.35 9.61 9.78
C ASP A 82 -2.74 9.34 8.31
N LEU A 83 -4.05 9.28 8.05
CA LEU A 83 -4.60 8.95 6.71
C LEU A 83 -4.42 10.06 5.66
N THR A 84 -4.59 11.31 6.07
CA THR A 84 -4.27 12.53 5.29
C THR A 84 -2.80 12.55 4.80
N GLN A 85 -1.94 11.86 5.53
CA GLN A 85 -0.52 11.64 5.14
C GLN A 85 -0.30 10.31 4.41
N ALA A 86 -1.01 9.27 4.86
CA ALA A 86 -1.03 7.94 4.23
C ALA A 86 -1.51 8.01 2.78
N TRP A 87 -2.52 8.85 2.52
CA TRP A 87 -3.02 9.14 1.16
C TRP A 87 -1.92 9.76 0.30
N ASP A 88 -1.13 10.65 0.94
CA ASP A 88 -0.02 11.31 0.27
C ASP A 88 1.07 10.29 -0.06
N LEU A 89 1.40 9.37 0.87
CA LEU A 89 2.39 8.32 0.62
C LEU A 89 1.90 7.26 -0.37
N TYR A 90 0.64 6.84 -0.22
CA TYR A 90 -0.07 5.93 -1.14
C TYR A 90 -0.10 6.45 -2.57
N TYR A 91 -0.45 7.73 -2.73
CA TYR A 91 -0.49 8.42 -4.04
C TYR A 91 0.90 8.81 -4.57
N HIS A 92 1.73 9.34 -3.68
CA HIS A 92 3.13 9.71 -3.97
C HIS A 92 3.90 8.49 -4.47
N VAL A 93 3.55 7.32 -3.93
CA VAL A 93 4.10 6.03 -4.34
C VAL A 93 3.32 5.33 -5.46
N PHE A 94 2.02 5.63 -5.57
CA PHE A 94 1.11 5.15 -6.64
C PHE A 94 1.71 5.33 -8.04
N ARG A 95 2.64 6.28 -8.15
CA ARG A 95 3.40 6.54 -9.39
C ARG A 95 4.88 6.08 -9.31
N ARG A 96 5.40 5.98 -8.08
CA ARG A 96 6.78 5.57 -7.75
C ARG A 96 6.95 4.06 -7.97
N ILE A 97 6.27 3.28 -7.13
CA ILE A 97 6.26 1.79 -7.23
C ILE A 97 5.64 1.29 -8.53
N SER A 98 4.82 2.16 -9.12
CA SER A 98 4.20 1.93 -10.44
C SER A 98 5.15 2.12 -11.61
N LYS A 99 5.83 3.26 -11.64
CA LYS A 99 6.76 3.67 -12.71
C LYS A 99 6.04 3.80 -14.07
N GLN A 100 4.86 4.42 -14.04
CA GLN A 100 4.03 4.67 -15.25
C GLN A 100 4.83 5.34 -16.40
N GLU A 1 -0.20 -17.08 -15.18
CA GLU A 1 -0.46 -16.67 -13.78
C GLU A 1 0.58 -17.19 -12.78
N LEU A 2 1.41 -16.27 -12.28
CA LEU A 2 2.51 -16.57 -11.33
C LEU A 2 3.34 -17.79 -11.76
N ILE A 3 3.94 -17.63 -12.94
CA ILE A 3 4.71 -18.72 -13.54
C ILE A 3 6.22 -18.46 -13.57
N ARG A 4 6.53 -17.20 -13.87
CA ARG A 4 7.91 -16.69 -13.89
C ARG A 4 8.10 -15.43 -13.03
N VAL A 5 7.22 -14.46 -13.26
CA VAL A 5 7.14 -13.24 -12.43
C VAL A 5 6.80 -13.55 -10.97
N ALA A 6 6.06 -14.65 -10.75
CA ALA A 6 5.57 -15.10 -9.43
C ALA A 6 4.62 -14.09 -8.79
N ILE A 7 3.83 -13.43 -9.65
CA ILE A 7 2.86 -12.35 -9.35
C ILE A 7 3.35 -11.49 -8.16
N LEU A 8 4.18 -10.52 -8.49
CA LEU A 8 4.78 -9.69 -7.44
C LEU A 8 3.72 -8.83 -6.72
N TRP A 9 4.20 -7.96 -5.86
CA TRP A 9 3.31 -7.03 -5.14
C TRP A 9 3.19 -5.69 -5.85
N HIS A 10 4.27 -5.26 -6.51
CA HIS A 10 4.26 -4.05 -7.36
C HIS A 10 3.10 -4.06 -8.38
N GLU A 11 2.75 -5.27 -8.84
CA GLU A 11 1.66 -5.54 -9.80
C GLU A 11 0.28 -5.27 -9.17
N MET A 12 0.06 -5.88 -8.01
CA MET A 12 -1.18 -5.68 -7.26
C MET A 12 -1.24 -4.30 -6.60
N TRP A 13 -0.12 -3.87 -6.01
CA TRP A 13 0.05 -2.61 -5.26
C TRP A 13 -0.45 -1.41 -6.06
N HIS A 14 -0.21 -1.42 -7.37
CA HIS A 14 -0.80 -0.44 -8.31
C HIS A 14 -2.33 -0.30 -8.11
N GLU A 15 -3.06 -1.34 -8.51
CA GLU A 15 -4.52 -1.41 -8.34
C GLU A 15 -4.98 -1.54 -6.87
N GLY A 16 -4.28 -2.31 -6.05
CA GLY A 16 -4.51 -2.46 -4.60
C GLY A 16 -4.46 -1.11 -3.86
N LEU A 17 -3.65 -0.19 -4.40
CA LEU A 17 -3.65 1.21 -4.01
C LEU A 17 -4.84 1.98 -4.54
N GLU A 18 -5.26 1.71 -5.76
CA GLU A 18 -6.44 2.38 -6.32
C GLU A 18 -7.75 1.86 -5.71
N GLU A 19 -7.86 0.54 -5.53
CA GLU A 19 -8.98 -0.13 -4.85
C GLU A 19 -9.08 0.19 -3.34
N ALA A 20 -8.10 0.94 -2.83
CA ALA A 20 -8.08 1.40 -1.43
C ALA A 20 -8.12 2.94 -1.36
N SER A 21 -7.15 3.57 -1.99
CA SER A 21 -7.01 5.03 -2.10
C SER A 21 -8.26 5.64 -2.76
N ARG A 22 -8.94 4.92 -3.65
CA ARG A 22 -10.23 5.33 -4.24
C ARG A 22 -11.41 5.27 -3.25
N LEU A 23 -11.53 4.15 -2.52
CA LEU A 23 -12.52 4.02 -1.43
C LEU A 23 -12.47 5.16 -0.39
N TYR A 24 -11.34 5.84 -0.38
CA TYR A 24 -11.12 7.07 0.41
C TYR A 24 -11.13 8.36 -0.43
N PHE A 25 -10.69 8.26 -1.68
CA PHE A 25 -10.54 9.36 -2.65
C PHE A 25 -11.83 10.15 -2.82
N GLY A 26 -12.92 9.38 -2.98
CA GLY A 26 -14.28 9.93 -3.07
C GLY A 26 -15.36 8.88 -2.82
N GLU A 27 -15.07 7.94 -1.94
CA GLU A 27 -16.07 6.93 -1.53
C GLU A 27 -16.44 7.01 -0.03
N ARG A 28 -15.72 7.85 0.73
CA ARG A 28 -15.88 8.00 2.19
C ARG A 28 -15.99 6.67 2.94
N ASN A 29 -15.30 5.68 2.38
CA ASN A 29 -15.35 4.29 2.85
C ASN A 29 -13.92 3.80 3.11
N VAL A 30 -13.49 4.20 4.29
CA VAL A 30 -12.15 3.86 4.81
C VAL A 30 -12.12 2.41 5.32
N LYS A 31 -13.24 1.97 5.91
CA LYS A 31 -13.44 0.58 6.33
C LYS A 31 -13.29 -0.40 5.15
N GLY A 32 -13.71 0.06 3.97
CA GLY A 32 -13.60 -0.72 2.72
C GLY A 32 -12.17 -0.78 2.19
N MET A 33 -11.54 0.39 2.02
CA MET A 33 -10.12 0.48 1.60
C MET A 33 -9.18 -0.33 2.50
N PHE A 34 -9.60 -0.39 3.76
CA PHE A 34 -8.90 -1.10 4.82
C PHE A 34 -8.95 -2.62 4.60
N GLU A 35 -9.91 -3.10 3.81
CA GLU A 35 -10.04 -4.53 3.48
C GLU A 35 -9.00 -4.96 2.44
N VAL A 36 -8.86 -4.21 1.35
CA VAL A 36 -7.83 -4.49 0.33
C VAL A 36 -6.41 -4.12 0.83
N LEU A 37 -6.34 -3.08 1.65
CA LEU A 37 -5.09 -2.63 2.29
C LEU A 37 -4.87 -3.30 3.66
N GLU A 38 -5.63 -4.34 3.99
CA GLU A 38 -5.46 -5.14 5.23
C GLU A 38 -4.47 -6.29 4.95
N PRO A 39 -4.77 -7.23 4.04
CA PRO A 39 -3.87 -8.34 3.76
C PRO A 39 -2.70 -7.87 2.88
N LEU A 40 -2.96 -6.97 1.92
CA LEU A 40 -1.91 -6.39 1.08
C LEU A 40 -0.86 -5.59 1.90
N HIS A 41 -1.30 -5.04 3.03
CA HIS A 41 -0.40 -4.40 4.00
C HIS A 41 0.56 -5.40 4.69
N ALA A 42 0.00 -6.45 5.27
CA ALA A 42 0.78 -7.51 5.94
C ALA A 42 1.54 -8.41 4.96
N MET A 43 0.94 -8.63 3.78
CA MET A 43 1.57 -9.30 2.63
C MET A 43 2.91 -8.67 2.23
N MET A 44 3.00 -7.34 2.41
CA MET A 44 4.24 -6.59 2.19
C MET A 44 5.34 -6.88 3.24
N GLU A 45 4.93 -7.33 4.42
CA GLU A 45 5.85 -7.58 5.54
C GLU A 45 6.21 -9.06 5.69
N ARG A 46 5.26 -9.94 5.35
CA ARG A 46 5.49 -11.40 5.35
C ARG A 46 6.76 -11.78 4.59
N GLY A 47 7.05 -11.01 3.53
CA GLY A 47 8.22 -11.22 2.66
C GLY A 47 8.36 -12.69 2.23
N PRO A 48 7.26 -13.38 1.83
CA PRO A 48 7.29 -14.82 1.56
C PRO A 48 8.00 -15.14 0.23
N GLN A 49 7.69 -14.36 -0.79
CA GLN A 49 8.36 -14.43 -2.10
C GLN A 49 9.87 -14.15 -1.95
N THR A 50 10.55 -14.04 -3.09
CA THR A 50 12.00 -13.78 -3.16
C THR A 50 12.40 -12.43 -2.53
N LEU A 51 12.61 -11.44 -3.38
CA LEU A 51 13.06 -10.07 -3.03
C LEU A 51 12.89 -9.13 -4.24
N LYS A 52 11.77 -9.36 -4.91
CA LYS A 52 11.39 -8.55 -6.10
C LYS A 52 10.17 -7.67 -5.82
N GLU A 53 9.57 -7.86 -4.64
CA GLU A 53 8.39 -7.10 -4.22
C GLU A 53 8.76 -6.19 -3.03
N THR A 54 9.67 -5.25 -3.31
CA THR A 54 10.22 -4.22 -2.38
C THR A 54 10.98 -3.14 -3.19
N SER A 55 10.25 -2.48 -4.09
CA SER A 55 10.83 -1.37 -4.88
C SER A 55 10.69 -0.03 -4.16
N PHE A 56 9.50 0.16 -3.59
CA PHE A 56 9.15 1.32 -2.75
C PHE A 56 9.76 1.22 -1.35
N ASN A 57 9.68 0.05 -0.69
CA ASN A 57 10.28 -0.13 0.64
C ASN A 57 11.81 0.07 0.64
N GLN A 58 12.39 -0.08 -0.55
CA GLN A 58 13.83 0.11 -0.75
C GLN A 58 14.21 1.60 -0.75
N ALA A 59 13.66 2.35 -1.71
CA ALA A 59 13.93 3.80 -1.85
C ALA A 59 12.88 4.68 -1.17
N TYR A 60 11.62 4.47 -1.56
CA TYR A 60 10.40 5.05 -0.96
C TYR A 60 10.07 4.49 0.44
N GLY A 61 11.12 4.34 1.27
CA GLY A 61 11.02 3.93 2.69
C GLY A 61 10.13 4.87 3.52
N ARG A 62 10.11 6.13 3.08
CA ARG A 62 9.24 7.17 3.66
C ARG A 62 7.83 7.23 3.05
N ASP A 63 7.65 6.49 1.96
CA ASP A 63 6.35 6.42 1.26
C ASP A 63 5.55 5.26 1.84
N LEU A 64 4.83 4.50 1.00
CA LEU A 64 4.02 3.34 1.36
C LEU A 64 4.57 2.52 2.53
N MET A 65 5.86 2.21 2.49
CA MET A 65 6.57 1.58 3.63
C MET A 65 6.15 2.15 5.00
N GLU A 66 6.22 3.48 5.14
CA GLU A 66 5.74 4.21 6.31
C GLU A 66 4.22 4.46 6.31
N ALA A 67 3.66 4.70 5.14
CA ALA A 67 2.19 4.88 4.94
C ALA A 67 1.36 3.69 5.46
N GLN A 68 2.02 2.52 5.50
CA GLN A 68 1.47 1.25 6.03
C GLN A 68 2.07 0.89 7.41
N GLU A 69 3.36 1.20 7.63
CA GLU A 69 4.07 0.94 8.90
C GLU A 69 3.35 1.56 10.11
N TRP A 70 2.51 2.54 9.81
CA TRP A 70 1.62 3.17 10.79
C TRP A 70 0.37 2.31 10.98
N CYS A 71 0.54 0.99 10.95
CA CYS A 71 -0.54 0.00 11.18
C CYS A 71 -0.89 -0.06 12.67
N ARG A 72 0.12 -0.17 13.52
CA ARG A 72 -0.07 -0.15 14.99
C ARG A 72 -0.70 1.16 15.50
N LYS A 73 -0.57 2.19 14.67
CA LYS A 73 -1.16 3.51 14.90
C LYS A 73 -2.54 3.62 14.23
N TYR A 74 -2.69 3.14 13.00
CA TYR A 74 -3.98 3.11 12.30
C TYR A 74 -4.98 2.10 12.90
N MET A 75 -4.47 1.12 13.63
CA MET A 75 -5.26 0.06 14.29
C MET A 75 -5.72 0.45 15.70
N LYS A 76 -4.79 0.98 16.49
CA LYS A 76 -5.12 1.40 17.87
C LYS A 76 -5.54 2.88 17.96
N SER A 77 -4.76 3.75 17.34
CA SER A 77 -5.04 5.20 17.26
C SER A 77 -6.15 5.45 16.21
N GLY A 78 -6.15 4.66 15.11
CA GLY A 78 -7.16 4.74 14.04
C GLY A 78 -7.41 6.17 13.54
N ASN A 79 -6.34 6.96 13.65
CA ASN A 79 -6.42 8.40 13.41
C ASN A 79 -6.18 8.63 11.93
N VAL A 80 -7.14 9.34 11.35
CA VAL A 80 -7.04 9.84 9.96
C VAL A 80 -5.75 10.67 9.77
N LYS A 81 -5.09 11.07 10.85
CA LYS A 81 -3.74 11.66 10.81
C LYS A 81 -2.67 10.78 10.12
N ASP A 82 -2.93 9.48 10.09
CA ASP A 82 -2.10 8.48 9.38
C ASP A 82 -2.58 8.30 7.94
N LEU A 83 -3.88 8.52 7.69
CA LEU A 83 -4.51 8.36 6.37
C LEU A 83 -4.42 9.65 5.52
N THR A 84 -4.65 10.82 6.11
CA THR A 84 -4.42 12.15 5.50
C THR A 84 -2.99 12.31 4.91
N GLN A 85 -2.08 11.53 5.47
CA GLN A 85 -0.67 11.46 5.03
C GLN A 85 -0.37 10.23 4.18
N ALA A 86 -0.92 9.09 4.57
CA ALA A 86 -0.82 7.83 3.80
C ALA A 86 -1.45 8.00 2.41
N TRP A 87 -2.51 8.81 2.31
CA TRP A 87 -3.14 9.23 1.04
C TRP A 87 -2.11 9.94 0.14
N ASP A 88 -1.33 10.82 0.75
CA ASP A 88 -0.28 11.56 0.04
C ASP A 88 0.82 10.61 -0.40
N LEU A 89 1.22 9.67 0.46
CA LEU A 89 2.23 8.65 0.10
C LEU A 89 1.72 7.65 -0.94
N TYR A 90 0.47 7.24 -0.79
CA TYR A 90 -0.26 6.34 -1.70
C TYR A 90 -0.45 6.95 -3.09
N TYR A 91 -0.90 8.20 -3.11
CA TYR A 91 -1.10 9.00 -4.32
C TYR A 91 0.22 9.47 -4.98
N HIS A 92 1.19 9.85 -4.16
CA HIS A 92 2.53 10.27 -4.59
C HIS A 92 3.27 9.07 -5.21
N VAL A 93 3.13 7.93 -4.56
CA VAL A 93 3.71 6.66 -5.01
C VAL A 93 2.89 6.04 -6.14
N PHE A 94 1.61 6.39 -6.23
CA PHE A 94 0.68 5.93 -7.27
C PHE A 94 1.25 6.15 -8.69
N ARG A 95 2.10 7.16 -8.81
CA ARG A 95 2.88 7.46 -10.02
C ARG A 95 4.34 6.94 -10.01
N ARG A 96 4.90 6.83 -8.80
CA ARG A 96 6.27 6.33 -8.54
C ARG A 96 6.36 4.81 -8.76
N ILE A 97 5.67 4.06 -7.90
CA ILE A 97 5.59 2.59 -8.01
C ILE A 97 4.94 2.14 -9.32
N SER A 98 4.14 3.02 -9.92
CA SER A 98 3.39 2.81 -11.17
C SER A 98 4.31 2.22 -12.25
N LYS A 99 5.31 3.00 -12.64
CA LYS A 99 6.33 2.55 -13.62
C LYS A 99 7.53 3.51 -13.69
N GLN A 100 8.08 3.84 -12.52
CA GLN A 100 9.24 4.76 -12.41
C GLN A 100 10.37 4.37 -13.39
N GLU A 1 6.34 -7.85 -13.01
CA GLU A 1 7.41 -8.18 -13.97
C GLU A 1 7.22 -9.45 -14.81
N LEU A 2 6.21 -10.25 -14.45
CA LEU A 2 5.83 -11.53 -15.09
C LEU A 2 7.03 -12.35 -15.60
N ILE A 3 7.59 -13.08 -14.65
CA ILE A 3 8.82 -13.86 -14.88
C ILE A 3 8.59 -15.37 -14.90
N ARG A 4 7.64 -15.78 -14.07
CA ARG A 4 7.26 -17.19 -13.84
C ARG A 4 5.91 -17.31 -13.11
N VAL A 5 5.76 -16.49 -12.07
CA VAL A 5 4.52 -16.42 -11.28
C VAL A 5 3.39 -15.71 -12.06
N ALA A 6 3.79 -14.64 -12.77
CA ALA A 6 2.90 -13.73 -13.52
C ALA A 6 1.84 -13.07 -12.63
N ILE A 7 2.11 -13.14 -11.33
CA ILE A 7 1.27 -12.52 -10.29
C ILE A 7 1.97 -11.26 -9.76
N LEU A 8 3.22 -11.41 -9.30
CA LEU A 8 4.00 -10.31 -8.68
C LEU A 8 3.23 -9.64 -7.53
N TRP A 9 3.85 -8.66 -6.89
CA TRP A 9 3.20 -7.90 -5.80
C TRP A 9 2.79 -6.49 -6.19
N HIS A 10 3.67 -5.83 -6.94
CA HIS A 10 3.42 -4.51 -7.58
C HIS A 10 2.10 -4.49 -8.39
N GLU A 11 1.78 -5.66 -8.95
CA GLU A 11 0.57 -5.87 -9.77
C GLU A 11 -0.70 -5.73 -8.92
N MET A 12 -0.71 -6.44 -7.80
CA MET A 12 -1.80 -6.33 -6.81
C MET A 12 -1.78 -4.95 -6.13
N TRP A 13 -0.63 -4.28 -6.12
CA TRP A 13 -0.47 -2.92 -5.57
C TRP A 13 -1.19 -1.88 -6.43
N HIS A 14 -1.16 -2.06 -7.76
CA HIS A 14 -1.87 -1.18 -8.70
C HIS A 14 -3.37 -1.04 -8.37
N GLU A 15 -4.04 -2.20 -8.37
CA GLU A 15 -5.46 -2.32 -8.00
C GLU A 15 -5.73 -2.32 -6.48
N GLY A 16 -4.89 -3.02 -5.70
CA GLY A 16 -4.98 -3.05 -4.22
C GLY A 16 -4.83 -1.66 -3.57
N LEU A 17 -4.24 -0.74 -4.32
CA LEU A 17 -4.20 0.69 -3.98
C LEU A 17 -5.27 1.48 -4.71
N GLU A 18 -5.75 1.02 -5.86
CA GLU A 18 -6.86 1.70 -6.57
C GLU A 18 -8.21 1.44 -5.88
N GLU A 19 -8.49 0.18 -5.55
CA GLU A 19 -9.68 -0.24 -4.78
C GLU A 19 -9.69 0.33 -3.34
N ALA A 20 -8.53 0.78 -2.90
CA ALA A 20 -8.33 1.37 -1.57
C ALA A 20 -8.34 2.90 -1.60
N SER A 21 -7.45 3.45 -2.42
CA SER A 21 -7.33 4.90 -2.66
C SER A 21 -8.64 5.45 -3.20
N ARG A 22 -9.48 4.62 -3.84
CA ARG A 22 -10.85 5.01 -4.25
C ARG A 22 -11.83 5.16 -3.07
N LEU A 23 -11.70 4.25 -2.09
CA LEU A 23 -12.49 4.29 -0.83
C LEU A 23 -12.18 5.50 0.06
N TYR A 24 -11.13 6.22 -0.33
CA TYR A 24 -10.70 7.50 0.27
C TYR A 24 -10.91 8.68 -0.70
N PHE A 25 -10.51 8.50 -1.95
CA PHE A 25 -10.46 9.52 -3.02
C PHE A 25 -11.78 10.30 -3.15
N GLY A 26 -12.86 9.51 -3.15
CA GLY A 26 -14.23 10.04 -3.26
C GLY A 26 -15.24 9.11 -2.58
N GLU A 27 -14.86 8.61 -1.40
CA GLU A 27 -15.74 7.74 -0.60
C GLU A 27 -15.81 8.12 0.88
N ARG A 28 -14.68 8.57 1.46
CA ARG A 28 -14.56 8.88 2.90
C ARG A 28 -14.80 7.66 3.80
N ASN A 29 -14.48 6.50 3.26
CA ASN A 29 -14.58 5.23 3.97
C ASN A 29 -13.22 4.53 3.95
N VAL A 30 -12.32 5.16 4.69
CA VAL A 30 -10.95 4.65 4.90
C VAL A 30 -10.93 3.27 5.57
N LYS A 31 -12.03 2.99 6.29
CA LYS A 31 -12.31 1.68 6.89
C LYS A 31 -12.35 0.55 5.83
N GLY A 32 -12.90 0.90 4.66
CA GLY A 32 -12.99 -0.02 3.50
C GLY A 32 -11.63 -0.22 2.82
N MET A 33 -10.98 0.90 2.48
CA MET A 33 -9.63 0.89 1.90
C MET A 33 -8.59 0.14 2.75
N PHE A 34 -8.81 0.25 4.06
CA PHE A 34 -7.99 -0.37 5.10
C PHE A 34 -8.12 -1.90 5.09
N GLU A 35 -9.23 -2.40 4.55
CA GLU A 35 -9.48 -3.84 4.41
C GLU A 35 -8.83 -4.41 3.15
N VAL A 36 -8.80 -3.66 2.05
CA VAL A 36 -8.15 -4.10 0.79
C VAL A 36 -6.62 -3.85 0.80
N LEU A 37 -6.21 -2.90 1.63
CA LEU A 37 -4.79 -2.60 1.92
C LEU A 37 -4.22 -3.38 3.08
N GLU A 38 -5.11 -3.90 3.94
CA GLU A 38 -4.74 -4.85 5.01
C GLU A 38 -3.89 -6.03 4.48
N PRO A 39 -4.29 -6.73 3.41
CA PRO A 39 -3.45 -7.76 2.79
C PRO A 39 -2.25 -7.16 2.05
N LEU A 40 -2.35 -5.91 1.59
CA LEU A 40 -1.23 -5.25 0.89
C LEU A 40 0.00 -5.02 1.78
N HIS A 41 -0.22 -4.92 3.10
CA HIS A 41 0.86 -4.88 4.09
C HIS A 41 1.36 -6.28 4.48
N ALA A 42 0.45 -7.23 4.64
CA ALA A 42 0.80 -8.64 4.97
C ALA A 42 1.56 -9.31 3.81
N MET A 43 1.11 -9.01 2.59
CA MET A 43 1.75 -9.38 1.31
C MET A 43 3.09 -8.65 1.07
N MET A 44 3.44 -7.73 1.96
CA MET A 44 4.75 -7.06 1.91
C MET A 44 5.63 -7.36 3.15
N GLU A 45 5.03 -8.01 4.14
CA GLU A 45 5.70 -8.39 5.39
C GLU A 45 6.08 -9.88 5.43
N ARG A 46 5.23 -10.75 4.85
CA ARG A 46 5.46 -12.21 4.77
C ARG A 46 6.91 -12.56 4.37
N GLY A 47 7.46 -11.72 3.48
CA GLY A 47 8.87 -11.81 3.07
C GLY A 47 9.03 -11.86 1.54
N PRO A 48 10.14 -11.33 1.01
CA PRO A 48 10.39 -11.39 -0.43
C PRO A 48 10.67 -12.83 -0.88
N GLN A 49 10.24 -13.12 -2.10
CA GLN A 49 10.44 -14.44 -2.72
C GLN A 49 11.69 -14.43 -3.64
N THR A 50 11.44 -14.20 -4.93
CA THR A 50 12.44 -14.16 -6.00
C THR A 50 13.35 -12.93 -5.82
N LEU A 51 13.01 -11.87 -6.55
CA LEU A 51 13.73 -10.58 -6.55
C LEU A 51 13.02 -9.58 -7.50
N LYS A 52 11.70 -9.64 -7.47
CA LYS A 52 10.82 -8.85 -8.35
C LYS A 52 9.85 -8.00 -7.50
N GLU A 53 9.17 -8.70 -6.61
CA GLU A 53 8.24 -8.13 -5.61
C GLU A 53 8.93 -7.52 -4.38
N THR A 54 9.87 -6.61 -4.66
CA THR A 54 10.78 -5.95 -3.70
C THR A 54 11.49 -4.74 -4.36
N SER A 55 10.70 -3.92 -5.05
CA SER A 55 11.21 -2.67 -5.67
C SER A 55 10.69 -1.40 -4.98
N PHE A 56 9.71 -1.64 -4.11
CA PHE A 56 8.99 -0.65 -3.30
C PHE A 56 9.18 -0.87 -1.80
N ASN A 57 9.68 -2.03 -1.40
CA ASN A 57 10.05 -2.28 0.00
C ASN A 57 11.51 -1.92 0.30
N GLN A 58 12.34 -1.97 -0.74
CA GLN A 58 13.78 -1.67 -0.64
C GLN A 58 14.12 -0.19 -0.87
N ALA A 59 13.20 0.50 -1.53
CA ALA A 59 13.29 1.95 -1.84
C ALA A 59 12.19 2.76 -1.13
N TYR A 60 10.99 2.19 -1.07
CA TYR A 60 9.81 2.80 -0.43
C TYR A 60 9.37 2.02 0.82
N GLY A 61 10.34 1.81 1.72
CA GLY A 61 10.13 1.10 2.99
C GLY A 61 9.16 1.87 3.92
N ARG A 62 9.20 3.19 3.80
CA ARG A 62 8.29 4.09 4.52
C ARG A 62 6.90 4.24 3.88
N ASP A 63 6.73 3.59 2.75
CA ASP A 63 5.47 3.63 2.00
C ASP A 63 4.51 2.57 2.58
N LEU A 64 3.79 1.82 1.76
CA LEU A 64 2.89 0.72 2.14
C LEU A 64 3.13 0.03 3.49
N MET A 65 4.39 -0.35 3.74
CA MET A 65 4.86 -0.82 5.05
C MET A 65 4.39 0.10 6.20
N GLU A 66 4.80 1.37 6.20
CA GLU A 66 4.31 2.39 7.16
C GLU A 66 2.86 2.85 6.90
N ALA A 67 2.40 2.73 5.66
CA ALA A 67 1.02 3.04 5.23
C ALA A 67 -0.03 2.31 6.07
N GLN A 68 0.33 1.08 6.42
CA GLN A 68 -0.46 0.27 7.36
C GLN A 68 0.18 0.12 8.74
N GLU A 69 1.50 0.27 8.83
CA GLU A 69 2.21 0.22 10.12
C GLU A 69 1.74 1.34 11.07
N TRP A 70 1.02 2.30 10.50
CA TRP A 70 0.26 3.32 11.23
C TRP A 70 -0.87 2.71 12.09
N CYS A 71 -0.54 1.72 12.89
CA CYS A 71 -1.49 1.00 13.77
C CYS A 71 -1.53 1.67 15.15
N ARG A 72 -0.34 1.85 15.75
CA ARG A 72 -0.16 2.63 17.01
C ARG A 72 -0.55 4.12 16.93
N LYS A 73 -0.81 4.55 15.71
CA LYS A 73 -1.25 5.92 15.35
C LYS A 73 -2.71 5.93 14.87
N TYR A 74 -3.09 5.07 13.94
CA TYR A 74 -4.51 4.95 13.54
C TYR A 74 -5.43 4.39 14.64
N MET A 75 -4.85 3.75 15.65
CA MET A 75 -5.56 3.22 16.82
C MET A 75 -5.70 4.24 17.95
N LYS A 76 -4.58 4.84 18.36
CA LYS A 76 -4.55 5.84 19.45
C LYS A 76 -4.93 7.25 18.99
N SER A 77 -4.33 7.64 17.88
CA SER A 77 -4.62 8.94 17.22
C SER A 77 -5.97 8.85 16.50
N GLY A 78 -6.27 7.69 15.86
CA GLY A 78 -7.53 7.41 15.14
C GLY A 78 -8.14 8.63 14.42
N ASN A 79 -7.24 9.40 13.82
CA ASN A 79 -7.56 10.70 13.25
C ASN A 79 -7.07 10.75 11.80
N VAL A 80 -7.87 11.46 11.01
CA VAL A 80 -7.55 11.76 9.59
C VAL A 80 -6.19 12.48 9.46
N LYS A 81 -5.68 13.00 10.57
CA LYS A 81 -4.32 13.58 10.71
C LYS A 81 -3.19 12.63 10.26
N ASP A 82 -3.51 11.33 10.24
CA ASP A 82 -2.64 10.30 9.67
C ASP A 82 -3.04 10.04 8.20
N LEU A 83 -4.35 9.90 7.94
CA LEU A 83 -4.91 9.64 6.61
C LEU A 83 -4.53 10.67 5.53
N THR A 84 -4.51 11.94 5.95
CA THR A 84 -3.99 13.09 5.17
C THR A 84 -2.53 12.89 4.67
N GLN A 85 -1.79 12.07 5.42
CA GLN A 85 -0.42 11.65 5.08
C GLN A 85 -0.37 10.31 4.33
N ALA A 86 -1.26 9.38 4.68
CA ALA A 86 -1.33 8.12 3.94
C ALA A 86 -1.72 8.33 2.49
N TRP A 87 -2.61 9.28 2.25
CA TRP A 87 -2.91 9.75 0.87
C TRP A 87 -1.64 10.22 0.15
N ASP A 88 -0.71 10.81 0.91
CA ASP A 88 0.59 11.25 0.37
C ASP A 88 1.44 10.03 -0.02
N LEU A 89 1.70 9.11 0.90
CA LEU A 89 2.48 7.89 0.61
C LEU A 89 1.79 6.94 -0.39
N TYR A 90 0.46 6.87 -0.30
CA TYR A 90 -0.41 6.12 -1.23
C TYR A 90 -0.35 6.68 -2.64
N TYR A 91 -0.54 8.00 -2.78
CA TYR A 91 -0.48 8.72 -4.06
C TYR A 91 0.95 8.86 -4.63
N HIS A 92 1.88 9.23 -3.77
CA HIS A 92 3.32 9.35 -4.09
C HIS A 92 3.86 8.01 -4.61
N VAL A 93 3.43 6.94 -3.95
CA VAL A 93 3.78 5.59 -4.41
C VAL A 93 2.95 5.20 -5.63
N PHE A 94 1.64 5.43 -5.58
CA PHE A 94 0.69 5.18 -6.68
C PHE A 94 1.27 5.53 -8.05
N ARG A 95 2.06 6.60 -8.10
CA ARG A 95 2.84 7.03 -9.27
C ARG A 95 4.18 6.31 -9.52
N ARG A 96 4.96 6.12 -8.46
CA ARG A 96 6.22 5.35 -8.47
C ARG A 96 6.00 3.86 -8.79
N ILE A 97 5.27 3.19 -7.91
CA ILE A 97 4.90 1.76 -8.08
C ILE A 97 3.96 1.54 -9.27
N SER A 98 3.38 2.64 -9.76
CA SER A 98 2.59 2.60 -11.01
C SER A 98 3.44 2.10 -12.18
N LYS A 99 4.65 2.66 -12.32
CA LYS A 99 5.56 2.30 -13.43
C LYS A 99 4.95 2.69 -14.79
N GLN A 100 4.34 3.89 -14.83
CA GLN A 100 3.73 4.46 -16.04
C GLN A 100 4.66 4.41 -17.29
N GLU A 1 0.16 -15.39 -16.67
CA GLU A 1 1.45 -15.53 -15.96
C GLU A 1 1.32 -16.55 -14.81
N LEU A 2 1.63 -16.15 -13.55
CA LEU A 2 1.65 -17.04 -12.37
C LEU A 2 2.66 -18.18 -12.60
N ILE A 3 2.96 -18.92 -11.53
CA ILE A 3 3.93 -20.05 -11.55
C ILE A 3 5.30 -19.72 -12.21
N ARG A 4 5.61 -18.43 -12.21
CA ARG A 4 6.78 -17.79 -12.86
C ARG A 4 7.07 -16.39 -12.26
N VAL A 5 6.02 -15.57 -12.19
CA VAL A 5 6.07 -14.20 -11.68
C VAL A 5 5.83 -14.18 -10.15
N ALA A 6 4.93 -15.08 -9.73
CA ALA A 6 4.50 -15.29 -8.33
C ALA A 6 3.71 -14.05 -7.83
N ILE A 7 2.79 -13.60 -8.69
CA ILE A 7 1.96 -12.38 -8.52
C ILE A 7 2.71 -11.31 -7.70
N LEU A 8 3.51 -10.53 -8.43
CA LEU A 8 4.34 -9.48 -7.79
C LEU A 8 3.50 -8.55 -6.89
N TRP A 9 4.20 -7.80 -6.06
CA TRP A 9 3.54 -6.91 -5.09
C TRP A 9 3.36 -5.48 -5.61
N HIS A 10 4.43 -4.96 -6.21
CA HIS A 10 4.44 -3.66 -6.93
C HIS A 10 3.36 -3.61 -8.03
N GLU A 11 3.13 -4.77 -8.65
CA GLU A 11 2.16 -4.95 -9.75
C GLU A 11 0.73 -4.73 -9.24
N MET A 12 0.50 -5.25 -8.04
CA MET A 12 -0.77 -5.06 -7.33
C MET A 12 -0.82 -3.68 -6.67
N TRP A 13 0.27 -3.21 -6.05
CA TRP A 13 0.35 -1.93 -5.32
C TRP A 13 -0.32 -0.76 -6.06
N HIS A 14 -0.18 -0.77 -7.39
CA HIS A 14 -0.95 0.08 -8.32
C HIS A 14 -2.48 0.02 -8.08
N GLU A 15 -3.10 -1.13 -8.36
CA GLU A 15 -4.53 -1.37 -8.07
C GLU A 15 -4.86 -1.46 -6.57
N GLY A 16 -4.02 -2.13 -5.78
CA GLY A 16 -4.19 -2.29 -4.33
C GLY A 16 -4.30 -0.92 -3.64
N LEU A 17 -3.63 0.07 -4.21
CA LEU A 17 -3.79 1.48 -3.81
C LEU A 17 -5.00 2.16 -4.46
N GLU A 18 -5.30 1.80 -5.71
CA GLU A 18 -6.46 2.37 -6.45
C GLU A 18 -7.79 1.85 -5.90
N GLU A 19 -8.00 0.54 -5.95
CA GLU A 19 -9.16 -0.17 -5.36
C GLU A 19 -9.30 0.10 -3.85
N ALA A 20 -8.21 0.54 -3.21
CA ALA A 20 -8.22 0.98 -1.81
C ALA A 20 -8.65 2.44 -1.68
N SER A 21 -7.86 3.32 -2.27
CA SER A 21 -8.11 4.77 -2.27
C SER A 21 -9.49 5.08 -2.84
N ARG A 22 -10.00 4.24 -3.74
CA ARG A 22 -11.35 4.38 -4.32
C ARG A 22 -12.48 4.29 -3.27
N LEU A 23 -12.18 3.59 -2.17
CA LEU A 23 -13.07 3.47 -1.01
C LEU A 23 -13.07 4.72 -0.11
N TYR A 24 -12.10 5.59 -0.34
CA TYR A 24 -11.97 6.87 0.39
C TYR A 24 -12.09 8.11 -0.50
N PHE A 25 -11.58 7.99 -1.72
CA PHE A 25 -11.54 9.00 -2.80
C PHE A 25 -12.94 9.56 -3.05
N GLY A 26 -13.86 8.64 -3.38
CA GLY A 26 -15.27 8.98 -3.64
C GLY A 26 -16.24 7.92 -3.11
N GLU A 27 -15.85 7.27 -2.01
CA GLU A 27 -16.73 6.28 -1.36
C GLU A 27 -17.05 6.62 0.10
N ARG A 28 -16.41 7.66 0.64
CA ARG A 28 -16.50 8.07 2.05
C ARG A 28 -16.43 6.92 3.07
N ASN A 29 -15.71 5.89 2.65
CA ASN A 29 -15.55 4.64 3.40
C ASN A 29 -14.07 4.27 3.41
N VAL A 30 -13.31 5.11 4.10
CA VAL A 30 -11.87 4.85 4.36
C VAL A 30 -11.64 3.45 4.95
N LYS A 31 -12.66 2.95 5.64
CA LYS A 31 -12.72 1.59 6.20
C LYS A 31 -12.57 0.52 5.10
N GLY A 32 -13.18 0.79 3.94
CA GLY A 32 -13.16 -0.11 2.77
C GLY A 32 -11.75 -0.22 2.16
N MET A 33 -11.06 0.91 2.04
CA MET A 33 -9.65 0.96 1.59
C MET A 33 -8.78 0.04 2.43
N PHE A 34 -9.14 -0.04 3.71
CA PHE A 34 -8.48 -0.88 4.72
C PHE A 34 -8.70 -2.38 4.49
N GLU A 35 -9.67 -2.76 3.66
CA GLU A 35 -9.94 -4.16 3.30
C GLU A 35 -8.95 -4.67 2.22
N VAL A 36 -8.90 -3.99 1.08
CA VAL A 36 -7.95 -4.29 -0.01
C VAL A 36 -6.49 -3.88 0.31
N LEU A 37 -6.34 -2.90 1.19
CA LEU A 37 -5.04 -2.48 1.75
C LEU A 37 -4.63 -3.33 2.97
N GLU A 38 -5.58 -4.01 3.63
CA GLU A 38 -5.28 -4.97 4.72
C GLU A 38 -4.21 -5.99 4.32
N PRO A 39 -4.34 -6.69 3.16
CA PRO A 39 -3.27 -7.57 2.68
C PRO A 39 -2.05 -6.78 2.20
N LEU A 40 -2.20 -5.51 1.84
CA LEU A 40 -1.05 -4.65 1.43
C LEU A 40 -0.12 -4.27 2.59
N HIS A 41 -0.61 -4.45 3.81
CA HIS A 41 0.17 -4.33 5.06
C HIS A 41 0.97 -5.61 5.34
N ALA A 42 0.27 -6.75 5.24
CA ALA A 42 0.83 -8.07 5.55
C ALA A 42 1.75 -8.60 4.44
N MET A 43 1.32 -8.44 3.19
CA MET A 43 2.16 -8.76 2.01
C MET A 43 3.40 -7.86 1.94
N MET A 44 3.38 -6.73 2.64
CA MET A 44 4.53 -5.82 2.66
C MET A 44 5.37 -6.01 3.94
N GLU A 45 4.81 -6.71 4.93
CA GLU A 45 5.49 -6.95 6.22
C GLU A 45 6.04 -8.38 6.34
N ARG A 46 5.32 -9.36 5.79
CA ARG A 46 5.72 -10.78 5.75
C ARG A 46 7.14 -10.98 5.19
N GLY A 47 7.52 -10.07 4.28
CA GLY A 47 8.89 -10.00 3.76
C GLY A 47 8.97 -10.57 2.34
N PRO A 48 9.91 -10.09 1.52
CA PRO A 48 10.10 -10.63 0.17
C PRO A 48 10.64 -12.07 0.20
N GLN A 49 10.36 -12.78 -0.88
CA GLN A 49 10.81 -14.17 -1.06
C GLN A 49 11.94 -14.24 -2.10
N THR A 50 11.54 -14.28 -3.38
CA THR A 50 12.43 -14.39 -4.55
C THR A 50 13.50 -13.29 -4.55
N LEU A 51 13.14 -12.16 -5.17
CA LEU A 51 13.93 -10.92 -5.34
C LEU A 51 13.34 -10.03 -6.44
N LYS A 52 12.00 -9.96 -6.45
CA LYS A 52 11.28 -9.16 -7.45
C LYS A 52 10.41 -8.08 -6.76
N GLU A 53 9.66 -8.50 -5.74
CA GLU A 53 8.84 -7.60 -4.90
C GLU A 53 9.63 -6.80 -3.85
N THR A 54 10.63 -6.08 -4.33
CA THR A 54 11.61 -5.32 -3.51
C THR A 54 12.33 -4.24 -4.36
N SER A 55 11.51 -3.51 -5.12
CA SER A 55 12.00 -2.35 -5.91
C SER A 55 11.43 -1.00 -5.42
N PHE A 56 10.57 -1.12 -4.42
CA PHE A 56 9.82 -0.04 -3.79
C PHE A 56 10.15 0.10 -2.29
N ASN A 57 10.40 -1.01 -1.61
CA ASN A 57 10.90 -0.97 -0.22
C ASN A 57 12.38 -0.54 -0.13
N GLN A 58 13.13 -0.77 -1.21
CA GLN A 58 14.56 -0.42 -1.27
C GLN A 58 14.80 1.09 -1.52
N ALA A 59 13.81 1.74 -2.11
CA ALA A 59 13.85 3.17 -2.46
C ALA A 59 12.79 3.97 -1.66
N TYR A 60 11.53 3.62 -1.90
CA TYR A 60 10.34 4.16 -1.21
C TYR A 60 10.02 3.40 0.10
N GLY A 61 11.09 3.11 0.86
CA GLY A 61 11.03 2.44 2.17
C GLY A 61 10.30 3.30 3.22
N ARG A 62 10.33 4.60 3.00
CA ARG A 62 9.61 5.60 3.83
C ARG A 62 8.23 5.99 3.29
N ASP A 63 7.91 5.47 2.10
CA ASP A 63 6.63 5.75 1.44
C ASP A 63 5.58 4.73 1.94
N LEU A 64 4.70 4.21 1.08
CA LEU A 64 3.65 3.22 1.43
C LEU A 64 4.09 2.20 2.48
N MET A 65 5.29 1.65 2.37
CA MET A 65 5.94 0.82 3.41
C MET A 65 5.62 1.34 4.83
N GLU A 66 6.02 2.59 5.07
CA GLU A 66 5.82 3.31 6.33
C GLU A 66 4.40 3.91 6.42
N ALA A 67 3.86 4.39 5.30
CA ALA A 67 2.48 4.91 5.16
C ALA A 67 1.37 3.92 5.57
N GLN A 68 1.74 2.64 5.56
CA GLN A 68 0.89 1.51 5.96
C GLN A 68 1.37 0.84 7.26
N GLU A 69 2.69 0.76 7.47
CA GLU A 69 3.26 0.11 8.67
C GLU A 69 2.62 0.61 9.97
N TRP A 70 2.12 1.85 9.92
CA TRP A 70 1.30 2.51 10.94
C TRP A 70 -0.05 1.78 11.12
N CYS A 71 0.03 0.45 11.23
CA CYS A 71 -1.12 -0.44 11.47
C CYS A 71 -1.52 -0.38 12.95
N ARG A 72 -0.55 -0.55 13.86
CA ARG A 72 -0.80 -0.41 15.31
C ARG A 72 -1.29 1.01 15.69
N LYS A 73 -0.98 1.95 14.80
CA LYS A 73 -1.41 3.36 14.91
C LYS A 73 -2.81 3.54 14.29
N TYR A 74 -3.02 3.10 13.06
CA TYR A 74 -4.36 3.06 12.43
C TYR A 74 -5.39 2.18 13.17
N MET A 75 -4.92 1.20 13.92
CA MET A 75 -5.74 0.27 14.71
C MET A 75 -6.13 0.80 16.09
N LYS A 76 -5.14 1.31 16.84
CA LYS A 76 -5.37 1.80 18.21
C LYS A 76 -5.67 3.30 18.22
N SER A 77 -4.89 4.06 17.47
CA SER A 77 -5.09 5.51 17.30
C SER A 77 -6.27 5.75 16.36
N GLY A 78 -6.42 4.92 15.31
CA GLY A 78 -7.55 4.96 14.36
C GLY A 78 -7.85 6.37 13.84
N ASN A 79 -6.78 7.14 13.75
CA ASN A 79 -6.86 8.57 13.49
C ASN A 79 -6.40 8.79 12.06
N VAL A 80 -7.18 9.64 11.41
CA VAL A 80 -6.88 10.13 10.04
C VAL A 80 -5.48 10.78 10.01
N LYS A 81 -4.89 11.07 11.17
CA LYS A 81 -3.48 11.52 11.29
C LYS A 81 -2.45 10.59 10.60
N ASP A 82 -2.82 9.30 10.47
CA ASP A 82 -2.06 8.31 9.67
C ASP A 82 -2.45 8.34 8.19
N LEU A 83 -3.74 8.53 7.92
CA LEU A 83 -4.32 8.61 6.57
C LEU A 83 -4.01 9.92 5.81
N THR A 84 -4.15 11.06 6.48
CA THR A 84 -3.74 12.40 5.99
C THR A 84 -2.28 12.42 5.49
N GLN A 85 -1.41 11.75 6.25
CA GLN A 85 0.00 11.55 5.86
C GLN A 85 0.20 10.49 4.78
N ALA A 86 -0.56 9.41 4.93
CA ALA A 86 -0.62 8.33 3.93
C ALA A 86 -1.17 8.88 2.61
N TRP A 87 -1.89 9.99 2.60
CA TRP A 87 -2.41 10.66 1.40
C TRP A 87 -1.26 11.25 0.58
N ASP A 88 -0.33 11.92 1.26
CA ASP A 88 0.87 12.47 0.62
C ASP A 88 1.82 11.33 0.20
N LEU A 89 2.00 10.33 1.06
CA LEU A 89 2.86 9.16 0.73
C LEU A 89 2.29 8.30 -0.41
N TYR A 90 0.98 8.08 -0.36
CA TYR A 90 0.20 7.39 -1.40
C TYR A 90 0.25 8.16 -2.71
N TYR A 91 0.10 9.49 -2.64
CA TYR A 91 0.05 10.38 -3.81
C TYR A 91 1.44 10.57 -4.43
N HIS A 92 2.43 10.79 -3.57
CA HIS A 92 3.85 10.91 -3.93
C HIS A 92 4.32 9.63 -4.62
N VAL A 93 3.87 8.50 -4.07
CA VAL A 93 4.21 7.19 -4.63
C VAL A 93 3.30 6.78 -5.78
N PHE A 94 2.00 6.94 -5.64
CA PHE A 94 0.93 6.63 -6.62
C PHE A 94 1.37 5.69 -7.76
N ARG A 95 1.89 6.31 -8.80
CA ARG A 95 2.51 5.65 -9.95
C ARG A 95 4.05 5.61 -9.88
N ARG A 96 4.69 6.58 -9.20
CA ARG A 96 6.14 6.57 -8.90
C ARG A 96 6.73 5.21 -8.49
N ILE A 97 6.00 4.48 -7.66
CA ILE A 97 6.33 3.09 -7.30
C ILE A 97 6.61 2.18 -8.51
N SER A 98 5.88 2.45 -9.60
CA SER A 98 6.12 1.84 -10.92
C SER A 98 7.41 2.37 -11.55
N LYS A 99 7.50 3.70 -11.66
CA LYS A 99 8.61 4.43 -12.33
C LYS A 99 8.63 4.12 -13.84
N GLN A 100 7.44 4.14 -14.43
CA GLN A 100 7.23 3.89 -15.88
C GLN A 100 8.14 4.78 -16.76
N GLU A 1 10.16 -15.02 -9.00
CA GLU A 1 10.22 -15.21 -10.46
C GLU A 1 8.82 -15.60 -11.00
N LEU A 2 8.49 -15.07 -12.18
CA LEU A 2 7.25 -15.39 -12.94
C LEU A 2 6.72 -16.81 -12.66
N ILE A 3 5.84 -16.86 -11.67
CA ILE A 3 5.29 -18.16 -11.25
C ILE A 3 4.31 -18.70 -12.29
N ARG A 4 3.44 -17.80 -12.73
CA ARG A 4 2.41 -18.07 -13.74
C ARG A 4 2.35 -16.93 -14.78
N VAL A 5 2.16 -15.72 -14.26
CA VAL A 5 2.10 -14.49 -15.08
C VAL A 5 2.87 -13.30 -14.45
N ALA A 6 3.80 -13.63 -13.56
CA ALA A 6 4.55 -12.67 -12.74
C ALA A 6 3.59 -11.87 -11.85
N ILE A 7 2.93 -12.61 -10.96
CA ILE A 7 2.00 -12.05 -9.96
C ILE A 7 2.79 -11.41 -8.81
N LEU A 8 3.56 -10.40 -9.21
CA LEU A 8 4.41 -9.67 -8.28
C LEU A 8 3.52 -8.87 -7.30
N TRP A 9 4.15 -8.02 -6.50
CA TRP A 9 3.43 -7.19 -5.52
C TRP A 9 3.20 -5.76 -5.99
N HIS A 10 4.20 -5.21 -6.69
CA HIS A 10 4.08 -3.93 -7.41
C HIS A 10 2.85 -3.90 -8.37
N GLU A 11 2.53 -5.08 -8.90
CA GLU A 11 1.42 -5.29 -9.86
C GLU A 11 0.06 -5.16 -9.15
N MET A 12 -0.07 -5.93 -8.08
CA MET A 12 -1.27 -5.87 -7.21
C MET A 12 -1.36 -4.54 -6.48
N TRP A 13 -0.24 -3.82 -6.38
CA TRP A 13 -0.16 -2.48 -5.77
C TRP A 13 -0.90 -1.40 -6.56
N HIS A 14 -0.76 -1.42 -7.88
CA HIS A 14 -1.48 -0.47 -8.76
C HIS A 14 -3.00 -0.46 -8.49
N GLU A 15 -3.58 -1.65 -8.58
CA GLU A 15 -5.02 -1.86 -8.30
C GLU A 15 -5.31 -1.90 -6.78
N GLY A 16 -4.44 -2.56 -6.01
CA GLY A 16 -4.59 -2.67 -4.56
C GLY A 16 -4.61 -1.31 -3.87
N LEU A 17 -3.93 -0.35 -4.47
CA LEU A 17 -4.02 1.06 -4.06
C LEU A 17 -5.20 1.80 -4.67
N GLU A 18 -5.64 1.37 -5.84
CA GLU A 18 -6.79 1.98 -6.55
C GLU A 18 -8.14 1.50 -6.00
N GLU A 19 -8.31 0.19 -5.87
CA GLU A 19 -9.50 -0.47 -5.27
C GLU A 19 -9.64 -0.06 -3.79
N ALA A 20 -8.51 0.25 -3.16
CA ALA A 20 -8.46 0.79 -1.80
C ALA A 20 -8.80 2.27 -1.73
N SER A 21 -7.97 3.10 -2.36
CA SER A 21 -8.19 4.56 -2.45
C SER A 21 -9.60 4.88 -2.93
N ARG A 22 -10.19 3.99 -3.72
CA ARG A 22 -11.57 4.12 -4.20
C ARG A 22 -12.58 3.73 -3.10
N LEU A 23 -12.28 2.70 -2.32
CA LEU A 23 -13.12 2.32 -1.17
C LEU A 23 -13.19 3.40 -0.06
N TYR A 24 -12.25 4.34 -0.15
CA TYR A 24 -12.17 5.53 0.70
C TYR A 24 -12.59 6.80 -0.05
N PHE A 25 -11.73 7.29 -0.94
CA PHE A 25 -11.95 8.53 -1.71
C PHE A 25 -13.10 8.46 -2.75
N GLY A 26 -13.72 7.27 -2.82
CA GLY A 26 -14.90 7.03 -3.69
C GLY A 26 -16.14 6.61 -2.90
N GLU A 27 -15.95 6.16 -1.65
CA GLU A 27 -17.07 5.66 -0.82
C GLU A 27 -17.08 6.28 0.60
N ARG A 28 -16.24 7.28 0.81
CA ARG A 28 -15.86 7.88 2.11
C ARG A 28 -15.73 6.86 3.27
N ASN A 29 -15.29 5.67 2.88
CA ASN A 29 -15.17 4.54 3.81
C ASN A 29 -13.71 4.10 3.86
N VAL A 30 -12.97 4.84 4.69
CA VAL A 30 -11.55 4.52 5.00
C VAL A 30 -11.43 3.09 5.56
N LYS A 31 -12.49 2.63 6.22
CA LYS A 31 -12.63 1.25 6.70
C LYS A 31 -12.59 0.23 5.54
N GLY A 32 -13.27 0.57 4.44
CA GLY A 32 -13.37 -0.28 3.22
C GLY A 32 -11.99 -0.50 2.56
N MET A 33 -11.28 0.60 2.33
CA MET A 33 -9.90 0.56 1.78
C MET A 33 -8.93 -0.30 2.63
N PHE A 34 -9.22 -0.30 3.93
CA PHE A 34 -8.49 -1.07 4.94
C PHE A 34 -8.62 -2.59 4.77
N GLU A 35 -9.67 -3.01 4.06
CA GLU A 35 -9.92 -4.43 3.75
C GLU A 35 -9.04 -4.94 2.60
N VAL A 36 -8.95 -4.16 1.52
CA VAL A 36 -8.09 -4.51 0.37
C VAL A 36 -6.61 -4.20 0.65
N LEU A 37 -6.38 -3.23 1.55
CA LEU A 37 -5.05 -2.88 2.05
C LEU A 37 -4.56 -3.82 3.15
N GLU A 38 -5.48 -4.49 3.86
CA GLU A 38 -5.18 -5.54 4.85
C GLU A 38 -4.20 -6.60 4.28
N PRO A 39 -4.47 -7.23 3.11
CA PRO A 39 -3.50 -8.14 2.49
C PRO A 39 -2.31 -7.38 1.89
N LEU A 40 -2.50 -6.20 1.31
CA LEU A 40 -1.39 -5.38 0.77
C LEU A 40 -0.38 -4.86 1.81
N HIS A 41 -0.82 -4.86 3.06
CA HIS A 41 0.00 -4.57 4.27
C HIS A 41 0.88 -5.77 4.67
N ALA A 42 0.30 -6.97 4.58
CA ALA A 42 0.99 -8.23 4.93
C ALA A 42 1.79 -8.80 3.76
N MET A 43 1.23 -8.67 2.56
CA MET A 43 1.84 -8.91 1.25
C MET A 43 3.05 -7.99 0.98
N MET A 44 3.26 -6.97 1.81
CA MET A 44 4.48 -6.14 1.67
C MET A 44 5.54 -6.46 2.74
N GLU A 45 5.11 -7.19 3.77
CA GLU A 45 5.97 -7.60 4.90
C GLU A 45 6.47 -9.05 4.77
N ARG A 46 5.65 -9.94 4.20
CA ARG A 46 6.00 -11.35 3.92
C ARG A 46 7.44 -11.52 3.38
N GLY A 47 7.86 -10.53 2.58
CA GLY A 47 9.23 -10.45 2.05
C GLY A 47 9.29 -10.69 0.54
N PRO A 48 10.38 -10.30 -0.11
CA PRO A 48 10.54 -10.54 -1.57
C PRO A 48 10.65 -12.04 -1.86
N GLN A 49 10.91 -12.33 -3.14
CA GLN A 49 11.08 -13.72 -3.62
C GLN A 49 12.36 -13.90 -4.47
N THR A 50 12.51 -13.00 -5.43
CA THR A 50 13.62 -13.00 -6.40
C THR A 50 14.43 -11.69 -6.30
N LEU A 51 13.76 -10.57 -6.62
CA LEU A 51 14.28 -9.18 -6.67
C LEU A 51 13.36 -8.24 -7.49
N LYS A 52 12.05 -8.40 -7.30
CA LYS A 52 11.04 -7.67 -8.09
C LYS A 52 10.07 -6.91 -7.18
N GLU A 53 9.56 -7.61 -6.17
CA GLU A 53 8.65 -7.07 -5.14
C GLU A 53 9.42 -6.38 -3.99
N THR A 54 10.30 -5.46 -4.39
CA THR A 54 11.25 -4.73 -3.52
C THR A 54 11.81 -3.50 -4.27
N SER A 55 10.89 -2.65 -4.70
CA SER A 55 11.22 -1.38 -5.40
C SER A 55 10.86 -0.15 -4.57
N PHE A 56 9.74 -0.28 -3.85
CA PHE A 56 9.23 0.74 -2.92
C PHE A 56 9.96 0.66 -1.57
N ASN A 57 9.90 -0.50 -0.94
CA ASN A 57 10.60 -0.80 0.33
C ASN A 57 12.13 -0.63 0.26
N GLN A 58 12.65 -0.64 -0.97
CA GLN A 58 14.05 -0.35 -1.28
C GLN A 58 14.44 1.14 -1.16
N ALA A 59 13.62 2.03 -1.72
CA ALA A 59 13.86 3.49 -1.71
C ALA A 59 12.69 4.25 -1.05
N TYR A 60 11.51 4.01 -1.59
CA TYR A 60 10.20 4.47 -1.09
C TYR A 60 9.67 3.68 0.13
N GLY A 61 10.62 3.37 1.03
CA GLY A 61 10.39 2.63 2.29
C GLY A 61 9.65 3.47 3.35
N ARG A 62 9.57 4.76 3.08
CA ARG A 62 8.91 5.76 3.95
C ARG A 62 7.55 6.20 3.41
N ASP A 63 7.14 5.59 2.30
CA ASP A 63 5.89 5.92 1.59
C ASP A 63 4.76 5.08 2.19
N LEU A 64 3.87 4.54 1.35
CA LEU A 64 2.82 3.58 1.77
C LEU A 64 3.32 2.58 2.84
N MET A 65 4.58 2.13 2.70
CA MET A 65 5.23 1.17 3.61
C MET A 65 5.04 1.61 5.09
N GLU A 66 5.53 2.80 5.40
CA GLU A 66 5.28 3.42 6.72
C GLU A 66 3.92 4.12 6.85
N ALA A 67 3.33 4.50 5.73
CA ALA A 67 2.00 5.14 5.68
C ALA A 67 0.87 4.21 6.14
N GLN A 68 1.11 2.90 6.00
CA GLN A 68 0.21 1.82 6.44
C GLN A 68 0.74 1.15 7.72
N GLU A 69 2.05 0.96 7.82
CA GLU A 69 2.69 0.34 9.01
C GLU A 69 2.34 1.08 10.32
N TRP A 70 1.94 2.35 10.18
CA TRP A 70 1.35 3.15 11.26
C TRP A 70 -0.03 2.61 11.70
N CYS A 71 -0.02 1.33 12.06
CA CYS A 71 -1.18 0.58 12.58
C CYS A 71 -1.40 0.92 14.05
N ARG A 72 -0.31 0.94 14.83
CA ARG A 72 -0.33 1.42 16.22
C ARG A 72 -0.79 2.88 16.40
N LYS A 73 -0.72 3.61 15.30
CA LYS A 73 -1.18 5.00 15.20
C LYS A 73 -2.62 5.06 14.66
N TYR A 74 -2.91 4.36 13.57
CA TYR A 74 -4.26 4.27 13.00
C TYR A 74 -5.26 3.55 13.93
N MET A 75 -4.75 2.71 14.82
CA MET A 75 -5.55 1.98 15.82
C MET A 75 -5.93 2.82 17.03
N LYS A 76 -4.93 3.42 17.69
CA LYS A 76 -5.17 4.28 18.86
C LYS A 76 -5.60 5.71 18.50
N SER A 77 -4.89 6.31 17.55
CA SER A 77 -5.23 7.64 17.01
C SER A 77 -6.52 7.57 16.19
N GLY A 78 -6.71 6.48 15.42
CA GLY A 78 -7.92 6.26 14.59
C GLY A 78 -8.41 7.50 13.82
N ASN A 79 -7.45 8.34 13.48
CA ASN A 79 -7.71 9.66 12.91
C ASN A 79 -7.11 9.72 11.51
N VAL A 80 -7.78 10.54 10.71
CA VAL A 80 -7.30 10.90 9.36
C VAL A 80 -5.92 11.58 9.45
N LYS A 81 -5.43 11.91 10.64
CA LYS A 81 -4.04 12.36 10.85
C LYS A 81 -2.96 11.40 10.32
N ASP A 82 -3.29 10.11 10.26
CA ASP A 82 -2.49 9.11 9.54
C ASP A 82 -2.76 9.03 8.04
N LEU A 83 -4.02 9.23 7.66
CA LEU A 83 -4.47 9.18 6.25
C LEU A 83 -4.10 10.44 5.45
N THR A 84 -4.16 11.61 6.07
CA THR A 84 -3.73 12.92 5.50
C THR A 84 -2.25 12.89 5.05
N GLN A 85 -1.43 12.26 5.89
CA GLN A 85 -0.01 12.00 5.60
C GLN A 85 0.23 10.81 4.68
N ALA A 86 -0.49 9.73 4.95
CA ALA A 86 -0.56 8.56 4.08
C ALA A 86 -1.02 8.94 2.67
N TRP A 87 -1.75 10.04 2.49
CA TRP A 87 -2.22 10.54 1.19
C TRP A 87 -1.04 11.05 0.35
N ASP A 88 -0.11 11.74 1.00
CA ASP A 88 1.12 12.22 0.34
C ASP A 88 2.07 11.04 0.07
N LEU A 89 2.23 10.15 1.05
CA LEU A 89 3.10 8.96 0.91
C LEU A 89 2.56 7.95 -0.10
N TYR A 90 1.26 7.72 -0.04
CA TYR A 90 0.48 6.93 -0.99
C TYR A 90 0.57 7.55 -2.39
N TYR A 91 0.20 8.82 -2.56
CA TYR A 91 0.26 9.50 -3.86
C TYR A 91 1.69 9.59 -4.44
N HIS A 92 2.65 9.83 -3.56
CA HIS A 92 4.09 9.88 -3.90
C HIS A 92 4.57 8.52 -4.42
N VAL A 93 4.05 7.45 -3.80
CA VAL A 93 4.36 6.07 -4.18
C VAL A 93 3.46 5.59 -5.34
N PHE A 94 2.25 6.12 -5.42
CA PHE A 94 1.23 5.87 -6.46
C PHE A 94 1.81 5.95 -7.87
N ARG A 95 2.86 6.75 -8.03
CA ARG A 95 3.70 6.82 -9.24
C ARG A 95 4.92 5.89 -9.27
N ARG A 96 5.51 5.65 -8.10
CA ARG A 96 6.64 4.72 -7.90
C ARG A 96 6.20 3.26 -8.13
N ILE A 97 5.41 2.75 -7.19
CA ILE A 97 4.81 1.40 -7.23
C ILE A 97 3.92 1.18 -8.46
N SER A 98 3.54 2.30 -9.08
CA SER A 98 2.80 2.31 -10.36
C SER A 98 3.55 1.52 -11.42
N LYS A 99 4.60 2.14 -11.96
CA LYS A 99 5.38 1.62 -13.10
C LYS A 99 6.63 2.49 -13.34
N GLN A 100 7.32 2.84 -12.25
CA GLN A 100 8.57 3.64 -12.32
C GLN A 100 9.55 3.13 -13.41
N GLU A 1 12.62 -17.90 -8.98
CA GLU A 1 11.90 -16.65 -9.32
C GLU A 1 10.46 -16.99 -9.80
N LEU A 2 9.61 -15.98 -10.04
CA LEU A 2 8.23 -16.18 -10.55
C LEU A 2 8.14 -17.12 -11.77
N ILE A 3 7.94 -18.39 -11.40
CA ILE A 3 7.87 -19.54 -12.34
C ILE A 3 6.68 -20.48 -12.07
N ARG A 4 5.81 -20.02 -11.19
CA ARG A 4 4.62 -20.76 -10.71
C ARG A 4 3.50 -19.80 -10.25
N VAL A 5 3.88 -18.94 -9.31
CA VAL A 5 2.98 -17.94 -8.74
C VAL A 5 2.78 -16.76 -9.70
N ALA A 6 3.90 -16.15 -10.13
CA ALA A 6 3.90 -14.96 -11.00
C ALA A 6 2.89 -13.88 -10.53
N ILE A 7 2.68 -13.85 -9.21
CA ILE A 7 1.75 -12.92 -8.57
C ILE A 7 2.52 -11.75 -7.94
N LEU A 8 3.24 -11.06 -8.83
CA LEU A 8 3.98 -9.85 -8.43
C LEU A 8 3.16 -8.92 -7.53
N TRP A 9 3.79 -8.52 -6.43
CA TRP A 9 3.14 -7.62 -5.45
C TRP A 9 2.92 -6.22 -5.99
N HIS A 10 3.93 -5.67 -6.63
CA HIS A 10 3.83 -4.35 -7.31
C HIS A 10 2.63 -4.27 -8.28
N GLU A 11 2.27 -5.42 -8.85
CA GLU A 11 1.12 -5.57 -9.77
C GLU A 11 -0.21 -5.28 -9.04
N MET A 12 -0.41 -6.00 -7.93
CA MET A 12 -1.57 -5.77 -7.05
C MET A 12 -1.42 -4.46 -6.26
N TRP A 13 -0.19 -4.03 -6.01
CA TRP A 13 0.12 -2.81 -5.25
C TRP A 13 -0.25 -1.54 -6.01
N HIS A 14 0.01 -1.54 -7.31
CA HIS A 14 -0.36 -0.42 -8.21
C HIS A 14 -1.86 -0.09 -8.11
N GLU A 15 -2.67 -1.10 -8.42
CA GLU A 15 -4.14 -0.99 -8.33
C GLU A 15 -4.69 -1.09 -6.91
N GLY A 16 -4.11 -1.95 -6.08
CA GLY A 16 -4.48 -2.08 -4.66
C GLY A 16 -4.29 -0.77 -3.88
N LEU A 17 -3.32 0.02 -4.31
CA LEU A 17 -3.14 1.40 -3.84
C LEU A 17 -4.19 2.35 -4.45
N GLU A 18 -4.60 2.12 -5.69
CA GLU A 18 -5.70 2.91 -6.30
C GLU A 18 -7.06 2.57 -5.66
N GLU A 19 -7.38 1.28 -5.54
CA GLU A 19 -8.62 0.81 -4.91
C GLU A 19 -8.72 1.23 -3.43
N ALA A 20 -7.55 1.42 -2.80
CA ALA A 20 -7.43 1.94 -1.42
C ALA A 20 -7.45 3.47 -1.36
N SER A 21 -6.45 4.09 -1.97
CA SER A 21 -6.28 5.54 -2.08
C SER A 21 -7.51 6.21 -2.69
N ARG A 22 -8.31 5.50 -3.48
CA ARG A 22 -9.60 5.98 -4.04
C ARG A 22 -10.74 5.98 -3.02
N LEU A 23 -10.78 4.96 -2.17
CA LEU A 23 -11.74 4.88 -1.06
C LEU A 23 -11.61 6.06 -0.08
N TYR A 24 -10.47 6.73 -0.17
CA TYR A 24 -10.20 7.99 0.52
C TYR A 24 -10.13 9.24 -0.39
N PHE A 25 -9.73 9.04 -1.64
CA PHE A 25 -9.51 10.08 -2.67
C PHE A 25 -10.73 10.99 -2.83
N GLY A 26 -11.87 10.32 -3.00
CA GLY A 26 -13.18 10.99 -3.09
C GLY A 26 -14.34 10.06 -2.73
N GLU A 27 -14.09 9.16 -1.78
CA GLU A 27 -15.14 8.25 -1.26
C GLU A 27 -15.53 8.53 0.19
N ARG A 28 -14.57 9.02 0.98
CA ARG A 28 -14.73 9.34 2.41
C ARG A 28 -15.05 8.08 3.24
N ASN A 29 -14.50 6.97 2.74
CA ASN A 29 -14.65 5.65 3.39
C ASN A 29 -13.25 5.05 3.57
N VAL A 30 -12.56 5.64 4.53
CA VAL A 30 -11.22 5.17 5.00
C VAL A 30 -11.28 3.72 5.50
N LYS A 31 -12.47 3.32 5.96
CA LYS A 31 -12.77 1.94 6.37
C LYS A 31 -12.71 0.96 5.18
N GLY A 32 -13.05 1.47 3.98
CA GLY A 32 -13.02 0.70 2.72
C GLY A 32 -11.59 0.44 2.22
N MET A 33 -10.80 1.52 2.12
CA MET A 33 -9.36 1.43 1.76
C MET A 33 -8.56 0.50 2.66
N PHE A 34 -9.02 0.42 3.91
CA PHE A 34 -8.46 -0.43 4.96
C PHE A 34 -8.68 -1.92 4.72
N GLU A 35 -9.64 -2.24 3.85
CA GLU A 35 -10.01 -3.61 3.51
C GLU A 35 -9.21 -4.12 2.30
N VAL A 36 -9.08 -3.29 1.26
CA VAL A 36 -8.22 -3.62 0.11
C VAL A 36 -6.71 -3.56 0.46
N LEU A 37 -6.40 -2.74 1.46
CA LEU A 37 -5.03 -2.61 2.01
C LEU A 37 -4.75 -3.68 3.08
N GLU A 38 -5.79 -4.25 3.67
CA GLU A 38 -5.67 -5.35 4.65
C GLU A 38 -4.77 -6.49 4.11
N PRO A 39 -4.97 -7.00 2.88
CA PRO A 39 -4.03 -7.95 2.27
C PRO A 39 -2.71 -7.30 1.84
N LEU A 40 -2.75 -6.06 1.35
CA LEU A 40 -1.55 -5.29 0.96
C LEU A 40 -0.60 -4.96 2.13
N HIS A 41 -1.14 -5.03 3.34
CA HIS A 41 -0.41 -4.91 4.63
C HIS A 41 0.32 -6.23 4.98
N ALA A 42 -0.38 -7.34 4.80
CA ALA A 42 0.13 -8.69 5.11
C ALA A 42 1.05 -9.23 4.01
N MET A 43 0.64 -8.97 2.77
CA MET A 43 1.40 -9.20 1.52
C MET A 43 2.62 -8.28 1.37
N MET A 44 2.80 -7.37 2.32
CA MET A 44 4.00 -6.51 2.37
C MET A 44 4.90 -6.89 3.55
N GLU A 45 4.29 -7.40 4.62
CA GLU A 45 5.01 -7.76 5.85
C GLU A 45 5.78 -9.08 5.70
N ARG A 46 5.17 -10.04 4.97
CA ARG A 46 5.81 -11.33 4.62
C ARG A 46 7.22 -11.15 4.02
N GLY A 47 7.41 -10.00 3.36
CA GLY A 47 8.70 -9.64 2.77
C GLY A 47 8.93 -10.28 1.39
N PRO A 48 9.85 -9.71 0.59
CA PRO A 48 10.17 -10.26 -0.75
C PRO A 48 10.88 -11.61 -0.64
N GLN A 49 10.85 -12.33 -1.75
CA GLN A 49 11.49 -13.65 -1.89
C GLN A 49 12.58 -13.68 -2.98
N THR A 50 12.16 -13.30 -4.18
CA THR A 50 13.00 -13.20 -5.39
C THR A 50 13.69 -11.83 -5.43
N LEU A 51 13.21 -10.96 -6.31
CA LEU A 51 13.70 -9.59 -6.52
C LEU A 51 12.86 -8.86 -7.60
N LYS A 52 11.57 -9.17 -7.59
CA LYS A 52 10.62 -8.56 -8.54
C LYS A 52 9.55 -7.73 -7.82
N GLU A 53 9.05 -8.29 -6.70
CA GLU A 53 8.09 -7.60 -5.79
C GLU A 53 8.74 -6.49 -4.96
N THR A 54 9.28 -5.53 -5.70
CA THR A 54 9.95 -4.35 -5.11
C THR A 54 10.14 -3.18 -6.10
N SER A 55 9.23 -3.10 -7.07
CA SER A 55 9.24 -1.99 -8.06
C SER A 55 8.88 -0.63 -7.44
N PHE A 56 8.02 -0.70 -6.44
CA PHE A 56 7.56 0.48 -5.68
C PHE A 56 8.53 0.84 -4.56
N ASN A 57 8.92 -0.18 -3.79
CA ASN A 57 9.84 -0.04 -2.65
C ASN A 57 11.23 0.44 -3.08
N GLN A 58 11.55 0.17 -4.35
CA GLN A 58 12.79 0.63 -4.99
C GLN A 58 12.89 2.16 -4.89
N ALA A 59 11.77 2.85 -5.09
CA ALA A 59 11.77 4.30 -4.97
C ALA A 59 10.99 4.74 -3.73
N TYR A 60 9.65 4.79 -3.80
CA TYR A 60 8.76 5.20 -2.69
C TYR A 60 9.50 6.12 -1.71
N GLY A 61 9.74 7.37 -2.13
CA GLY A 61 10.46 8.38 -1.32
C GLY A 61 9.99 8.45 0.15
N ARG A 62 8.75 8.01 0.31
CA ARG A 62 7.96 7.96 1.55
C ARG A 62 8.06 6.60 2.26
N ASP A 63 8.37 5.55 1.49
CA ASP A 63 8.48 4.14 1.88
C ASP A 63 7.11 3.54 2.24
N LEU A 64 6.69 2.58 1.41
CA LEU A 64 5.39 1.91 1.60
C LEU A 64 5.42 1.05 2.87
N MET A 65 6.53 0.32 3.02
CA MET A 65 6.78 -0.50 4.21
C MET A 65 6.54 0.26 5.52
N GLU A 66 6.84 1.57 5.50
CA GLU A 66 6.60 2.48 6.64
C GLU A 66 5.17 3.04 6.66
N ALA A 67 4.70 3.52 5.52
CA ALA A 67 3.31 4.00 5.32
C ALA A 67 2.25 2.95 5.71
N GLN A 68 2.65 1.68 5.60
CA GLN A 68 1.88 0.49 6.00
C GLN A 68 2.23 -0.01 7.40
N GLU A 69 3.51 -0.19 7.74
CA GLU A 69 3.95 -0.63 9.08
C GLU A 69 3.23 0.05 10.24
N TRP A 70 2.81 1.28 9.96
CA TRP A 70 2.02 2.11 10.89
C TRP A 70 0.52 1.77 10.72
N CYS A 71 0.23 0.48 10.56
CA CYS A 71 -1.13 -0.06 10.36
C CYS A 71 -1.78 -0.39 11.70
N ARG A 72 -1.04 -1.06 12.56
CA ARG A 72 -1.44 -1.32 13.96
C ARG A 72 -1.67 -0.02 14.75
N LYS A 73 -1.03 1.06 14.27
CA LYS A 73 -1.28 2.42 14.76
C LYS A 73 -2.42 3.12 14.00
N TYR A 74 -2.36 3.20 12.68
CA TYR A 74 -3.42 3.80 11.85
C TYR A 74 -4.82 3.16 12.07
N MET A 75 -4.83 1.94 12.57
CA MET A 75 -6.04 1.17 12.94
C MET A 75 -6.97 1.92 13.91
N LYS A 76 -6.39 2.81 14.72
CA LYS A 76 -7.04 3.73 15.70
C LYS A 76 -6.07 4.50 16.61
N SER A 77 -4.93 3.91 16.88
CA SER A 77 -3.84 4.48 17.70
C SER A 77 -3.26 5.78 17.10
N GLY A 78 -3.06 5.78 15.77
CA GLY A 78 -2.66 6.96 14.98
C GLY A 78 -3.85 7.82 14.54
N ASN A 79 -5.04 7.22 14.51
CA ASN A 79 -6.30 7.82 14.02
C ASN A 79 -6.18 8.29 12.55
N VAL A 80 -7.22 8.98 12.07
CA VAL A 80 -7.17 9.70 10.77
C VAL A 80 -5.97 10.68 10.71
N LYS A 81 -5.48 11.10 11.88
CA LYS A 81 -4.25 11.91 12.00
C LYS A 81 -2.97 11.23 11.48
N ASP A 82 -3.02 9.91 11.39
CA ASP A 82 -1.97 9.09 10.76
C ASP A 82 -2.32 8.77 9.30
N LEU A 83 -3.61 8.58 9.03
CA LEU A 83 -4.08 8.28 7.66
C LEU A 83 -3.91 9.46 6.70
N THR A 84 -4.16 10.67 7.19
CA THR A 84 -3.86 11.93 6.45
C THR A 84 -2.43 11.97 5.87
N GLN A 85 -1.52 11.26 6.54
CA GLN A 85 -0.12 11.09 6.09
C GLN A 85 0.11 9.85 5.23
N ALA A 86 -0.38 8.69 5.68
CA ALA A 86 -0.35 7.45 4.88
C ALA A 86 -1.00 7.61 3.50
N TRP A 87 -2.04 8.46 3.44
CA TRP A 87 -2.69 8.92 2.20
C TRP A 87 -1.71 9.72 1.34
N ASP A 88 -0.97 10.61 1.98
CA ASP A 88 0.02 11.44 1.28
C ASP A 88 1.12 10.54 0.72
N LEU A 89 1.47 9.47 1.43
CA LEU A 89 2.52 8.53 0.95
C LEU A 89 2.00 7.67 -0.20
N TYR A 90 0.77 7.19 -0.04
CA TYR A 90 0.00 6.45 -1.05
C TYR A 90 -0.31 7.23 -2.33
N TYR A 91 -0.67 8.49 -2.15
CA TYR A 91 -0.94 9.47 -3.22
C TYR A 91 0.33 10.03 -3.89
N HIS A 92 1.34 10.30 -3.07
CA HIS A 92 2.64 10.84 -3.53
C HIS A 92 3.34 9.80 -4.39
N VAL A 93 3.28 8.57 -3.90
CA VAL A 93 3.81 7.45 -4.68
C VAL A 93 2.84 7.07 -5.80
N PHE A 94 1.53 7.26 -5.56
CA PHE A 94 0.46 6.98 -6.54
C PHE A 94 0.94 7.25 -7.97
N ARG A 95 1.56 8.39 -8.20
CA ARG A 95 2.15 8.74 -9.52
C ARG A 95 3.21 7.77 -10.05
N ARG A 96 4.08 7.32 -9.15
CA ARG A 96 5.11 6.30 -9.41
C ARG A 96 4.47 4.90 -9.61
N ILE A 97 3.76 4.44 -8.59
CA ILE A 97 3.01 3.17 -8.60
C ILE A 97 1.74 3.17 -9.47
N SER A 98 1.59 4.23 -10.25
CA SER A 98 0.46 4.43 -11.17
C SER A 98 0.77 3.67 -12.45
N LYS A 99 1.58 4.33 -13.26
CA LYS A 99 1.98 3.86 -14.59
C LYS A 99 3.22 4.62 -15.09
N GLN A 100 4.19 4.80 -14.18
CA GLN A 100 5.45 5.49 -14.51
C GLN A 100 6.08 4.94 -15.82
N GLU A 1 6.92 -20.92 -11.51
CA GLU A 1 7.85 -19.79 -11.23
C GLU A 1 7.41 -18.50 -11.97
N LEU A 2 8.27 -17.46 -11.95
CA LEU A 2 8.05 -16.19 -12.68
C LEU A 2 8.14 -16.32 -14.22
N ILE A 3 7.30 -17.20 -14.75
CA ILE A 3 7.26 -17.59 -16.17
C ILE A 3 5.86 -18.05 -16.66
N ARG A 4 4.85 -17.67 -15.87
CA ARG A 4 3.44 -18.04 -16.05
C ARG A 4 2.50 -17.00 -15.42
N VAL A 5 2.75 -16.71 -14.15
CA VAL A 5 1.98 -15.74 -13.35
C VAL A 5 2.74 -15.48 -12.03
N ALA A 6 3.96 -14.96 -12.17
CA ALA A 6 4.79 -14.52 -11.03
C ALA A 6 4.00 -13.66 -10.02
N ILE A 7 3.01 -12.94 -10.58
CA ILE A 7 2.10 -12.00 -9.89
C ILE A 7 2.87 -11.27 -8.80
N LEU A 8 3.65 -10.30 -9.27
CA LEU A 8 4.49 -9.52 -8.35
C LEU A 8 3.66 -8.86 -7.25
N TRP A 9 4.36 -8.42 -6.22
CA TRP A 9 3.70 -7.76 -5.08
C TRP A 9 3.34 -6.29 -5.34
N HIS A 10 4.30 -5.57 -5.92
CA HIS A 10 4.08 -4.18 -6.38
C HIS A 10 2.93 -4.07 -7.40
N GLU A 11 2.71 -5.15 -8.15
CA GLU A 11 1.67 -5.25 -9.19
C GLU A 11 0.28 -5.19 -8.57
N MET A 12 0.10 -5.93 -7.48
CA MET A 12 -1.16 -5.90 -6.71
C MET A 12 -1.30 -4.54 -6.00
N TRP A 13 -0.19 -3.87 -5.71
CA TRP A 13 -0.20 -2.51 -5.15
C TRP A 13 -0.90 -1.49 -6.03
N HIS A 14 -0.76 -1.61 -7.35
CA HIS A 14 -1.44 -0.72 -8.31
C HIS A 14 -2.98 -0.71 -8.10
N GLU A 15 -3.60 -1.84 -8.40
CA GLU A 15 -5.05 -2.05 -8.17
C GLU A 15 -5.45 -2.10 -6.70
N GLY A 16 -4.63 -2.75 -5.87
CA GLY A 16 -4.85 -2.82 -4.42
C GLY A 16 -4.86 -1.42 -3.76
N LEU A 17 -4.11 -0.50 -4.36
CA LEU A 17 -4.17 0.92 -3.98
C LEU A 17 -5.37 1.63 -4.58
N GLU A 18 -5.80 1.21 -5.78
CA GLU A 18 -6.96 1.80 -6.46
C GLU A 18 -8.27 1.31 -5.83
N GLU A 19 -8.48 0.00 -5.72
CA GLU A 19 -9.64 -0.61 -5.03
C GLU A 19 -9.81 -0.12 -3.58
N ALA A 20 -8.74 0.41 -3.00
CA ALA A 20 -8.75 1.03 -1.67
C ALA A 20 -8.92 2.56 -1.71
N SER A 21 -7.97 3.22 -2.36
CA SER A 21 -7.96 4.68 -2.56
C SER A 21 -9.23 5.14 -3.27
N ARG A 22 -9.90 4.26 -4.02
CA ARG A 22 -11.20 4.48 -4.69
C ARG A 22 -12.34 4.51 -3.65
N LEU A 23 -12.29 3.60 -2.68
CA LEU A 23 -13.25 3.59 -1.57
C LEU A 23 -13.16 4.87 -0.73
N TYR A 24 -11.98 5.51 -0.77
CA TYR A 24 -11.72 6.82 -0.13
C TYR A 24 -11.93 8.04 -1.05
N PHE A 25 -11.23 8.08 -2.17
CA PHE A 25 -11.31 9.15 -3.18
C PHE A 25 -12.63 9.15 -3.99
N GLY A 26 -13.47 8.18 -3.70
CA GLY A 26 -14.79 8.02 -4.36
C GLY A 26 -15.94 8.02 -3.36
N GLU A 27 -15.71 7.38 -2.22
CA GLU A 27 -16.74 7.28 -1.15
C GLU A 27 -16.26 7.62 0.26
N ARG A 28 -15.07 8.24 0.36
CA ARG A 28 -14.38 8.59 1.62
C ARG A 28 -14.49 7.53 2.72
N ASN A 29 -14.48 6.30 2.25
CA ASN A 29 -14.67 5.11 3.07
C ASN A 29 -13.29 4.46 3.26
N VAL A 30 -12.55 5.15 4.11
CA VAL A 30 -11.23 4.72 4.59
C VAL A 30 -11.35 3.39 5.37
N LYS A 31 -12.57 3.10 5.82
CA LYS A 31 -12.94 1.81 6.43
C LYS A 31 -12.96 0.67 5.39
N GLY A 32 -13.63 0.92 4.26
CA GLY A 32 -13.73 -0.05 3.14
C GLY A 32 -12.34 -0.38 2.56
N MET A 33 -11.63 0.67 2.18
CA MET A 33 -10.25 0.60 1.66
C MET A 33 -9.29 -0.20 2.55
N PHE A 34 -9.57 -0.09 3.85
CA PHE A 34 -8.82 -0.76 4.93
C PHE A 34 -8.96 -2.28 4.86
N GLU A 35 -10.00 -2.77 4.19
CA GLU A 35 -10.23 -4.20 3.95
C GLU A 35 -9.32 -4.76 2.83
N VAL A 36 -9.12 -3.99 1.76
CA VAL A 36 -8.21 -4.41 0.66
C VAL A 36 -6.74 -4.04 0.95
N LEU A 37 -6.57 -3.02 1.80
CA LEU A 37 -5.27 -2.57 2.33
C LEU A 37 -4.79 -3.32 3.57
N GLU A 38 -5.72 -4.08 4.18
CA GLU A 38 -5.42 -5.00 5.29
C GLU A 38 -4.48 -6.12 4.81
N PRO A 39 -4.90 -6.99 3.87
CA PRO A 39 -4.04 -8.08 3.39
C PRO A 39 -2.88 -7.52 2.57
N LEU A 40 -3.03 -6.30 2.03
CA LEU A 40 -1.94 -5.62 1.33
C LEU A 40 -0.79 -5.17 2.23
N HIS A 41 -1.08 -4.91 3.49
CA HIS A 41 -0.05 -4.67 4.52
C HIS A 41 0.67 -5.98 4.90
N ALA A 42 -0.10 -7.04 5.10
CA ALA A 42 0.42 -8.36 5.52
C ALA A 42 1.20 -9.08 4.40
N MET A 43 0.64 -9.02 3.20
CA MET A 43 1.25 -9.48 1.93
C MET A 43 2.44 -8.60 1.48
N MET A 44 2.71 -7.54 2.21
CA MET A 44 3.93 -6.72 1.99
C MET A 44 4.93 -6.76 3.15
N GLU A 45 4.42 -7.16 4.32
CA GLU A 45 5.22 -7.24 5.55
C GLU A 45 5.86 -8.63 5.73
N ARG A 46 5.13 -9.68 5.35
CA ARG A 46 5.61 -11.09 5.42
C ARG A 46 7.03 -11.25 4.84
N GLY A 47 7.33 -10.41 3.84
CA GLY A 47 8.68 -10.29 3.30
C GLY A 47 8.74 -10.78 1.84
N PRO A 48 9.65 -10.23 1.03
CA PRO A 48 9.83 -10.69 -0.35
C PRO A 48 10.40 -12.12 -0.37
N GLN A 49 10.79 -12.54 -1.57
CA GLN A 49 11.31 -13.90 -1.81
C GLN A 49 12.50 -13.87 -2.78
N THR A 50 12.21 -13.97 -4.07
CA THR A 50 13.18 -13.82 -5.19
C THR A 50 14.05 -12.54 -5.05
N LEU A 51 13.59 -11.48 -5.70
CA LEU A 51 14.25 -10.14 -5.78
C LEU A 51 13.52 -9.22 -6.77
N LYS A 52 12.20 -9.37 -6.81
CA LYS A 52 11.36 -8.55 -7.71
C LYS A 52 10.39 -7.67 -6.91
N GLU A 53 9.80 -8.26 -5.86
CA GLU A 53 8.91 -7.53 -4.93
C GLU A 53 9.65 -6.69 -3.88
N THR A 54 10.35 -5.68 -4.38
CA THR A 54 11.23 -4.76 -3.62
C THR A 54 11.59 -3.52 -4.46
N SER A 55 10.55 -2.86 -4.98
CA SER A 55 10.71 -1.57 -5.71
C SER A 55 10.43 -0.38 -4.80
N PHE A 56 9.33 -0.48 -4.07
CA PHE A 56 8.95 0.50 -3.04
C PHE A 56 9.87 0.40 -1.82
N ASN A 57 10.14 -0.82 -1.34
CA ASN A 57 11.02 -1.00 -0.17
C ASN A 57 12.48 -0.62 -0.44
N GLN A 58 12.80 -0.44 -1.72
CA GLN A 58 14.14 -0.03 -2.17
C GLN A 58 14.36 1.49 -2.02
N ALA A 59 13.39 2.28 -2.48
CA ALA A 59 13.51 3.76 -2.43
C ALA A 59 12.42 4.42 -1.57
N TYR A 60 11.21 3.92 -1.73
CA TYR A 60 9.98 4.32 -1.03
C TYR A 60 9.86 3.59 0.33
N GLY A 61 11.02 3.47 1.01
CA GLY A 61 11.14 2.89 2.36
C GLY A 61 10.34 3.66 3.41
N ARG A 62 10.19 4.97 3.19
CA ARG A 62 9.33 5.84 4.01
C ARG A 62 7.89 5.93 3.52
N ASP A 63 7.64 5.35 2.35
CA ASP A 63 6.31 5.36 1.73
C ASP A 63 5.55 4.15 2.28
N LEU A 64 4.78 3.40 1.47
CA LEU A 64 4.04 2.17 1.82
C LEU A 64 4.48 1.40 3.06
N MET A 65 5.78 1.12 3.12
CA MET A 65 6.46 0.59 4.31
C MET A 65 6.02 1.26 5.63
N GLU A 66 6.22 2.57 5.73
CA GLU A 66 5.72 3.39 6.84
C GLU A 66 4.24 3.77 6.74
N ALA A 67 3.73 3.88 5.51
CA ALA A 67 2.31 4.17 5.24
C ALA A 67 1.36 3.08 5.77
N GLN A 68 1.91 1.88 5.96
CA GLN A 68 1.23 0.72 6.58
C GLN A 68 1.77 0.45 7.99
N GLU A 69 3.07 0.64 8.25
CA GLU A 69 3.68 0.43 9.57
C GLU A 69 3.01 1.29 10.66
N TRP A 70 2.39 2.37 10.22
CA TRP A 70 1.52 3.22 11.04
C TRP A 70 0.14 2.58 11.29
N CYS A 71 -0.07 1.33 10.84
CA CYS A 71 -1.26 0.52 11.14
C CYS A 71 -1.53 0.42 12.63
N ARG A 72 -0.48 0.17 13.41
CA ARG A 72 -0.56 0.18 14.89
C ARG A 72 -1.05 1.53 15.45
N LYS A 73 -0.78 2.60 14.71
CA LYS A 73 -1.23 3.97 15.01
C LYS A 73 -2.67 4.15 14.49
N TYR A 74 -2.93 3.85 13.22
CA TYR A 74 -4.28 3.92 12.60
C TYR A 74 -5.30 3.01 13.30
N MET A 75 -4.82 2.00 14.00
CA MET A 75 -5.59 1.02 14.80
C MET A 75 -6.07 1.59 16.15
N LYS A 76 -5.10 1.93 17.00
CA LYS A 76 -5.37 2.52 18.33
C LYS A 76 -5.71 4.01 18.30
N SER A 77 -4.95 4.77 17.52
CA SER A 77 -5.17 6.21 17.32
C SER A 77 -6.40 6.43 16.43
N GLY A 78 -6.58 5.57 15.41
CA GLY A 78 -7.72 5.63 14.46
C GLY A 78 -8.06 7.04 13.98
N ASN A 79 -7.01 7.86 13.91
CA ASN A 79 -7.15 9.29 13.65
C ASN A 79 -6.57 9.57 12.27
N VAL A 80 -7.41 10.22 11.47
CA VAL A 80 -7.01 10.76 10.15
C VAL A 80 -5.77 11.66 10.27
N LYS A 81 -5.43 12.12 11.48
CA LYS A 81 -4.13 12.73 11.77
C LYS A 81 -2.87 11.95 11.30
N ASP A 82 -3.01 10.64 11.12
CA ASP A 82 -1.99 9.80 10.46
C ASP A 82 -2.27 9.60 8.95
N LEU A 83 -3.56 9.45 8.63
CA LEU A 83 -4.05 9.23 7.27
C LEU A 83 -3.85 10.44 6.35
N THR A 84 -3.94 11.65 6.90
CA THR A 84 -3.58 12.93 6.23
C THR A 84 -2.18 12.87 5.56
N GLN A 85 -1.28 12.18 6.23
CA GLN A 85 0.10 11.95 5.73
C GLN A 85 0.21 10.67 4.90
N ALA A 86 -0.51 9.62 5.32
CA ALA A 86 -0.60 8.36 4.59
C ALA A 86 -1.21 8.55 3.18
N TRP A 87 -2.15 9.49 3.04
CA TRP A 87 -2.71 9.96 1.75
C TRP A 87 -1.63 10.58 0.86
N ASP A 88 -0.74 11.36 1.49
CA ASP A 88 0.39 12.00 0.80
C ASP A 88 1.31 10.92 0.23
N LEU A 89 1.60 9.90 1.03
CA LEU A 89 2.41 8.74 0.59
C LEU A 89 1.66 7.84 -0.39
N TYR A 90 0.35 7.78 -0.23
CA TYR A 90 -0.59 6.99 -1.06
C TYR A 90 -0.60 7.53 -2.49
N TYR A 91 -0.85 8.84 -2.63
CA TYR A 91 -0.86 9.56 -3.90
C TYR A 91 0.54 9.82 -4.48
N HIS A 92 1.48 10.19 -3.61
CA HIS A 92 2.89 10.42 -3.97
C HIS A 92 3.50 9.13 -4.54
N VAL A 93 3.07 7.99 -4.00
CA VAL A 93 3.50 6.67 -4.47
C VAL A 93 2.61 6.14 -5.59
N PHE A 94 1.31 6.46 -5.54
CA PHE A 94 0.32 6.12 -6.57
C PHE A 94 0.86 6.34 -7.99
N ARG A 95 1.75 7.33 -8.14
CA ARG A 95 2.51 7.58 -9.37
C ARG A 95 3.91 6.92 -9.43
N ARG A 96 4.57 6.82 -8.29
CA ARG A 96 5.91 6.20 -8.13
C ARG A 96 5.88 4.68 -8.35
N ILE A 97 5.16 3.97 -7.47
CA ILE A 97 4.89 2.53 -7.60
C ILE A 97 4.05 2.18 -8.83
N SER A 98 3.41 3.20 -9.39
CA SER A 98 2.66 3.11 -10.65
C SER A 98 3.57 2.82 -11.84
N LYS A 99 4.60 3.65 -11.99
CA LYS A 99 5.47 3.65 -13.17
C LYS A 99 4.73 3.98 -14.48
N GLN A 100 3.80 4.94 -14.37
CA GLN A 100 3.05 5.46 -15.53
C GLN A 100 3.98 6.11 -16.58
N GLU A 1 0.69 -9.05 -14.78
CA GLU A 1 0.84 -10.13 -13.77
C GLU A 1 1.37 -11.44 -14.38
N LEU A 2 2.32 -12.06 -13.67
CA LEU A 2 3.06 -13.26 -14.15
C LEU A 2 3.66 -13.01 -15.54
N ILE A 3 4.28 -14.04 -16.13
CA ILE A 3 4.89 -13.96 -17.49
C ILE A 3 6.23 -13.17 -17.49
N ARG A 4 6.41 -12.29 -16.49
CA ARG A 4 7.54 -11.36 -16.33
C ARG A 4 7.48 -10.54 -15.02
N VAL A 5 7.15 -11.24 -13.94
CA VAL A 5 7.01 -10.64 -12.59
C VAL A 5 6.80 -11.69 -11.49
N ALA A 6 6.02 -12.73 -11.81
CA ALA A 6 5.63 -13.83 -10.90
C ALA A 6 4.71 -13.37 -9.75
N ILE A 7 3.74 -12.53 -10.14
CA ILE A 7 2.70 -11.93 -9.27
C ILE A 7 3.28 -11.54 -7.90
N LEU A 8 3.99 -10.42 -7.93
CA LEU A 8 4.68 -9.95 -6.72
C LEU A 8 3.72 -9.27 -5.74
N TRP A 9 4.27 -8.44 -4.88
CA TRP A 9 3.47 -7.60 -3.97
C TRP A 9 3.26 -6.18 -4.50
N HIS A 10 4.06 -5.83 -5.50
CA HIS A 10 3.95 -4.58 -6.28
C HIS A 10 2.75 -4.63 -7.24
N GLU A 11 2.60 -5.76 -7.94
CA GLU A 11 1.53 -5.97 -8.94
C GLU A 11 0.14 -5.80 -8.33
N MET A 12 -0.07 -6.51 -7.23
CA MET A 12 -1.29 -6.38 -6.42
C MET A 12 -1.43 -4.96 -5.84
N TRP A 13 -0.31 -4.29 -5.55
CA TRP A 13 -0.30 -2.91 -5.04
C TRP A 13 -0.87 -1.90 -6.03
N HIS A 14 -0.70 -2.17 -7.32
CA HIS A 14 -1.21 -1.34 -8.43
C HIS A 14 -2.72 -1.10 -8.26
N GLU A 15 -3.49 -2.18 -8.37
CA GLU A 15 -4.94 -2.16 -8.11
C GLU A 15 -5.33 -2.15 -6.63
N GLY A 16 -4.52 -2.77 -5.78
CA GLY A 16 -4.74 -2.81 -4.32
C GLY A 16 -4.76 -1.41 -3.70
N LEU A 17 -3.96 -0.53 -4.29
CA LEU A 17 -4.03 0.92 -4.01
C LEU A 17 -5.15 1.61 -4.79
N GLU A 18 -5.46 1.18 -6.00
CA GLU A 18 -6.61 1.76 -6.74
C GLU A 18 -7.97 1.44 -6.09
N GLU A 19 -8.13 0.21 -5.61
CA GLU A 19 -9.33 -0.27 -4.91
C GLU A 19 -9.45 0.37 -3.51
N ALA A 20 -8.32 0.62 -2.85
CA ALA A 20 -8.31 1.35 -1.57
C ALA A 20 -8.48 2.86 -1.72
N SER A 21 -7.67 3.42 -2.62
CA SER A 21 -7.60 4.87 -2.88
C SER A 21 -8.94 5.34 -3.40
N ARG A 22 -9.51 4.64 -4.38
CA ARG A 22 -10.88 4.91 -4.89
C ARG A 22 -11.94 5.05 -3.79
N LEU A 23 -11.81 4.22 -2.74
CA LEU A 23 -12.69 4.33 -1.56
C LEU A 23 -12.62 5.73 -0.93
N TYR A 24 -11.45 6.15 -0.46
CA TYR A 24 -11.32 7.53 0.05
C TYR A 24 -11.33 8.63 -1.03
N PHE A 25 -11.08 8.22 -2.28
CA PHE A 25 -10.96 9.11 -3.44
C PHE A 25 -12.28 9.84 -3.71
N GLY A 26 -13.37 9.08 -3.60
CA GLY A 26 -14.74 9.63 -3.76
C GLY A 26 -15.86 8.72 -3.24
N GLU A 27 -15.55 7.93 -2.22
CA GLU A 27 -16.54 7.09 -1.51
C GLU A 27 -16.65 7.44 -0.02
N ARG A 28 -15.74 8.29 0.48
CA ARG A 28 -15.61 8.68 1.90
C ARG A 28 -15.73 7.49 2.88
N ASN A 29 -15.21 6.36 2.41
CA ASN A 29 -15.33 5.08 3.12
C ASN A 29 -13.93 4.48 3.33
N VAL A 30 -13.23 5.15 4.24
CA VAL A 30 -11.90 4.73 4.74
C VAL A 30 -11.99 3.34 5.42
N LYS A 31 -13.19 2.96 5.82
CA LYS A 31 -13.49 1.61 6.34
C LYS A 31 -13.34 0.53 5.25
N GLY A 32 -13.86 0.84 4.05
CA GLY A 32 -13.80 -0.05 2.88
C GLY A 32 -12.37 -0.34 2.42
N MET A 33 -11.64 0.74 2.11
CA MET A 33 -10.21 0.68 1.74
C MET A 33 -9.35 -0.08 2.75
N PHE A 34 -9.75 0.04 4.02
CA PHE A 34 -9.10 -0.65 5.15
C PHE A 34 -9.18 -2.17 5.05
N GLU A 35 -10.14 -2.67 4.27
CA GLU A 35 -10.32 -4.11 4.02
C GLU A 35 -9.41 -4.62 2.89
N VAL A 36 -9.21 -3.82 1.84
CA VAL A 36 -8.27 -4.17 0.75
C VAL A 36 -6.81 -3.89 1.16
N LEU A 37 -6.61 -2.85 1.97
CA LEU A 37 -5.32 -2.50 2.57
C LEU A 37 -4.92 -3.36 3.77
N GLU A 38 -5.90 -3.95 4.44
CA GLU A 38 -5.67 -4.93 5.52
C GLU A 38 -4.71 -6.07 5.06
N PRO A 39 -4.97 -6.78 3.95
CA PRO A 39 -4.01 -7.78 3.45
C PRO A 39 -2.77 -7.11 2.85
N LEU A 40 -2.92 -5.99 2.15
CA LEU A 40 -1.78 -5.25 1.60
C LEU A 40 -0.78 -4.69 2.64
N HIS A 41 -1.23 -4.58 3.89
CA HIS A 41 -0.42 -4.24 5.06
C HIS A 41 0.31 -5.50 5.58
N ALA A 42 -0.40 -6.60 5.73
CA ALA A 42 0.18 -7.85 6.26
C ALA A 42 1.09 -8.54 5.23
N MET A 43 0.67 -8.46 3.98
CA MET A 43 1.41 -8.89 2.78
C MET A 43 2.64 -8.02 2.52
N MET A 44 2.78 -6.90 3.22
CA MET A 44 4.00 -6.06 3.14
C MET A 44 4.86 -6.14 4.41
N GLU A 45 4.30 -6.73 5.47
CA GLU A 45 4.99 -6.89 6.75
C GLU A 45 5.60 -8.29 6.94
N ARG A 46 4.91 -9.33 6.44
CA ARG A 46 5.34 -10.74 6.50
C ARG A 46 6.79 -10.92 6.01
N GLY A 47 7.16 -10.07 5.04
CA GLY A 47 8.54 -9.98 4.53
C GLY A 47 8.65 -10.64 3.15
N PRO A 48 9.55 -10.15 2.29
CA PRO A 48 9.76 -10.76 0.96
C PRO A 48 10.37 -12.16 1.09
N GLN A 49 10.14 -12.96 0.04
CA GLN A 49 10.64 -14.34 -0.04
C GLN A 49 11.92 -14.39 -0.91
N THR A 50 11.72 -14.32 -2.23
CA THR A 50 12.80 -14.36 -3.25
C THR A 50 13.73 -13.14 -3.09
N LEU A 51 13.48 -12.12 -3.91
CA LEU A 51 14.25 -10.85 -3.97
C LEU A 51 13.75 -9.98 -5.14
N LYS A 52 12.44 -10.03 -5.34
CA LYS A 52 11.78 -9.30 -6.45
C LYS A 52 10.70 -8.33 -5.91
N GLU A 53 9.97 -8.79 -4.89
CA GLU A 53 8.96 -7.98 -4.16
C GLU A 53 9.62 -7.00 -3.16
N THR A 54 10.55 -6.17 -3.66
CA THR A 54 11.39 -5.20 -2.90
C THR A 54 12.21 -4.30 -3.87
N SER A 55 11.49 -3.70 -4.81
CA SER A 55 12.09 -2.73 -5.77
C SER A 55 11.57 -1.29 -5.63
N PHE A 56 10.45 -1.19 -4.92
CA PHE A 56 9.73 0.05 -4.61
C PHE A 56 9.91 0.50 -3.14
N ASN A 57 10.13 -0.48 -2.26
CA ASN A 57 10.47 -0.25 -0.85
C ASN A 57 11.90 0.31 -0.67
N GLN A 58 12.82 -0.14 -1.52
CA GLN A 58 14.22 0.31 -1.46
C GLN A 58 14.43 1.74 -1.96
N ALA A 59 13.74 2.05 -3.07
CA ALA A 59 13.77 3.40 -3.66
C ALA A 59 12.98 4.39 -2.78
N TYR A 60 11.91 3.90 -2.15
CA TYR A 60 11.09 4.69 -1.24
C TYR A 60 10.99 3.94 0.09
N GLY A 61 12.04 4.05 0.92
CA GLY A 61 12.06 3.46 2.29
C GLY A 61 10.91 3.94 3.20
N ARG A 62 10.36 5.08 2.80
CA ARG A 62 9.23 5.79 3.43
C ARG A 62 7.86 5.47 2.81
N ASP A 63 7.85 4.69 1.72
CA ASP A 63 6.64 4.23 1.00
C ASP A 63 5.68 3.47 1.93
N LEU A 64 5.14 2.35 1.46
CA LEU A 64 4.43 1.36 2.29
C LEU A 64 5.06 1.07 3.65
N MET A 65 6.38 1.12 3.74
CA MET A 65 7.11 0.97 5.01
C MET A 65 6.61 1.94 6.10
N GLU A 66 6.43 3.21 5.73
CA GLU A 66 5.87 4.23 6.63
C GLU A 66 4.34 4.33 6.53
N ALA A 67 3.80 4.07 5.32
CA ALA A 67 2.36 3.95 5.05
C ALA A 67 1.66 2.75 5.74
N GLN A 68 2.47 1.90 6.34
CA GLN A 68 2.07 0.72 7.15
C GLN A 68 2.59 0.82 8.59
N GLU A 69 3.76 1.40 8.82
CA GLU A 69 4.33 1.54 10.19
C GLU A 69 3.30 2.05 11.22
N TRP A 70 2.41 2.90 10.73
CA TRP A 70 1.22 3.36 11.45
C TRP A 70 0.01 2.41 11.25
N CYS A 71 0.24 1.11 11.37
CA CYS A 71 -0.80 0.07 11.21
C CYS A 71 -1.70 -0.03 12.45
N ARG A 72 -1.05 -0.31 13.58
CA ARG A 72 -1.69 -0.27 14.92
C ARG A 72 -2.27 1.11 15.27
N LYS A 73 -1.71 2.15 14.63
CA LYS A 73 -2.15 3.54 14.79
C LYS A 73 -3.31 3.87 13.84
N TYR A 74 -3.21 3.49 12.57
CA TYR A 74 -4.34 3.59 11.64
C TYR A 74 -5.52 2.66 11.99
N MET A 75 -5.24 1.55 12.68
CA MET A 75 -6.26 0.55 13.06
C MET A 75 -6.97 0.87 14.38
N LYS A 76 -6.22 1.47 15.31
CA LYS A 76 -6.75 1.75 16.66
C LYS A 76 -7.03 3.25 16.84
N SER A 77 -6.09 4.08 16.40
CA SER A 77 -6.26 5.55 16.41
C SER A 77 -7.18 5.95 15.24
N GLY A 78 -7.06 5.25 14.08
CA GLY A 78 -7.93 5.46 12.89
C GLY A 78 -8.08 6.94 12.52
N ASN A 79 -7.02 7.68 12.84
CA ASN A 79 -6.98 9.13 12.76
C ASN A 79 -6.58 9.49 11.35
N VAL A 80 -7.42 10.32 10.73
CA VAL A 80 -7.17 10.83 9.37
C VAL A 80 -5.79 11.53 9.31
N LYS A 81 -5.25 11.93 10.45
CA LYS A 81 -3.87 12.44 10.63
C LYS A 81 -2.76 11.47 10.16
N ASP A 82 -3.11 10.20 10.06
CA ASP A 82 -2.27 9.13 9.49
C ASP A 82 -2.61 8.89 8.01
N LEU A 83 -3.88 9.06 7.66
CA LEU A 83 -4.38 8.92 6.28
C LEU A 83 -3.97 10.07 5.37
N THR A 84 -4.17 11.30 5.83
CA THR A 84 -3.70 12.54 5.16
C THR A 84 -2.21 12.48 4.76
N GLN A 85 -1.44 11.73 5.54
CA GLN A 85 -0.03 11.43 5.28
C GLN A 85 0.22 10.16 4.44
N ALA A 86 -0.45 9.07 4.82
CA ALA A 86 -0.44 7.80 4.07
C ALA A 86 -0.95 7.97 2.64
N TRP A 87 -1.84 8.92 2.42
CA TRP A 87 -2.38 9.32 1.11
C TRP A 87 -1.29 9.90 0.20
N ASP A 88 -0.45 10.73 0.81
CA ASP A 88 0.72 11.31 0.14
C ASP A 88 1.74 10.20 -0.14
N LEU A 89 1.94 9.27 0.80
CA LEU A 89 2.86 8.14 0.60
C LEU A 89 2.35 7.11 -0.42
N TYR A 90 1.05 6.85 -0.40
CA TYR A 90 0.31 5.97 -1.32
C TYR A 90 0.32 6.50 -2.75
N TYR A 91 0.06 7.80 -2.88
CA TYR A 91 0.08 8.53 -4.15
C TYR A 91 1.50 8.79 -4.69
N HIS A 92 2.39 9.25 -3.82
CA HIS A 92 3.82 9.48 -4.13
C HIS A 92 4.50 8.18 -4.57
N VAL A 93 4.13 7.09 -3.90
CA VAL A 93 4.62 5.76 -4.29
C VAL A 93 3.91 5.32 -5.57
N PHE A 94 2.57 5.27 -5.53
CA PHE A 94 1.67 4.83 -6.63
C PHE A 94 2.42 4.29 -7.85
N ARG A 95 2.79 5.14 -8.80
CA ARG A 95 3.64 4.84 -9.97
C ARG A 95 4.76 3.79 -9.77
N ARG A 96 5.47 3.91 -8.64
CA ARG A 96 6.44 2.93 -8.14
C ARG A 96 5.84 1.54 -7.87
N ILE A 97 4.91 1.48 -6.93
CA ILE A 97 4.16 0.24 -6.63
C ILE A 97 3.20 -0.17 -7.77
N SER A 98 3.03 0.75 -8.73
CA SER A 98 2.17 0.62 -9.91
C SER A 98 2.83 -0.34 -10.92
N LYS A 99 3.83 0.19 -11.61
CA LYS A 99 4.57 -0.51 -12.68
C LYS A 99 5.85 0.26 -13.07
N GLN A 100 6.65 0.61 -12.06
CA GLN A 100 7.92 1.32 -12.27
C GLN A 100 8.80 0.76 -13.43
N GLU A 1 8.92 -10.81 -16.82
CA GLU A 1 8.09 -10.00 -15.90
C GLU A 1 6.86 -10.73 -15.30
N LEU A 2 6.99 -12.07 -15.26
CA LEU A 2 5.95 -12.99 -14.79
C LEU A 2 6.53 -14.40 -14.63
N ILE A 3 6.33 -14.94 -13.43
CA ILE A 3 6.85 -16.28 -13.08
C ILE A 3 5.69 -17.29 -13.10
N ARG A 4 4.68 -16.96 -12.30
CA ARG A 4 3.45 -17.76 -12.20
C ARG A 4 2.28 -17.13 -12.98
N VAL A 5 2.10 -15.83 -12.74
CA VAL A 5 1.01 -15.03 -13.35
C VAL A 5 1.27 -13.52 -13.25
N ALA A 6 2.57 -13.15 -13.20
CA ALA A 6 3.00 -11.76 -12.92
C ALA A 6 2.40 -11.21 -11.61
N ILE A 7 2.01 -12.12 -10.72
CA ILE A 7 1.42 -11.76 -9.41
C ILE A 7 2.21 -10.64 -8.73
N LEU A 8 3.46 -10.97 -8.37
CA LEU A 8 4.37 -10.04 -7.70
C LEU A 8 3.67 -9.34 -6.51
N TRP A 9 4.20 -8.20 -6.10
CA TRP A 9 3.59 -7.33 -5.07
C TRP A 9 3.31 -5.91 -5.57
N HIS A 10 4.22 -5.39 -6.39
CA HIS A 10 4.06 -4.10 -7.09
C HIS A 10 2.75 -4.07 -7.92
N GLU A 11 2.42 -5.23 -8.49
CA GLU A 11 1.24 -5.42 -9.36
C GLU A 11 -0.06 -5.20 -8.58
N MET A 12 -0.16 -5.87 -7.43
CA MET A 12 -1.28 -5.69 -6.50
C MET A 12 -1.27 -4.26 -5.92
N TRP A 13 -0.10 -3.61 -5.85
CA TRP A 13 0.04 -2.22 -5.39
C TRP A 13 -0.70 -1.20 -6.27
N HIS A 14 -0.75 -1.46 -7.57
CA HIS A 14 -1.51 -0.65 -8.54
C HIS A 14 -2.97 -0.45 -8.09
N GLU A 15 -3.73 -1.54 -8.15
CA GLU A 15 -5.13 -1.58 -7.68
C GLU A 15 -5.26 -1.58 -6.16
N GLY A 16 -4.35 -2.23 -5.44
CA GLY A 16 -4.35 -2.25 -3.96
C GLY A 16 -4.26 -0.85 -3.36
N LEU A 17 -3.58 0.04 -4.09
CA LEU A 17 -3.65 1.48 -3.77
C LEU A 17 -4.84 2.19 -4.37
N GLU A 18 -5.29 1.77 -5.55
CA GLU A 18 -6.47 2.34 -6.21
C GLU A 18 -7.81 1.99 -5.53
N GLU A 19 -8.11 0.70 -5.37
CA GLU A 19 -9.27 0.17 -4.64
C GLU A 19 -9.31 0.69 -3.18
N ALA A 20 -8.14 1.00 -2.62
CA ALA A 20 -8.06 1.61 -1.29
C ALA A 20 -8.25 3.12 -1.29
N SER A 21 -7.42 3.77 -2.10
CA SER A 21 -7.42 5.22 -2.31
C SER A 21 -8.81 5.66 -2.76
N ARG A 22 -9.52 4.80 -3.48
CA ARG A 22 -10.90 5.03 -3.94
C ARG A 22 -11.92 5.00 -2.80
N LEU A 23 -11.74 4.04 -1.87
CA LEU A 23 -12.53 3.96 -0.64
C LEU A 23 -12.43 5.20 0.27
N TYR A 24 -11.46 6.04 -0.04
CA TYR A 24 -11.29 7.37 0.57
C TYR A 24 -11.49 8.55 -0.40
N PHE A 25 -11.04 8.38 -1.64
CA PHE A 25 -11.02 9.38 -2.73
C PHE A 25 -12.37 10.07 -2.82
N GLY A 26 -13.40 9.22 -2.93
CA GLY A 26 -14.79 9.68 -2.96
C GLY A 26 -15.76 8.64 -2.37
N GLU A 27 -15.25 7.81 -1.45
CA GLU A 27 -16.10 6.86 -0.74
C GLU A 27 -16.29 7.20 0.75
N ARG A 28 -15.37 8.01 1.30
CA ARG A 28 -15.36 8.43 2.72
C ARG A 28 -15.54 7.25 3.69
N ASN A 29 -15.06 6.10 3.21
CA ASN A 29 -15.16 4.81 3.89
C ASN A 29 -13.74 4.24 3.97
N VAL A 30 -12.98 4.89 4.85
CA VAL A 30 -11.63 4.45 5.28
C VAL A 30 -11.68 3.00 5.82
N LYS A 31 -12.87 2.58 6.26
CA LYS A 31 -13.12 1.18 6.66
C LYS A 31 -12.97 0.20 5.46
N GLY A 32 -13.45 0.61 4.29
CA GLY A 32 -13.36 -0.20 3.06
C GLY A 32 -11.91 -0.40 2.61
N MET A 33 -11.17 0.69 2.47
CA MET A 33 -9.72 0.65 2.12
C MET A 33 -8.91 -0.18 3.12
N PHE A 34 -9.41 -0.18 4.36
CA PHE A 34 -8.83 -0.94 5.47
C PHE A 34 -8.88 -2.45 5.19
N GLU A 35 -9.79 -2.90 4.32
CA GLU A 35 -9.93 -4.31 3.94
C GLU A 35 -9.03 -4.70 2.74
N VAL A 36 -8.74 -3.72 1.88
CA VAL A 36 -7.87 -3.96 0.70
C VAL A 36 -6.39 -3.64 1.03
N LEU A 37 -6.18 -2.66 1.89
CA LEU A 37 -4.87 -2.31 2.46
C LEU A 37 -4.50 -3.22 3.66
N GLU A 38 -5.47 -3.83 4.34
CA GLU A 38 -5.22 -4.86 5.39
C GLU A 38 -4.24 -5.94 4.91
N PRO A 39 -4.47 -6.61 3.75
CA PRO A 39 -3.51 -7.57 3.22
C PRO A 39 -2.25 -6.89 2.68
N LEU A 40 -2.35 -5.66 2.17
CA LEU A 40 -1.16 -4.91 1.70
C LEU A 40 -0.23 -4.43 2.83
N HIS A 41 -0.70 -4.56 4.07
CA HIS A 41 0.10 -4.33 5.30
C HIS A 41 0.90 -5.57 5.71
N ALA A 42 0.32 -6.74 5.45
CA ALA A 42 0.94 -8.04 5.77
C ALA A 42 1.75 -8.60 4.59
N MET A 43 1.20 -8.45 3.39
CA MET A 43 1.87 -8.72 2.10
C MET A 43 3.09 -7.83 1.84
N MET A 44 3.25 -6.76 2.64
CA MET A 44 4.44 -5.90 2.58
C MET A 44 5.31 -5.93 3.84
N GLU A 45 4.91 -6.77 4.79
CA GLU A 45 5.60 -6.90 6.08
C GLU A 45 6.18 -8.32 6.28
N ARG A 46 5.48 -9.33 5.77
CA ARG A 46 5.91 -10.74 5.84
C ARG A 46 7.36 -10.90 5.33
N GLY A 47 7.68 -10.07 4.33
CA GLY A 47 9.06 -9.98 3.81
C GLY A 47 9.13 -10.48 2.37
N PRO A 48 10.12 -9.99 1.59
CA PRO A 48 10.30 -10.45 0.21
C PRO A 48 10.71 -11.92 0.17
N GLN A 49 10.36 -12.56 -0.93
CA GLN A 49 10.67 -13.99 -1.17
C GLN A 49 11.87 -14.10 -2.12
N THR A 50 11.57 -14.08 -3.42
CA THR A 50 12.54 -14.19 -4.52
C THR A 50 13.50 -12.99 -4.50
N LEU A 51 13.19 -11.99 -5.33
CA LEU A 51 13.91 -10.71 -5.45
C LEU A 51 13.23 -9.80 -6.49
N LYS A 52 11.91 -9.86 -6.49
CA LYS A 52 11.11 -9.06 -7.43
C LYS A 52 10.17 -8.09 -6.68
N GLU A 53 9.52 -8.63 -5.65
CA GLU A 53 8.64 -7.85 -4.75
C GLU A 53 9.40 -7.03 -3.70
N THR A 54 10.25 -6.14 -4.22
CA THR A 54 11.18 -5.26 -3.45
C THR A 54 11.69 -4.10 -4.31
N SER A 55 10.72 -3.34 -4.84
CA SER A 55 11.03 -2.12 -5.62
C SER A 55 10.79 -0.83 -4.81
N PHE A 56 9.87 -0.96 -3.86
CA PHE A 56 9.48 0.13 -2.97
C PHE A 56 10.35 0.19 -1.71
N ASN A 57 10.53 -0.94 -1.02
CA ASN A 57 11.33 -0.95 0.21
C ASN A 57 12.82 -0.70 -0.09
N GLN A 58 13.17 -0.89 -1.36
CA GLN A 58 14.52 -0.64 -1.88
C GLN A 58 14.86 0.86 -1.93
N ALA A 59 13.92 1.66 -2.42
CA ALA A 59 14.11 3.13 -2.56
C ALA A 59 13.08 3.93 -1.75
N TYR A 60 11.81 3.70 -2.07
CA TYR A 60 10.61 4.17 -1.36
C TYR A 60 10.36 3.46 -0.01
N GLY A 61 11.45 3.21 0.73
CA GLY A 61 11.44 2.62 2.10
C GLY A 61 10.68 3.48 3.13
N ARG A 62 10.46 4.74 2.75
CA ARG A 62 9.71 5.74 3.53
C ARG A 62 8.29 5.97 3.00
N ASP A 63 7.99 5.41 1.84
CA ASP A 63 6.66 5.56 1.20
C ASP A 63 5.65 4.58 1.82
N LEU A 64 4.97 3.74 1.01
CA LEU A 64 3.96 2.78 1.44
C LEU A 64 4.44 1.94 2.63
N MET A 65 5.74 1.63 2.67
CA MET A 65 6.40 1.04 3.86
C MET A 65 6.02 1.74 5.19
N GLU A 66 6.16 3.06 5.25
CA GLU A 66 5.74 3.84 6.43
C GLU A 66 4.23 4.13 6.46
N ALA A 67 3.66 4.33 5.28
CA ALA A 67 2.20 4.51 5.09
C ALA A 67 1.35 3.27 5.46
N GLN A 68 2.03 2.13 5.59
CA GLN A 68 1.53 0.81 6.04
C GLN A 68 1.93 0.49 7.49
N GLU A 69 3.10 0.97 7.89
CA GLU A 69 3.61 0.80 9.27
C GLU A 69 2.80 1.58 10.30
N TRP A 70 2.04 2.57 9.80
CA TRP A 70 1.03 3.29 10.59
C TRP A 70 -0.22 2.42 10.85
N CYS A 71 -0.10 1.10 10.77
CA CYS A 71 -1.20 0.15 11.04
C CYS A 71 -1.70 0.29 12.49
N ARG A 72 -0.77 0.22 13.44
CA ARG A 72 -1.04 0.51 14.87
C ARG A 72 -1.46 1.96 15.18
N LYS A 73 -1.45 2.80 14.15
CA LYS A 73 -1.83 4.22 14.22
C LYS A 73 -3.18 4.47 13.52
N TYR A 74 -3.30 4.16 12.23
CA TYR A 74 -4.57 4.22 11.49
C TYR A 74 -5.66 3.24 11.96
N MET A 75 -5.23 2.19 12.68
CA MET A 75 -6.12 1.14 13.22
C MET A 75 -6.61 1.49 14.63
N LYS A 76 -5.72 2.03 15.44
CA LYS A 76 -6.03 2.32 16.85
C LYS A 76 -6.43 3.79 17.02
N SER A 77 -5.60 4.68 16.50
CA SER A 77 -5.88 6.13 16.46
C SER A 77 -6.92 6.44 15.37
N GLY A 78 -6.81 5.75 14.22
CA GLY A 78 -7.74 5.89 13.06
C GLY A 78 -7.99 7.37 12.70
N ASN A 79 -6.95 8.17 12.94
CA ASN A 79 -7.08 9.61 12.85
C ASN A 79 -6.64 10.00 11.44
N VAL A 80 -7.61 10.56 10.72
CA VAL A 80 -7.37 11.11 9.36
C VAL A 80 -6.16 12.06 9.34
N LYS A 81 -5.79 12.58 10.52
CA LYS A 81 -4.54 13.34 10.72
C LYS A 81 -3.24 12.57 10.42
N ASP A 82 -3.35 11.25 10.32
CA ASP A 82 -2.27 10.35 9.86
C ASP A 82 -2.52 9.89 8.42
N LEU A 83 -3.77 9.54 8.12
CA LEU A 83 -4.18 9.18 6.75
C LEU A 83 -3.89 10.25 5.70
N THR A 84 -4.05 11.52 6.07
CA THR A 84 -3.65 12.70 5.24
C THR A 84 -2.24 12.57 4.63
N GLN A 85 -1.31 12.07 5.45
CA GLN A 85 0.08 11.79 5.04
C GLN A 85 0.27 10.43 4.36
N ALA A 86 -0.43 9.43 4.86
CA ALA A 86 -0.46 8.08 4.23
C ALA A 86 -1.02 8.13 2.78
N TRP A 87 -1.89 9.12 2.54
CA TRP A 87 -2.44 9.46 1.23
C TRP A 87 -1.40 10.16 0.34
N ASP A 88 -0.56 10.96 0.98
CA ASP A 88 0.58 11.63 0.33
C ASP A 88 1.58 10.57 -0.15
N LEU A 89 1.87 9.55 0.67
CA LEU A 89 2.79 8.46 0.27
C LEU A 89 2.18 7.53 -0.79
N TYR A 90 0.91 7.17 -0.57
CA TYR A 90 0.12 6.36 -1.51
C TYR A 90 -0.03 6.99 -2.88
N TYR A 91 -0.18 8.32 -2.89
CA TYR A 91 -0.33 9.15 -4.11
C TYR A 91 1.01 9.54 -4.74
N HIS A 92 1.98 9.89 -3.90
CA HIS A 92 3.37 10.20 -4.29
C HIS A 92 4.03 9.01 -4.98
N VAL A 93 3.62 7.81 -4.54
CA VAL A 93 4.03 6.55 -5.15
C VAL A 93 3.03 6.08 -6.22
N PHE A 94 1.76 6.46 -6.14
CA PHE A 94 0.70 6.09 -7.09
C PHE A 94 1.14 6.31 -8.55
N ARG A 95 1.96 7.35 -8.76
CA ARG A 95 2.62 7.63 -10.04
C ARG A 95 3.97 6.92 -10.25
N ARG A 96 4.71 6.72 -9.18
CA ARG A 96 5.98 5.98 -9.21
C ARG A 96 5.75 4.49 -9.48
N ILE A 97 5.10 3.81 -8.53
CA ILE A 97 4.76 2.39 -8.62
C ILE A 97 3.74 2.09 -9.73
N SER A 98 3.17 3.16 -10.32
CA SER A 98 2.24 3.03 -11.46
C SER A 98 2.95 2.29 -12.61
N LYS A 99 4.12 2.79 -12.97
CA LYS A 99 4.93 2.22 -14.06
C LYS A 99 6.42 2.29 -13.77
N GLN A 100 6.78 1.93 -12.54
CA GLN A 100 8.19 1.93 -12.09
C GLN A 100 9.11 1.13 -13.05
N GLU A 1 0.52 -19.44 -13.70
CA GLU A 1 1.32 -18.24 -14.08
C GLU A 1 2.77 -18.38 -13.58
N LEU A 2 3.27 -17.47 -12.73
CA LEU A 2 4.64 -17.46 -12.15
C LEU A 2 5.71 -18.03 -13.09
N ILE A 3 6.07 -17.19 -14.06
CA ILE A 3 7.00 -17.59 -15.14
C ILE A 3 7.89 -16.43 -15.59
N ARG A 4 7.23 -15.31 -15.89
CA ARG A 4 7.88 -14.06 -16.32
C ARG A 4 7.46 -12.87 -15.45
N VAL A 5 6.14 -12.77 -15.24
CA VAL A 5 5.53 -11.73 -14.39
C VAL A 5 5.90 -11.97 -12.91
N ALA A 6 5.90 -13.24 -12.51
CA ALA A 6 6.17 -13.73 -11.15
C ALA A 6 5.20 -13.14 -10.11
N ILE A 7 3.99 -12.83 -10.60
CA ILE A 7 2.90 -12.14 -9.88
C ILE A 7 3.26 -10.70 -9.50
N LEU A 8 4.40 -10.56 -8.83
CA LEU A 8 4.97 -9.32 -8.28
C LEU A 8 4.00 -8.62 -7.31
N TRP A 9 4.54 -8.22 -6.17
CA TRP A 9 3.76 -7.43 -5.20
C TRP A 9 3.44 -6.01 -5.70
N HIS A 10 4.28 -5.54 -6.63
CA HIS A 10 4.11 -4.26 -7.32
C HIS A 10 2.84 -4.25 -8.21
N GLU A 11 2.55 -5.40 -8.82
CA GLU A 11 1.44 -5.55 -9.78
C GLU A 11 0.08 -5.37 -9.09
N MET A 12 -0.11 -6.16 -8.04
CA MET A 12 -1.27 -5.99 -7.14
C MET A 12 -1.22 -4.66 -6.38
N TRP A 13 -0.03 -4.06 -6.22
CA TRP A 13 0.13 -2.76 -5.54
C TRP A 13 -0.63 -1.63 -6.24
N HIS A 14 -0.61 -1.66 -7.57
CA HIS A 14 -1.37 -0.70 -8.38
C HIS A 14 -2.88 -0.71 -8.06
N GLU A 15 -3.51 -1.84 -8.34
CA GLU A 15 -4.94 -2.07 -8.06
C GLU A 15 -5.28 -2.12 -6.57
N GLY A 16 -4.43 -2.79 -5.78
CA GLY A 16 -4.57 -2.83 -4.32
C GLY A 16 -4.54 -1.42 -3.69
N LEU A 17 -3.78 -0.52 -4.31
CA LEU A 17 -3.79 0.90 -3.96
C LEU A 17 -4.96 1.65 -4.60
N GLU A 18 -5.43 1.19 -5.75
CA GLU A 18 -6.59 1.79 -6.43
C GLU A 18 -7.88 1.46 -5.66
N GLU A 19 -8.17 0.17 -5.46
CA GLU A 19 -9.34 -0.28 -4.69
C GLU A 19 -9.38 0.32 -3.27
N ALA A 20 -8.20 0.66 -2.74
CA ALA A 20 -8.04 1.32 -1.43
C ALA A 20 -8.18 2.84 -1.47
N SER A 21 -7.30 3.47 -2.25
CA SER A 21 -7.27 4.92 -2.48
C SER A 21 -8.60 5.38 -3.09
N ARG A 22 -9.31 4.50 -3.79
CA ARG A 22 -10.68 4.70 -4.32
C ARG A 22 -11.75 4.41 -3.25
N LEU A 23 -11.51 3.47 -2.34
CA LEU A 23 -12.43 3.27 -1.21
C LEU A 23 -12.61 4.55 -0.37
N TYR A 24 -11.58 5.38 -0.34
CA TYR A 24 -11.62 6.72 0.27
C TYR A 24 -11.87 7.87 -0.72
N PHE A 25 -11.01 8.00 -1.73
CA PHE A 25 -11.11 9.09 -2.71
C PHE A 25 -12.33 8.95 -3.64
N GLY A 26 -13.02 7.82 -3.51
CA GLY A 26 -14.25 7.51 -4.26
C GLY A 26 -15.45 7.28 -3.34
N GLU A 27 -15.24 6.60 -2.20
CA GLU A 27 -16.35 6.27 -1.28
C GLU A 27 -16.18 6.83 0.15
N ARG A 28 -15.09 7.57 0.37
CA ARG A 28 -14.64 8.09 1.69
C ARG A 28 -14.71 7.07 2.84
N ASN A 29 -14.51 5.83 2.41
CA ASN A 29 -14.60 4.66 3.28
C ASN A 29 -13.18 4.18 3.52
N VAL A 30 -12.56 4.94 4.42
CA VAL A 30 -11.21 4.65 4.94
C VAL A 30 -11.19 3.25 5.58
N LYS A 31 -12.27 2.93 6.27
CA LYS A 31 -12.50 1.61 6.87
C LYS A 31 -12.42 0.50 5.81
N GLY A 32 -12.95 0.80 4.61
CA GLY A 32 -12.96 -0.12 3.46
C GLY A 32 -11.54 -0.32 2.89
N MET A 33 -10.89 0.80 2.56
CA MET A 33 -9.49 0.81 2.09
C MET A 33 -8.52 0.04 3.00
N PHE A 34 -8.85 0.08 4.29
CA PHE A 34 -8.12 -0.58 5.37
C PHE A 34 -8.21 -2.12 5.28
N GLU A 35 -9.22 -2.61 4.58
CA GLU A 35 -9.49 -4.04 4.39
C GLU A 35 -8.80 -4.57 3.13
N VAL A 36 -8.63 -3.71 2.12
CA VAL A 36 -7.90 -4.09 0.89
C VAL A 36 -6.37 -3.87 1.05
N LEU A 37 -6.01 -2.93 1.92
CA LEU A 37 -4.61 -2.64 2.30
C LEU A 37 -4.11 -3.57 3.43
N GLU A 38 -5.04 -4.09 4.23
CA GLU A 38 -4.74 -5.14 5.23
C GLU A 38 -3.94 -6.32 4.64
N PRO A 39 -4.36 -6.95 3.53
CA PRO A 39 -3.56 -8.00 2.87
C PRO A 39 -2.34 -7.43 2.14
N LEU A 40 -2.44 -6.24 1.57
CA LEU A 40 -1.29 -5.58 0.90
C LEU A 40 -0.13 -5.24 1.86
N HIS A 41 -0.44 -5.15 3.16
CA HIS A 41 0.55 -5.02 4.24
C HIS A 41 1.13 -6.38 4.65
N ALA A 42 0.25 -7.36 4.85
CA ALA A 42 0.64 -8.73 5.25
C ALA A 42 1.46 -9.43 4.15
N MET A 43 1.05 -9.18 2.91
CA MET A 43 1.76 -9.57 1.67
C MET A 43 3.10 -8.84 1.48
N MET A 44 3.41 -7.88 2.35
CA MET A 44 4.71 -7.19 2.36
C MET A 44 5.59 -7.69 3.52
N GLU A 45 4.94 -8.09 4.61
CA GLU A 45 5.63 -8.56 5.83
C GLU A 45 6.18 -9.99 5.68
N ARG A 46 5.45 -10.85 4.96
CA ARG A 46 5.87 -12.24 4.66
C ARG A 46 7.35 -12.34 4.24
N GLY A 47 7.78 -11.31 3.49
CA GLY A 47 9.18 -11.16 3.09
C GLY A 47 9.36 -11.41 1.59
N PRO A 48 10.34 -10.75 0.95
CA PRO A 48 10.61 -10.96 -0.48
C PRO A 48 11.15 -12.38 -0.73
N GLN A 49 10.71 -12.94 -1.85
CA GLN A 49 11.13 -14.28 -2.29
C GLN A 49 12.31 -14.17 -3.28
N THR A 50 11.98 -14.05 -4.57
CA THR A 50 12.93 -13.89 -5.69
C THR A 50 13.87 -12.70 -5.45
N LEU A 51 13.56 -11.58 -6.10
CA LEU A 51 14.27 -10.29 -6.01
C LEU A 51 13.63 -9.24 -6.94
N LYS A 52 12.30 -9.32 -7.04
CA LYS A 52 11.53 -8.39 -7.88
C LYS A 52 10.57 -7.54 -7.04
N GLU A 53 9.89 -8.18 -6.09
CA GLU A 53 9.00 -7.51 -5.12
C GLU A 53 9.72 -6.79 -3.97
N THR A 54 10.63 -5.89 -4.34
CA THR A 54 11.47 -5.11 -3.40
C THR A 54 11.88 -3.75 -3.99
N SER A 55 10.92 -3.09 -4.65
CA SER A 55 11.13 -1.73 -5.18
C SER A 55 10.70 -0.65 -4.17
N PHE A 56 9.57 -0.93 -3.52
CA PHE A 56 9.00 -0.06 -2.47
C PHE A 56 9.79 -0.20 -1.17
N ASN A 57 10.02 -1.43 -0.71
CA ASN A 57 10.82 -1.69 0.50
C ASN A 57 12.28 -1.21 0.37
N GLN A 58 12.71 -0.97 -0.86
CA GLN A 58 14.06 -0.47 -1.15
C GLN A 58 14.23 1.02 -0.79
N ALA A 59 13.24 1.84 -1.18
CA ALA A 59 13.25 3.29 -0.94
C ALA A 59 12.04 3.77 -0.13
N TYR A 60 10.86 3.38 -0.62
CA TYR A 60 9.53 3.59 -0.03
C TYR A 60 9.25 2.54 1.07
N GLY A 61 10.25 2.29 1.92
CA GLY A 61 10.15 1.39 3.10
C GLY A 61 9.05 1.82 4.09
N ARG A 62 8.61 3.05 3.93
CA ARG A 62 7.55 3.69 4.73
C ARG A 62 6.27 3.98 3.94
N ASP A 63 6.19 3.42 2.73
CA ASP A 63 5.04 3.58 1.83
C ASP A 63 3.80 2.85 2.38
N LEU A 64 3.04 2.11 1.57
CA LEU A 64 1.89 1.32 2.05
C LEU A 64 2.19 0.49 3.32
N MET A 65 3.45 0.02 3.43
CA MET A 65 4.02 -0.61 4.63
C MET A 65 3.66 0.17 5.91
N GLU A 66 4.13 1.40 6.00
CA GLU A 66 3.86 2.28 7.16
C GLU A 66 2.49 2.96 7.07
N ALA A 67 1.98 3.07 5.84
CA ALA A 67 0.63 3.61 5.57
C ALA A 67 -0.48 2.70 6.11
N GLN A 68 -0.17 1.43 6.35
CA GLN A 68 -1.05 0.47 7.06
C GLN A 68 -0.54 0.15 8.47
N GLU A 69 0.78 0.07 8.64
CA GLU A 69 1.40 -0.12 9.97
C GLU A 69 1.18 1.07 10.91
N TRP A 70 0.63 2.14 10.35
CA TRP A 70 0.13 3.31 11.10
C TRP A 70 -0.99 2.90 12.05
N CYS A 71 -1.45 1.64 12.02
CA CYS A 71 -2.46 1.09 12.95
C CYS A 71 -2.18 1.52 14.39
N ARG A 72 -0.90 1.53 14.78
CA ARG A 72 -0.47 2.07 16.09
C ARG A 72 -0.94 3.52 16.37
N LYS A 73 -0.80 4.35 15.34
CA LYS A 73 -1.24 5.76 15.32
C LYS A 73 -2.74 5.88 15.02
N TYR A 74 -3.22 5.17 14.02
CA TYR A 74 -4.65 5.08 13.65
C TYR A 74 -5.55 4.48 14.76
N MET A 75 -4.93 3.82 15.73
CA MET A 75 -5.56 3.23 16.92
C MET A 75 -5.70 4.25 18.07
N LYS A 76 -4.57 4.80 18.50
CA LYS A 76 -4.54 5.78 19.59
C LYS A 76 -4.85 7.22 19.14
N SER A 77 -4.21 7.63 18.05
CA SER A 77 -4.45 8.93 17.41
C SER A 77 -5.82 8.91 16.70
N GLY A 78 -6.17 7.78 16.07
CA GLY A 78 -7.47 7.57 15.37
C GLY A 78 -7.97 8.80 14.61
N ASN A 79 -7.01 9.51 14.04
CA ASN A 79 -7.26 10.83 13.45
C ASN A 79 -6.80 10.78 12.00
N VAL A 80 -7.61 11.44 11.19
CA VAL A 80 -7.35 11.63 9.74
C VAL A 80 -5.99 12.36 9.53
N LYS A 81 -5.39 12.88 10.60
CA LYS A 81 -4.05 13.50 10.61
C LYS A 81 -2.94 12.58 10.05
N ASP A 82 -3.20 11.28 10.11
CA ASP A 82 -2.42 10.25 9.43
C ASP A 82 -2.93 9.99 8.01
N LEU A 83 -4.23 9.76 7.87
CA LEU A 83 -4.92 9.55 6.58
C LEU A 83 -4.64 10.60 5.50
N THR A 84 -4.68 11.87 5.89
CA THR A 84 -4.26 13.05 5.10
C THR A 84 -2.83 12.91 4.51
N GLN A 85 -2.04 12.08 5.18
CA GLN A 85 -0.68 11.70 4.77
C GLN A 85 -0.58 10.37 4.02
N ALA A 86 -1.42 9.40 4.35
CA ALA A 86 -1.44 8.14 3.58
C ALA A 86 -1.89 8.35 2.15
N TRP A 87 -2.83 9.27 1.94
CA TRP A 87 -3.23 9.70 0.59
C TRP A 87 -2.01 10.21 -0.19
N ASP A 88 -1.07 10.79 0.56
CA ASP A 88 0.23 11.23 0.02
C ASP A 88 1.15 10.03 -0.21
N LEU A 89 1.21 9.04 0.67
CA LEU A 89 2.03 7.82 0.48
C LEU A 89 1.52 6.92 -0.66
N TYR A 90 0.21 6.69 -0.65
CA TYR A 90 -0.53 5.95 -1.69
C TYR A 90 -0.42 6.62 -3.06
N TYR A 91 -0.58 7.95 -3.09
CA TYR A 91 -0.44 8.76 -4.31
C TYR A 91 1.02 8.93 -4.78
N HIS A 92 1.90 9.19 -3.83
CA HIS A 92 3.36 9.35 -4.06
C HIS A 92 3.90 8.07 -4.70
N VAL A 93 3.41 6.94 -4.20
CA VAL A 93 3.79 5.63 -4.74
C VAL A 93 2.98 5.26 -5.98
N PHE A 94 1.70 5.60 -6.00
CA PHE A 94 0.79 5.43 -7.16
C PHE A 94 1.48 5.77 -8.50
N ARG A 95 2.39 6.73 -8.45
CA ARG A 95 3.28 7.12 -9.57
C ARG A 95 4.64 6.40 -9.58
N ARG A 96 5.24 6.21 -8.40
CA ARG A 96 6.51 5.48 -8.17
C ARG A 96 6.44 4.00 -8.59
N ILE A 97 5.63 3.22 -7.86
CA ILE A 97 5.35 1.79 -8.19
C ILE A 97 4.59 1.63 -9.52
N SER A 98 4.06 2.73 -10.02
CA SER A 98 3.46 2.80 -11.36
C SER A 98 4.52 2.73 -12.45
N LYS A 99 5.46 3.68 -12.36
CA LYS A 99 6.47 3.93 -13.40
C LYS A 99 5.83 4.32 -14.75
N GLN A 100 4.77 5.14 -14.67
CA GLN A 100 4.09 5.67 -15.88
C GLN A 100 5.08 6.22 -16.93
N GLU A 1 -0.70 -18.26 -10.22
CA GLU A 1 0.23 -18.81 -9.21
C GLU A 1 1.69 -18.85 -9.70
N LEU A 2 2.30 -17.67 -9.66
CA LEU A 2 3.72 -17.46 -10.05
C LEU A 2 4.09 -18.24 -11.33
N ILE A 3 3.53 -17.78 -12.43
CA ILE A 3 3.68 -18.46 -13.74
C ILE A 3 5.11 -18.34 -14.30
N ARG A 4 5.67 -17.15 -14.10
CA ARG A 4 7.02 -16.73 -14.54
C ARG A 4 7.49 -15.43 -13.86
N VAL A 5 6.60 -14.43 -13.88
CA VAL A 5 6.79 -13.13 -13.20
C VAL A 5 6.79 -13.29 -11.68
N ALA A 6 6.13 -14.35 -11.19
CA ALA A 6 5.95 -14.65 -9.76
C ALA A 6 5.02 -13.63 -9.07
N ILE A 7 4.02 -13.19 -9.83
CA ILE A 7 2.99 -12.20 -9.44
C ILE A 7 3.61 -11.10 -8.56
N LEU A 8 4.38 -10.24 -9.22
CA LEU A 8 5.11 -9.18 -8.53
C LEU A 8 4.19 -8.35 -7.61
N TRP A 9 4.79 -7.79 -6.56
CA TRP A 9 4.01 -7.00 -5.59
C TRP A 9 3.70 -5.58 -6.05
N HIS A 10 4.69 -4.92 -6.64
CA HIS A 10 4.53 -3.62 -7.31
C HIS A 10 3.36 -3.63 -8.34
N GLU A 11 3.19 -4.80 -8.98
CA GLU A 11 2.11 -5.05 -9.96
C GLU A 11 0.71 -4.93 -9.31
N MET A 12 0.56 -5.55 -8.14
CA MET A 12 -0.68 -5.44 -7.37
C MET A 12 -0.76 -4.05 -6.70
N TRP A 13 0.37 -3.35 -6.52
CA TRP A 13 0.41 -1.98 -5.96
C TRP A 13 -0.31 -0.92 -6.81
N HIS A 14 -0.54 -1.28 -8.07
CA HIS A 14 -1.38 -0.52 -9.01
C HIS A 14 -2.86 -0.46 -8.57
N GLU A 15 -3.47 -1.63 -8.46
CA GLU A 15 -4.90 -1.74 -8.08
C GLU A 15 -5.14 -2.00 -6.59
N GLY A 16 -4.25 -2.75 -5.96
CA GLY A 16 -4.25 -2.95 -4.50
C GLY A 16 -4.25 -1.62 -3.76
N LEU A 17 -3.54 -0.61 -4.31
CA LEU A 17 -3.64 0.77 -3.80
C LEU A 17 -4.80 1.56 -4.39
N GLU A 18 -5.17 1.31 -5.65
CA GLU A 18 -6.30 2.01 -6.28
C GLU A 18 -7.67 1.63 -5.69
N GLU A 19 -7.90 0.33 -5.47
CA GLU A 19 -9.10 -0.21 -4.81
C GLU A 19 -9.21 0.21 -3.33
N ALA A 20 -8.16 0.84 -2.80
CA ALA A 20 -8.14 1.39 -1.44
C ALA A 20 -8.15 2.92 -1.42
N SER A 21 -7.16 3.49 -2.10
CA SER A 21 -7.00 4.94 -2.29
C SER A 21 -8.27 5.53 -2.89
N ARG A 22 -9.08 4.72 -3.59
CA ARG A 22 -10.42 5.09 -4.07
C ARG A 22 -11.50 5.22 -2.97
N LEU A 23 -11.65 4.19 -2.14
CA LEU A 23 -12.53 4.26 -0.95
C LEU A 23 -12.34 5.53 -0.10
N TYR A 24 -11.14 6.10 -0.19
CA TYR A 24 -10.82 7.40 0.40
C TYR A 24 -10.90 8.58 -0.59
N PHE A 25 -10.49 8.33 -1.83
CA PHE A 25 -10.48 9.28 -2.96
C PHE A 25 -11.76 10.10 -3.07
N GLY A 26 -12.88 9.37 -3.02
CA GLY A 26 -14.23 9.98 -3.04
C GLY A 26 -15.33 9.05 -2.55
N GLU A 27 -14.98 8.15 -1.63
CA GLU A 27 -15.97 7.26 -1.00
C GLU A 27 -16.12 7.51 0.52
N ARG A 28 -15.22 8.32 1.09
CA ARG A 28 -15.13 8.59 2.55
C ARG A 28 -15.28 7.32 3.42
N ASN A 29 -14.78 6.23 2.86
CA ASN A 29 -14.89 4.89 3.46
C ASN A 29 -13.50 4.29 3.60
N VAL A 30 -12.75 4.93 4.50
CA VAL A 30 -11.40 4.48 4.90
C VAL A 30 -11.44 3.06 5.49
N LYS A 31 -12.58 2.70 6.09
CA LYS A 31 -12.85 1.34 6.58
C LYS A 31 -12.80 0.30 5.43
N GLY A 32 -13.26 0.74 4.24
CA GLY A 32 -13.27 -0.08 3.02
C GLY A 32 -11.87 -0.31 2.45
N MET A 33 -11.13 0.79 2.26
CA MET A 33 -9.72 0.78 1.80
C MET A 33 -8.81 -0.10 2.68
N PHE A 34 -9.16 -0.11 3.96
CA PHE A 34 -8.51 -0.90 5.00
C PHE A 34 -8.68 -2.42 4.83
N GLU A 35 -9.62 -2.82 3.99
CA GLU A 35 -9.92 -4.23 3.69
C GLU A 35 -9.10 -4.75 2.50
N VAL A 36 -8.95 -3.92 1.47
CA VAL A 36 -8.10 -4.25 0.30
C VAL A 36 -6.61 -4.01 0.60
N LEU A 37 -6.34 -3.06 1.49
CA LEU A 37 -5.00 -2.80 2.05
C LEU A 37 -4.61 -3.73 3.20
N GLU A 38 -5.58 -4.38 3.82
CA GLU A 38 -5.35 -5.40 4.87
C GLU A 38 -4.35 -6.48 4.38
N PRO A 39 -4.54 -7.10 3.20
CA PRO A 39 -3.53 -8.01 2.63
C PRO A 39 -2.28 -7.26 2.14
N LEU A 40 -2.41 -6.00 1.72
CA LEU A 40 -1.26 -5.21 1.25
C LEU A 40 -0.27 -4.85 2.37
N HIS A 41 -0.76 -4.86 3.61
CA HIS A 41 0.03 -4.69 4.84
C HIS A 41 0.83 -5.96 5.18
N ALA A 42 0.24 -7.11 4.88
CA ALA A 42 0.89 -8.44 5.09
C ALA A 42 1.76 -8.86 3.88
N MET A 43 1.27 -8.55 2.69
CA MET A 43 1.96 -8.71 1.38
C MET A 43 3.15 -7.77 1.21
N MET A 44 3.31 -6.84 2.14
CA MET A 44 4.49 -5.96 2.16
C MET A 44 5.34 -6.16 3.43
N GLU A 45 4.89 -7.05 4.33
CA GLU A 45 5.57 -7.33 5.59
C GLU A 45 6.18 -8.74 5.61
N ARG A 46 5.47 -9.71 5.04
CA ARG A 46 5.91 -11.13 4.94
C ARG A 46 7.32 -11.24 4.34
N GLY A 47 7.63 -10.26 3.47
CA GLY A 47 8.98 -10.11 2.91
C GLY A 47 9.07 -10.76 1.51
N PRO A 48 10.06 -10.35 0.71
CA PRO A 48 10.25 -10.92 -0.64
C PRO A 48 10.65 -12.41 -0.53
N GLN A 49 10.17 -13.17 -1.50
CA GLN A 49 10.45 -14.61 -1.59
C GLN A 49 11.60 -14.92 -2.57
N THR A 50 11.51 -14.28 -3.74
CA THR A 50 12.46 -14.39 -4.86
C THR A 50 13.52 -13.28 -4.70
N LEU A 51 13.42 -12.27 -5.56
CA LEU A 51 14.28 -11.08 -5.59
C LEU A 51 13.80 -10.08 -6.66
N LYS A 52 12.47 -10.00 -6.78
CA LYS A 52 11.83 -9.07 -7.74
C LYS A 52 10.97 -8.03 -7.02
N GLU A 53 10.19 -8.47 -6.02
CA GLU A 53 9.34 -7.60 -5.18
C GLU A 53 10.13 -6.81 -4.09
N THR A 54 11.10 -6.04 -4.56
CA THR A 54 12.05 -5.27 -3.72
C THR A 54 12.70 -4.11 -4.53
N SER A 55 11.86 -3.48 -5.35
CA SER A 55 12.29 -2.30 -6.13
C SER A 55 11.66 -0.99 -5.61
N PHE A 56 10.56 -1.17 -4.89
CA PHE A 56 9.79 -0.11 -4.23
C PHE A 56 10.03 -0.01 -2.71
N ASN A 57 10.48 -1.12 -2.13
CA ASN A 57 10.83 -1.16 -0.70
C ASN A 57 12.24 -0.61 -0.45
N GLN A 58 13.11 -0.80 -1.44
CA GLN A 58 14.49 -0.28 -1.38
C GLN A 58 14.59 1.22 -1.68
N ALA A 59 13.81 1.65 -2.66
CA ALA A 59 13.68 3.08 -3.01
C ALA A 59 12.79 3.83 -2.02
N TYR A 60 11.73 3.16 -1.57
CA TYR A 60 10.74 3.76 -0.66
C TYR A 60 10.47 2.81 0.53
N GLY A 61 11.49 2.70 1.39
CA GLY A 61 11.41 1.92 2.65
C GLY A 61 10.38 2.48 3.65
N ARG A 62 10.16 3.79 3.57
CA ARG A 62 9.18 4.50 4.40
C ARG A 62 7.78 4.61 3.76
N ASP A 63 7.65 4.03 2.56
CA ASP A 63 6.39 4.00 1.82
C ASP A 63 5.36 3.08 2.49
N LEU A 64 4.62 2.27 1.73
CA LEU A 64 3.67 1.25 2.21
C LEU A 64 4.09 0.55 3.53
N MET A 65 5.39 0.28 3.64
CA MET A 65 6.04 -0.23 4.87
C MET A 65 5.64 0.58 6.13
N GLU A 66 5.86 1.89 6.15
CA GLU A 66 5.41 2.76 7.26
C GLU A 66 3.92 3.15 7.14
N ALA A 67 3.46 3.28 5.90
CA ALA A 67 2.06 3.55 5.54
C ALA A 67 1.07 2.45 5.97
N GLN A 68 1.63 1.30 6.39
CA GLN A 68 0.93 0.15 6.99
C GLN A 68 1.36 -0.09 8.45
N GLU A 69 2.63 0.22 8.75
CA GLU A 69 3.21 0.07 10.10
C GLU A 69 2.57 1.06 11.08
N TRP A 70 1.90 2.05 10.53
CA TRP A 70 0.99 2.94 11.26
C TRP A 70 -0.16 2.16 11.91
N CYS A 71 -0.38 0.87 11.58
CA CYS A 71 -1.42 0.02 12.19
C CYS A 71 -1.45 0.15 13.72
N ARG A 72 -0.30 -0.03 14.37
CA ARG A 72 -0.13 0.18 15.83
C ARG A 72 -0.69 1.55 16.31
N LYS A 73 -0.59 2.52 15.43
CA LYS A 73 -1.13 3.89 15.59
C LYS A 73 -2.61 3.94 15.19
N TYR A 74 -2.96 3.68 13.93
CA TYR A 74 -4.33 3.56 13.39
C TYR A 74 -5.29 2.69 14.25
N MET A 75 -4.73 1.74 14.98
CA MET A 75 -5.45 0.94 15.99
C MET A 75 -6.07 1.76 17.13
N LYS A 76 -5.35 2.79 17.55
CA LYS A 76 -5.76 3.74 18.63
C LYS A 76 -5.92 5.20 18.17
N SER A 77 -5.20 5.55 17.13
CA SER A 77 -5.15 6.88 16.48
C SER A 77 -5.49 6.73 14.97
N GLY A 78 -6.43 5.82 14.70
CA GLY A 78 -7.02 5.57 13.36
C GLY A 78 -7.96 6.66 12.88
N ASN A 79 -7.48 7.86 13.12
CA ASN A 79 -8.17 9.10 12.76
C ASN A 79 -7.63 9.52 11.39
N VAL A 80 -8.54 10.11 10.63
CA VAL A 80 -8.22 10.76 9.33
C VAL A 80 -6.99 11.69 9.45
N LYS A 81 -6.72 12.20 10.66
CA LYS A 81 -5.47 12.91 10.99
C LYS A 81 -4.16 12.17 10.66
N ASP A 82 -4.24 10.85 10.55
CA ASP A 82 -3.16 10.00 10.03
C ASP A 82 -3.36 9.68 8.53
N LEU A 83 -4.61 9.43 8.13
CA LEU A 83 -4.95 9.10 6.73
C LEU A 83 -4.57 10.25 5.80
N THR A 84 -4.78 11.50 6.21
CA THR A 84 -4.33 12.72 5.49
C THR A 84 -2.86 12.66 5.03
N GLN A 85 -2.06 11.90 5.78
CA GLN A 85 -0.65 11.64 5.49
C GLN A 85 -0.41 10.33 4.74
N ALA A 86 -1.08 9.25 5.13
CA ALA A 86 -0.99 7.99 4.36
C ALA A 86 -1.53 8.14 2.94
N TRP A 87 -2.49 9.04 2.74
CA TRP A 87 -2.98 9.43 1.40
C TRP A 87 -1.85 10.08 0.60
N ASP A 88 -1.02 10.87 1.28
CA ASP A 88 0.15 11.51 0.68
C ASP A 88 1.15 10.43 0.27
N LEU A 89 1.50 9.50 1.18
CA LEU A 89 2.44 8.40 0.86
C LEU A 89 1.89 7.41 -0.17
N TYR A 90 0.60 7.09 -0.05
CA TYR A 90 -0.16 6.22 -0.96
C TYR A 90 -0.20 6.80 -2.37
N TYR A 91 -0.56 8.07 -2.49
CA TYR A 91 -0.61 8.83 -3.75
C TYR A 91 0.78 9.20 -4.32
N HIS A 92 1.65 9.70 -3.45
CA HIS A 92 3.06 10.02 -3.75
C HIS A 92 3.76 8.82 -4.38
N VAL A 93 3.43 7.64 -3.85
CA VAL A 93 3.97 6.40 -4.39
C VAL A 93 3.12 5.84 -5.54
N PHE A 94 1.80 6.04 -5.47
CA PHE A 94 0.84 5.63 -6.50
C PHE A 94 1.34 5.96 -7.92
N ARG A 95 2.08 7.06 -8.03
CA ARG A 95 2.82 7.44 -9.26
C ARG A 95 4.24 6.88 -9.39
N ARG A 96 5.00 6.87 -8.29
CA ARG A 96 6.36 6.29 -8.20
C ARG A 96 6.39 4.79 -8.51
N ILE A 97 5.75 4.00 -7.65
CA ILE A 97 5.59 2.54 -7.81
C ILE A 97 4.75 2.19 -9.05
N SER A 98 4.00 3.16 -9.55
CA SER A 98 3.20 3.00 -10.79
C SER A 98 4.11 2.58 -11.95
N LYS A 99 4.96 3.51 -12.36
CA LYS A 99 5.90 3.38 -13.49
C LYS A 99 6.72 4.68 -13.67
N GLN A 100 7.50 5.00 -12.63
CA GLN A 100 8.41 6.17 -12.68
C GLN A 100 9.32 6.18 -13.93
N GLU A 1 10.67 -13.59 -12.60
CA GLU A 1 9.89 -14.68 -11.98
C GLU A 1 8.53 -14.93 -12.66
N LEU A 2 7.78 -13.85 -12.84
CA LEU A 2 6.49 -13.77 -13.56
C LEU A 2 6.41 -14.62 -14.86
N ILE A 3 6.16 -15.91 -14.66
CA ILE A 3 6.20 -16.98 -15.69
C ILE A 3 5.17 -18.09 -15.33
N ARG A 4 3.95 -17.66 -14.99
CA ARG A 4 2.82 -18.54 -14.60
C ARG A 4 1.53 -17.78 -14.26
N VAL A 5 1.70 -16.89 -13.29
CA VAL A 5 0.65 -16.05 -12.71
C VAL A 5 1.03 -14.56 -12.83
N ALA A 6 2.33 -14.28 -12.64
CA ALA A 6 2.86 -12.91 -12.65
C ALA A 6 2.17 -12.05 -11.57
N ILE A 7 1.73 -12.73 -10.51
CA ILE A 7 0.91 -12.14 -9.44
C ILE A 7 1.59 -10.89 -8.89
N LEU A 8 2.89 -11.02 -8.64
CA LEU A 8 3.76 -9.96 -8.12
C LEU A 8 3.11 -9.15 -6.99
N TRP A 9 3.78 -8.09 -6.56
CA TRP A 9 3.23 -7.20 -5.51
C TRP A 9 2.81 -5.84 -6.06
N HIS A 10 3.67 -5.28 -6.90
CA HIS A 10 3.38 -4.08 -7.71
C HIS A 10 2.01 -4.14 -8.42
N GLU A 11 1.63 -5.36 -8.82
CA GLU A 11 0.34 -5.64 -9.51
C GLU A 11 -0.86 -5.31 -8.61
N MET A 12 -0.88 -5.94 -7.43
CA MET A 12 -1.89 -5.64 -6.41
C MET A 12 -1.68 -4.23 -5.83
N TRP A 13 -0.51 -3.64 -6.04
CA TRP A 13 -0.23 -2.25 -5.63
C TRP A 13 -1.06 -1.21 -6.38
N HIS A 14 -1.14 -1.37 -7.70
CA HIS A 14 -2.00 -0.51 -8.54
C HIS A 14 -3.46 -0.49 -8.07
N GLU A 15 -4.05 -1.68 -8.06
CA GLU A 15 -5.43 -1.89 -7.58
C GLU A 15 -5.59 -1.77 -6.07
N GLY A 16 -4.67 -2.35 -5.29
CA GLY A 16 -4.69 -2.25 -3.83
C GLY A 16 -4.51 -0.81 -3.33
N LEU A 17 -3.97 0.06 -4.19
CA LEU A 17 -3.92 1.50 -3.93
C LEU A 17 -5.10 2.24 -4.55
N GLU A 18 -5.64 1.73 -5.64
CA GLU A 18 -6.84 2.29 -6.29
C GLU A 18 -8.15 1.87 -5.60
N GLU A 19 -8.46 0.57 -5.54
CA GLU A 19 -9.62 -0.01 -4.83
C GLU A 19 -9.65 0.43 -3.35
N ALA A 20 -8.46 0.67 -2.79
CA ALA A 20 -8.30 1.23 -1.45
C ALA A 20 -8.54 2.73 -1.43
N SER A 21 -7.69 3.49 -2.12
CA SER A 21 -7.83 4.95 -2.22
C SER A 21 -9.22 5.37 -2.69
N ARG A 22 -9.91 4.54 -3.47
CA ARG A 22 -11.28 4.74 -3.97
C ARG A 22 -12.32 4.74 -2.85
N LEU A 23 -12.12 3.86 -1.85
CA LEU A 23 -12.95 3.83 -0.64
C LEU A 23 -12.84 5.12 0.20
N TYR A 24 -11.89 5.97 -0.16
CA TYR A 24 -11.69 7.31 0.42
C TYR A 24 -11.87 8.45 -0.58
N PHE A 25 -11.39 8.25 -1.81
CA PHE A 25 -11.39 9.16 -2.96
C PHE A 25 -12.76 9.82 -3.16
N GLY A 26 -13.79 8.96 -3.11
CA GLY A 26 -15.19 9.40 -3.23
C GLY A 26 -16.16 8.40 -2.58
N GLU A 27 -15.67 7.70 -1.56
CA GLU A 27 -16.50 6.74 -0.83
C GLU A 27 -16.63 7.05 0.67
N ARG A 28 -15.82 8.00 1.15
CA ARG A 28 -15.76 8.42 2.57
C ARG A 28 -15.82 7.25 3.58
N ASN A 29 -15.21 6.15 3.16
CA ASN A 29 -15.24 4.88 3.87
C ASN A 29 -13.81 4.32 3.93
N VAL A 30 -13.03 5.02 4.74
CA VAL A 30 -11.63 4.67 5.07
C VAL A 30 -11.57 3.27 5.73
N LYS A 31 -12.63 2.91 6.46
CA LYS A 31 -12.83 1.54 6.97
C LYS A 31 -12.82 0.49 5.83
N GLY A 32 -13.47 0.84 4.71
CA GLY A 32 -13.58 -0.03 3.52
C GLY A 32 -12.22 -0.32 2.87
N MET A 33 -11.48 0.75 2.59
CA MET A 33 -10.12 0.63 2.03
C MET A 33 -9.17 -0.15 2.94
N PHE A 34 -9.48 -0.06 4.24
CA PHE A 34 -8.74 -0.75 5.29
C PHE A 34 -8.85 -2.26 5.14
N GLU A 35 -9.85 -2.75 4.40
CA GLU A 35 -10.03 -4.20 4.10
C GLU A 35 -9.06 -4.68 3.00
N VAL A 36 -8.75 -3.80 2.04
CA VAL A 36 -7.82 -4.12 0.93
C VAL A 36 -6.38 -3.69 1.27
N LEU A 37 -6.26 -2.58 1.98
CA LEU A 37 -5.01 -2.11 2.61
C LEU A 37 -4.63 -2.92 3.87
N GLU A 38 -5.52 -3.72 4.45
CA GLU A 38 -5.16 -4.64 5.54
C GLU A 38 -4.22 -5.77 5.05
N PRO A 39 -4.67 -6.65 4.14
CA PRO A 39 -3.85 -7.79 3.71
C PRO A 39 -2.70 -7.32 2.83
N LEU A 40 -2.91 -6.29 2.00
CA LEU A 40 -1.81 -5.71 1.21
C LEU A 40 -0.73 -5.05 2.09
N HIS A 41 -1.10 -4.61 3.30
CA HIS A 41 -0.13 -4.10 4.29
C HIS A 41 0.71 -5.20 4.97
N ALA A 42 0.10 -6.36 5.20
CA ALA A 42 0.79 -7.53 5.79
C ALA A 42 1.55 -8.35 4.74
N MET A 43 0.93 -8.45 3.55
CA MET A 43 1.50 -9.06 2.34
C MET A 43 2.72 -8.30 1.81
N MET A 44 2.98 -7.11 2.32
CA MET A 44 4.21 -6.37 1.96
C MET A 44 5.31 -6.46 3.01
N GLU A 45 4.92 -6.78 4.24
CA GLU A 45 5.84 -6.95 5.38
C GLU A 45 6.36 -8.39 5.51
N ARG A 46 5.54 -9.37 5.10
CA ARG A 46 5.90 -10.82 5.12
C ARG A 46 7.30 -11.08 4.53
N GLY A 47 7.66 -10.26 3.54
CA GLY A 47 8.99 -10.30 2.92
C GLY A 47 8.90 -10.73 1.45
N PRO A 48 9.77 -10.19 0.60
CA PRO A 48 9.82 -10.62 -0.82
C PRO A 48 10.29 -12.07 -0.94
N GLN A 49 10.26 -12.55 -2.18
CA GLN A 49 10.66 -13.93 -2.49
C GLN A 49 11.86 -13.92 -3.46
N THR A 50 11.54 -13.94 -4.75
CA THR A 50 12.47 -13.95 -5.89
C THR A 50 13.42 -12.74 -5.83
N LEU A 51 12.99 -11.66 -6.49
CA LEU A 51 13.69 -10.35 -6.58
C LEU A 51 12.93 -9.40 -7.53
N LYS A 52 11.60 -9.47 -7.41
CA LYS A 52 10.68 -8.72 -8.28
C LYS A 52 9.73 -7.83 -7.46
N GLU A 53 9.24 -8.38 -6.36
CA GLU A 53 8.36 -7.72 -5.38
C GLU A 53 9.14 -6.88 -4.36
N THR A 54 10.04 -6.04 -4.87
CA THR A 54 11.01 -5.24 -4.08
C THR A 54 11.48 -4.02 -4.89
N SER A 55 10.49 -3.29 -5.42
CA SER A 55 10.74 -2.02 -6.15
C SER A 55 10.48 -0.82 -5.26
N PHE A 56 9.44 -0.96 -4.44
CA PHE A 56 9.04 0.05 -3.45
C PHE A 56 9.91 -0.04 -2.19
N ASN A 57 10.16 -1.25 -1.71
CA ASN A 57 11.01 -1.44 -0.51
C ASN A 57 12.48 -1.09 -0.76
N GLN A 58 12.81 -0.90 -2.03
CA GLN A 58 14.16 -0.52 -2.50
C GLN A 58 14.44 0.98 -2.31
N ALA A 59 13.56 1.82 -2.86
CA ALA A 59 13.66 3.29 -2.74
C ALA A 59 12.48 3.92 -1.98
N TYR A 60 11.28 3.48 -2.34
CA TYR A 60 9.98 3.85 -1.74
C TYR A 60 9.74 3.22 -0.35
N GLY A 61 10.82 3.25 0.45
CA GLY A 61 10.86 2.79 1.85
C GLY A 61 10.08 3.71 2.81
N ARG A 62 9.73 4.89 2.30
CA ARG A 62 8.91 5.88 3.02
C ARG A 62 7.41 5.80 2.72
N ASP A 63 7.08 5.12 1.62
CA ASP A 63 5.72 4.93 1.09
C ASP A 63 4.98 3.90 1.95
N LEU A 64 4.22 2.99 1.33
CA LEU A 64 3.63 1.79 1.97
C LEU A 64 4.26 1.33 3.30
N MET A 65 5.59 1.19 3.31
CA MET A 65 6.37 0.84 4.52
C MET A 65 5.95 1.66 5.76
N GLU A 66 5.93 2.97 5.61
CA GLU A 66 5.43 3.91 6.63
C GLU A 66 3.90 4.14 6.57
N ALA A 67 3.33 4.06 5.37
CA ALA A 67 1.86 4.11 5.17
C ALA A 67 1.08 3.01 5.91
N GLN A 68 1.80 1.95 6.29
CA GLN A 68 1.32 0.84 7.13
C GLN A 68 1.95 0.85 8.53
N GLU A 69 3.24 1.13 8.64
CA GLU A 69 3.97 1.07 9.93
C GLU A 69 3.22 1.76 11.08
N TRP A 70 2.49 2.80 10.71
CA TRP A 70 1.51 3.45 11.58
C TRP A 70 0.19 2.64 11.63
N CYS A 71 0.31 1.35 11.92
CA CYS A 71 -0.84 0.43 11.95
C CYS A 71 -1.52 0.50 13.30
N ARG A 72 -0.80 0.22 14.39
CA ARG A 72 -1.30 0.43 15.77
C ARG A 72 -1.85 1.86 16.01
N LYS A 73 -1.22 2.82 15.33
CA LYS A 73 -1.68 4.22 15.23
C LYS A 73 -2.97 4.34 14.40
N TYR A 74 -2.95 3.99 13.12
CA TYR A 74 -4.16 3.98 12.26
C TYR A 74 -5.30 3.04 12.72
N MET A 75 -4.99 2.13 13.64
CA MET A 75 -5.93 1.14 14.18
C MET A 75 -6.60 1.65 15.47
N LYS A 76 -5.79 1.94 16.49
CA LYS A 76 -6.30 2.40 17.79
C LYS A 76 -6.50 3.92 17.81
N SER A 77 -5.50 4.64 17.32
CA SER A 77 -5.55 6.11 17.22
C SER A 77 -6.52 6.51 16.09
N GLY A 78 -6.49 5.76 14.97
CA GLY A 78 -7.36 5.97 13.79
C GLY A 78 -7.37 7.42 13.29
N ASN A 79 -6.28 8.11 13.64
CA ASN A 79 -6.12 9.55 13.39
C ASN A 79 -5.81 9.73 11.92
N VAL A 80 -6.73 10.44 11.26
CA VAL A 80 -6.58 10.83 9.84
C VAL A 80 -5.25 11.59 9.64
N LYS A 81 -4.66 12.08 10.72
CA LYS A 81 -3.30 12.65 10.75
C LYS A 81 -2.21 11.70 10.18
N ASP A 82 -2.48 10.40 10.23
CA ASP A 82 -1.72 9.38 9.49
C ASP A 82 -2.15 9.20 8.03
N LEU A 83 -3.46 9.19 7.83
CA LEU A 83 -4.08 9.00 6.50
C LEU A 83 -3.83 10.14 5.53
N THR A 84 -3.88 11.38 6.02
CA THR A 84 -3.53 12.60 5.27
C THR A 84 -2.15 12.49 4.58
N GLN A 85 -1.26 11.75 5.24
CA GLN A 85 0.05 11.35 4.69
C GLN A 85 0.06 10.02 3.92
N ALA A 86 -0.71 9.04 4.38
CA ALA A 86 -0.92 7.77 3.65
C ALA A 86 -1.42 7.99 2.23
N TRP A 87 -2.21 9.05 2.03
CA TRP A 87 -2.69 9.49 0.70
C TRP A 87 -1.52 10.05 -0.12
N ASP A 88 -0.68 10.84 0.54
CA ASP A 88 0.55 11.38 -0.06
C ASP A 88 1.50 10.23 -0.44
N LEU A 89 1.53 9.16 0.33
CA LEU A 89 2.39 7.98 0.07
C LEU A 89 1.82 7.10 -1.03
N TYR A 90 0.55 6.70 -0.87
CA TYR A 90 -0.20 5.91 -1.86
C TYR A 90 -0.29 6.60 -3.23
N TYR A 91 -0.33 7.93 -3.22
CA TYR A 91 -0.39 8.81 -4.40
C TYR A 91 0.99 9.07 -5.03
N HIS A 92 1.94 9.54 -4.20
CA HIS A 92 3.35 9.72 -4.62
C HIS A 92 3.94 8.41 -5.13
N VAL A 93 3.48 7.29 -4.58
CA VAL A 93 3.85 5.95 -5.06
C VAL A 93 2.97 5.53 -6.25
N PHE A 94 1.68 5.86 -6.26
CA PHE A 94 0.74 5.59 -7.35
C PHE A 94 1.27 6.01 -8.73
N ARG A 95 2.12 7.03 -8.75
CA ARG A 95 2.85 7.50 -9.94
C ARG A 95 4.23 6.83 -10.15
N ARG A 96 4.95 6.58 -9.05
CA ARG A 96 6.28 5.94 -8.97
C ARG A 96 6.27 4.42 -9.23
N ILE A 97 5.49 3.68 -8.44
CA ILE A 97 5.22 2.25 -8.69
C ILE A 97 4.38 1.98 -9.94
N SER A 98 3.85 3.04 -10.56
CA SER A 98 3.06 2.94 -11.81
C SER A 98 3.91 3.26 -13.06
N LYS A 99 5.21 3.03 -12.91
CA LYS A 99 6.20 3.32 -13.97
C LYS A 99 7.48 2.49 -13.77
N GLN A 100 7.29 1.19 -13.54
CA GLN A 100 8.42 0.24 -13.40
C GLN A 100 9.47 0.42 -14.53
#